data_9KJB
# 
_entry.id   9KJB 
# 
_audit_conform.dict_name       mmcif_pdbx.dic 
_audit_conform.dict_version    5.403 
_audit_conform.dict_location   http://mmcif.pdb.org/dictionaries/ascii/mmcif_pdbx.dic 
# 
loop_
_database_2.database_id 
_database_2.database_code 
_database_2.pdbx_database_accession 
_database_2.pdbx_DOI 
PDB   9KJB         pdb_00009kjb 10.2210/pdb9kjb/pdb 
WWPDB D_1300053583 ?            ?                   
# 
_pdbx_audit_revision_history.ordinal             1 
_pdbx_audit_revision_history.data_content_type   'Structure model' 
_pdbx_audit_revision_history.major_revision      1 
_pdbx_audit_revision_history.minor_revision      0 
_pdbx_audit_revision_history.revision_date       2025-04-16 
_pdbx_audit_revision_history.part_number         ? 
# 
_pdbx_audit_revision_details.ordinal             1 
_pdbx_audit_revision_details.revision_ordinal    1 
_pdbx_audit_revision_details.data_content_type   'Structure model' 
_pdbx_audit_revision_details.provider            repository 
_pdbx_audit_revision_details.type                'Initial release' 
_pdbx_audit_revision_details.description         ? 
_pdbx_audit_revision_details.details             ? 
# 
_pdbx_database_status.status_code                     REL 
_pdbx_database_status.status_code_sf                  REL 
_pdbx_database_status.status_code_mr                  ? 
_pdbx_database_status.entry_id                        9KJB 
_pdbx_database_status.recvd_initial_deposition_date   2024-11-12 
_pdbx_database_status.SG_entry                        N 
_pdbx_database_status.deposit_site                    PDBJ 
_pdbx_database_status.process_site                    PDBJ 
_pdbx_database_status.status_code_cs                  ? 
_pdbx_database_status.status_code_nmr_data            ? 
_pdbx_database_status.methods_development_category    ? 
_pdbx_database_status.pdb_format_compatible           Y 
# 
_pdbx_contact_author.id                 2 
_pdbx_contact_author.email              xrayleox@cau.ac.kr 
_pdbx_contact_author.name_first         'Hyun ho' 
_pdbx_contact_author.name_last          Park 
_pdbx_contact_author.name_mi            ? 
_pdbx_contact_author.role               'principal investigator/group leader' 
_pdbx_contact_author.identifier_ORCID   0000-0001-9928-0847 
# 
loop_
_audit_author.name 
_audit_author.pdbx_ordinal 
_audit_author.identifier_ORCID 
'Kim, D.Y.'  1 ? 
'Park, H.H.' 2 ? 
# 
_citation.abstract                  ? 
_citation.abstract_id_CAS           ? 
_citation.book_id_ISBN              ? 
_citation.book_publisher            ? 
_citation.book_publisher_city       ? 
_citation.book_title                ? 
_citation.coordinate_linkage        ? 
_citation.country                   US 
_citation.database_id_Medline       ? 
_citation.details                   ? 
_citation.id                        primary 
_citation.journal_abbrev            Proc.Natl.Acad.Sci.USA 
_citation.journal_id_ASTM           PNASA6 
_citation.journal_id_CSD            0040 
_citation.journal_id_ISSN           1091-6490 
_citation.journal_full              ? 
_citation.journal_issue             ? 
_citation.journal_volume            122 
_citation.language                  ? 
_citation.page_first                e2423205122 
_citation.page_last                 e2423205122 
_citation.title                     'AcrIE7 inhibits the CRISPR-Cas system by directly binding to the R-loop single-stranded DNA.' 
_citation.year                      2025 
_citation.database_id_CSD           ? 
_citation.pdbx_database_id_DOI      10.1073/pnas.2423205122 
_citation.pdbx_database_id_PubMed   40178896 
_citation.pdbx_database_id_patent   ? 
_citation.unpublished_flag          ? 
# 
loop_
_citation_author.citation_id 
_citation_author.name 
_citation_author.ordinal 
_citation_author.identifier_ORCID 
primary 'Kim, D.Y.'  1 0009-0006-0682-0044 
primary 'Lee, S.Y.'  2 0000-0003-0444-2079 
primary 'Ha, H.J.'   3 ?                   
primary 'Park, H.H.' 4 0000-0001-9928-0847 
# 
loop_
_entity.id 
_entity.type 
_entity.src_method 
_entity.pdbx_description 
_entity.formula_weight 
_entity.pdbx_number_of_molecules 
_entity.pdbx_ec 
_entity.pdbx_mutation 
_entity.pdbx_fragment 
_entity.details 
1 polymer man AcrIE7 13028.707 1   ? ? ? ? 
2 water   nat water  18.015    100 ? ? ? ? 
# 
_entity_poly.entity_id                      1 
_entity_poly.type                           'polypeptide(L)' 
_entity_poly.nstd_linkage                   no 
_entity_poly.nstd_monomer                   no 
_entity_poly.pdbx_seq_one_letter_code       
;MIGSEKQVNWAKSIIEKEVEAWEAIGVDVREVAAFLRSISDARVIIDNRNLIHFQSSGISYSLESSPLNSPIFLRRFSAC
SVGFEEIPTALQRIRSVYTAKLLEDELEHHHHHH
;
_entity_poly.pdbx_seq_one_letter_code_can   
;MIGSEKQVNWAKSIIEKEVEAWEAIGVDVREVAAFLRSISDARVIIDNRNLIHFQSSGISYSLESSPLNSPIFLRRFSAC
SVGFEEIPTALQRIRSVYTAKLLEDELEHHHHHH
;
_entity_poly.pdbx_strand_id                 A 
_entity_poly.pdbx_target_identifier         ? 
# 
_pdbx_entity_nonpoly.entity_id   2 
_pdbx_entity_nonpoly.name        water 
_pdbx_entity_nonpoly.comp_id     HOH 
# 
loop_
_entity_poly_seq.entity_id 
_entity_poly_seq.num 
_entity_poly_seq.mon_id 
_entity_poly_seq.hetero 
1 1   MET n 
1 2   ILE n 
1 3   GLY n 
1 4   SER n 
1 5   GLU n 
1 6   LYS n 
1 7   GLN n 
1 8   VAL n 
1 9   ASN n 
1 10  TRP n 
1 11  ALA n 
1 12  LYS n 
1 13  SER n 
1 14  ILE n 
1 15  ILE n 
1 16  GLU n 
1 17  LYS n 
1 18  GLU n 
1 19  VAL n 
1 20  GLU n 
1 21  ALA n 
1 22  TRP n 
1 23  GLU n 
1 24  ALA n 
1 25  ILE n 
1 26  GLY n 
1 27  VAL n 
1 28  ASP n 
1 29  VAL n 
1 30  ARG n 
1 31  GLU n 
1 32  VAL n 
1 33  ALA n 
1 34  ALA n 
1 35  PHE n 
1 36  LEU n 
1 37  ARG n 
1 38  SER n 
1 39  ILE n 
1 40  SER n 
1 41  ASP n 
1 42  ALA n 
1 43  ARG n 
1 44  VAL n 
1 45  ILE n 
1 46  ILE n 
1 47  ASP n 
1 48  ASN n 
1 49  ARG n 
1 50  ASN n 
1 51  LEU n 
1 52  ILE n 
1 53  HIS n 
1 54  PHE n 
1 55  GLN n 
1 56  SER n 
1 57  SER n 
1 58  GLY n 
1 59  ILE n 
1 60  SER n 
1 61  TYR n 
1 62  SER n 
1 63  LEU n 
1 64  GLU n 
1 65  SER n 
1 66  SER n 
1 67  PRO n 
1 68  LEU n 
1 69  ASN n 
1 70  SER n 
1 71  PRO n 
1 72  ILE n 
1 73  PHE n 
1 74  LEU n 
1 75  ARG n 
1 76  ARG n 
1 77  PHE n 
1 78  SER n 
1 79  ALA n 
1 80  CYS n 
1 81  SER n 
1 82  VAL n 
1 83  GLY n 
1 84  PHE n 
1 85  GLU n 
1 86  GLU n 
1 87  ILE n 
1 88  PRO n 
1 89  THR n 
1 90  ALA n 
1 91  LEU n 
1 92  GLN n 
1 93  ARG n 
1 94  ILE n 
1 95  ARG n 
1 96  SER n 
1 97  VAL n 
1 98  TYR n 
1 99  THR n 
1 100 ALA n 
1 101 LYS n 
1 102 LEU n 
1 103 LEU n 
1 104 GLU n 
1 105 ASP n 
1 106 GLU n 
1 107 LEU n 
1 108 GLU n 
1 109 HIS n 
1 110 HIS n 
1 111 HIS n 
1 112 HIS n 
1 113 HIS n 
1 114 HIS n 
# 
_entity_src_gen.entity_id                          1 
_entity_src_gen.pdbx_src_id                        1 
_entity_src_gen.pdbx_alt_source_flag               sample 
_entity_src_gen.pdbx_seq_type                      'Biological sequence' 
_entity_src_gen.pdbx_beg_seq_num                   1 
_entity_src_gen.pdbx_end_seq_num                   114 
_entity_src_gen.gene_src_common_name               ? 
_entity_src_gen.gene_src_genus                     ? 
_entity_src_gen.pdbx_gene_src_gene                 ? 
_entity_src_gen.gene_src_species                   ? 
_entity_src_gen.gene_src_strain                    ? 
_entity_src_gen.gene_src_tissue                    ? 
_entity_src_gen.gene_src_tissue_fraction           ? 
_entity_src_gen.gene_src_details                   ? 
_entity_src_gen.pdbx_gene_src_fragment             ? 
_entity_src_gen.pdbx_gene_src_scientific_name      'Pseudomonas aeruginosa' 
_entity_src_gen.pdbx_gene_src_ncbi_taxonomy_id     287 
_entity_src_gen.pdbx_gene_src_variant              ? 
_entity_src_gen.pdbx_gene_src_cell_line            ? 
_entity_src_gen.pdbx_gene_src_atcc                 ? 
_entity_src_gen.pdbx_gene_src_organ                ? 
_entity_src_gen.pdbx_gene_src_organelle            ? 
_entity_src_gen.pdbx_gene_src_cell                 ? 
_entity_src_gen.pdbx_gene_src_cellular_location    ? 
_entity_src_gen.host_org_common_name               ? 
_entity_src_gen.pdbx_host_org_scientific_name      'Escherichia coli BL21(DE3)' 
_entity_src_gen.pdbx_host_org_ncbi_taxonomy_id     469008 
_entity_src_gen.host_org_genus                     ? 
_entity_src_gen.pdbx_host_org_gene                 ? 
_entity_src_gen.pdbx_host_org_organ                ? 
_entity_src_gen.host_org_species                   ? 
_entity_src_gen.pdbx_host_org_tissue               ? 
_entity_src_gen.pdbx_host_org_tissue_fraction      ? 
_entity_src_gen.pdbx_host_org_strain               ? 
_entity_src_gen.pdbx_host_org_variant              ? 
_entity_src_gen.pdbx_host_org_cell_line            ? 
_entity_src_gen.pdbx_host_org_atcc                 ? 
_entity_src_gen.pdbx_host_org_culture_collection   ? 
_entity_src_gen.pdbx_host_org_cell                 ? 
_entity_src_gen.pdbx_host_org_organelle            ? 
_entity_src_gen.pdbx_host_org_cellular_location    ? 
_entity_src_gen.pdbx_host_org_vector_type          ? 
_entity_src_gen.pdbx_host_org_vector               ? 
_entity_src_gen.host_org_details                   ? 
_entity_src_gen.expression_system_id               ? 
_entity_src_gen.plasmid_name                       ? 
_entity_src_gen.plasmid_details                    ? 
_entity_src_gen.pdbx_description                   ? 
# 
loop_
_chem_comp.id 
_chem_comp.type 
_chem_comp.mon_nstd_flag 
_chem_comp.name 
_chem_comp.pdbx_synonyms 
_chem_comp.formula 
_chem_comp.formula_weight 
ALA 'L-peptide linking' y ALANINE         ? 'C3 H7 N O2'     89.093  
ARG 'L-peptide linking' y ARGININE        ? 'C6 H15 N4 O2 1' 175.209 
ASN 'L-peptide linking' y ASPARAGINE      ? 'C4 H8 N2 O3'    132.118 
ASP 'L-peptide linking' y 'ASPARTIC ACID' ? 'C4 H7 N O4'     133.103 
CYS 'L-peptide linking' y CYSTEINE        ? 'C3 H7 N O2 S'   121.158 
GLN 'L-peptide linking' y GLUTAMINE       ? 'C5 H10 N2 O3'   146.144 
GLU 'L-peptide linking' y 'GLUTAMIC ACID' ? 'C5 H9 N O4'     147.129 
GLY 'peptide linking'   y GLYCINE         ? 'C2 H5 N O2'     75.067  
HIS 'L-peptide linking' y HISTIDINE       ? 'C6 H10 N3 O2 1' 156.162 
HOH non-polymer         . WATER           ? 'H2 O'           18.015  
ILE 'L-peptide linking' y ISOLEUCINE      ? 'C6 H13 N O2'    131.173 
LEU 'L-peptide linking' y LEUCINE         ? 'C6 H13 N O2'    131.173 
LYS 'L-peptide linking' y LYSINE          ? 'C6 H15 N2 O2 1' 147.195 
MET 'L-peptide linking' y METHIONINE      ? 'C5 H11 N O2 S'  149.211 
PHE 'L-peptide linking' y PHENYLALANINE   ? 'C9 H11 N O2'    165.189 
PRO 'L-peptide linking' y PROLINE         ? 'C5 H9 N O2'     115.130 
SER 'L-peptide linking' y SERINE          ? 'C3 H7 N O3'     105.093 
THR 'L-peptide linking' y THREONINE       ? 'C4 H9 N O3'     119.119 
TRP 'L-peptide linking' y TRYPTOPHAN      ? 'C11 H12 N2 O2'  204.225 
TYR 'L-peptide linking' y TYROSINE        ? 'C9 H11 N O3'    181.189 
VAL 'L-peptide linking' y VALINE          ? 'C5 H11 N O2'    117.146 
# 
loop_
_pdbx_poly_seq_scheme.asym_id 
_pdbx_poly_seq_scheme.entity_id 
_pdbx_poly_seq_scheme.seq_id 
_pdbx_poly_seq_scheme.mon_id 
_pdbx_poly_seq_scheme.ndb_seq_num 
_pdbx_poly_seq_scheme.pdb_seq_num 
_pdbx_poly_seq_scheme.auth_seq_num 
_pdbx_poly_seq_scheme.pdb_mon_id 
_pdbx_poly_seq_scheme.auth_mon_id 
_pdbx_poly_seq_scheme.pdb_strand_id 
_pdbx_poly_seq_scheme.pdb_ins_code 
_pdbx_poly_seq_scheme.hetero 
A 1 1   MET 1   1   1   MET MET A . n 
A 1 2   ILE 2   2   2   ILE ILE A . n 
A 1 3   GLY 3   3   3   GLY GLY A . n 
A 1 4   SER 4   4   4   SER SER A . n 
A 1 5   GLU 5   5   5   GLU GLU A . n 
A 1 6   LYS 6   6   6   LYS LYS A . n 
A 1 7   GLN 7   7   7   GLN GLN A . n 
A 1 8   VAL 8   8   8   VAL VAL A . n 
A 1 9   ASN 9   9   9   ASN ASN A . n 
A 1 10  TRP 10  10  10  TRP TRP A . n 
A 1 11  ALA 11  11  11  ALA ALA A . n 
A 1 12  LYS 12  12  12  LYS LYS A . n 
A 1 13  SER 13  13  13  SER SER A . n 
A 1 14  ILE 14  14  14  ILE ILE A . n 
A 1 15  ILE 15  15  15  ILE ILE A . n 
A 1 16  GLU 16  16  16  GLU GLU A . n 
A 1 17  LYS 17  17  17  LYS LYS A . n 
A 1 18  GLU 18  18  18  GLU GLU A . n 
A 1 19  VAL 19  19  19  VAL VAL A . n 
A 1 20  GLU 20  20  20  GLU GLU A . n 
A 1 21  ALA 21  21  21  ALA ALA A . n 
A 1 22  TRP 22  22  22  TRP TRP A . n 
A 1 23  GLU 23  23  23  GLU GLU A . n 
A 1 24  ALA 24  24  24  ALA ALA A . n 
A 1 25  ILE 25  25  25  ILE ILE A . n 
A 1 26  GLY 26  26  26  GLY GLY A . n 
A 1 27  VAL 27  27  27  VAL VAL A . n 
A 1 28  ASP 28  28  28  ASP ASP A . n 
A 1 29  VAL 29  29  29  VAL VAL A . n 
A 1 30  ARG 30  30  30  ARG ARG A . n 
A 1 31  GLU 31  31  31  GLU GLU A . n 
A 1 32  VAL 32  32  32  VAL VAL A . n 
A 1 33  ALA 33  33  33  ALA ALA A . n 
A 1 34  ALA 34  34  34  ALA ALA A . n 
A 1 35  PHE 35  35  35  PHE PHE A . n 
A 1 36  LEU 36  36  36  LEU LEU A . n 
A 1 37  ARG 37  37  37  ARG ARG A . n 
A 1 38  SER 38  38  38  SER SER A . n 
A 1 39  ILE 39  39  39  ILE ILE A . n 
A 1 40  SER 40  40  40  SER SER A . n 
A 1 41  ASP 41  41  41  ASP ASP A . n 
A 1 42  ALA 42  42  42  ALA ALA A . n 
A 1 43  ARG 43  43  43  ARG ARG A . n 
A 1 44  VAL 44  44  44  VAL VAL A . n 
A 1 45  ILE 45  45  45  ILE ILE A . n 
A 1 46  ILE 46  46  46  ILE ILE A . n 
A 1 47  ASP 47  47  47  ASP ASP A . n 
A 1 48  ASN 48  48  48  ASN ASN A . n 
A 1 49  ARG 49  49  49  ARG ARG A . n 
A 1 50  ASN 50  50  50  ASN ASN A . n 
A 1 51  LEU 51  51  51  LEU LEU A . n 
A 1 52  ILE 52  52  52  ILE ILE A . n 
A 1 53  HIS 53  53  53  HIS HIS A . n 
A 1 54  PHE 54  54  54  PHE PHE A . n 
A 1 55  GLN 55  55  55  GLN GLN A . n 
A 1 56  SER 56  56  56  SER SER A . n 
A 1 57  SER 57  57  57  SER SER A . n 
A 1 58  GLY 58  58  58  GLY GLY A . n 
A 1 59  ILE 59  59  59  ILE ILE A . n 
A 1 60  SER 60  60  60  SER SER A . n 
A 1 61  TYR 61  61  61  TYR TYR A . n 
A 1 62  SER 62  62  62  SER SER A . n 
A 1 63  LEU 63  63  63  LEU LEU A . n 
A 1 64  GLU 64  64  64  GLU GLU A . n 
A 1 65  SER 65  65  65  SER SER A . n 
A 1 66  SER 66  66  66  SER SER A . n 
A 1 67  PRO 67  67  67  PRO PRO A . n 
A 1 68  LEU 68  68  68  LEU LEU A . n 
A 1 69  ASN 69  69  69  ASN ASN A . n 
A 1 70  SER 70  70  70  SER SER A . n 
A 1 71  PRO 71  71  71  PRO PRO A . n 
A 1 72  ILE 72  72  72  ILE ILE A . n 
A 1 73  PHE 73  73  73  PHE PHE A . n 
A 1 74  LEU 74  74  74  LEU LEU A . n 
A 1 75  ARG 75  75  75  ARG ARG A . n 
A 1 76  ARG 76  76  76  ARG ARG A . n 
A 1 77  PHE 77  77  77  PHE PHE A . n 
A 1 78  SER 78  78  78  SER SER A . n 
A 1 79  ALA 79  79  79  ALA ALA A . n 
A 1 80  CYS 80  80  80  CYS CYS A . n 
A 1 81  SER 81  81  81  SER SER A . n 
A 1 82  VAL 82  82  82  VAL VAL A . n 
A 1 83  GLY 83  83  83  GLY GLY A . n 
A 1 84  PHE 84  84  84  PHE PHE A . n 
A 1 85  GLU 85  85  85  GLU GLU A . n 
A 1 86  GLU 86  86  86  GLU GLU A . n 
A 1 87  ILE 87  87  87  ILE ILE A . n 
A 1 88  PRO 88  88  88  PRO PRO A . n 
A 1 89  THR 89  89  89  THR THR A . n 
A 1 90  ALA 90  90  90  ALA ALA A . n 
A 1 91  LEU 91  91  91  LEU LEU A . n 
A 1 92  GLN 92  92  92  GLN GLN A . n 
A 1 93  ARG 93  93  93  ARG ARG A . n 
A 1 94  ILE 94  94  94  ILE ILE A . n 
A 1 95  ARG 95  95  95  ARG ARG A . n 
A 1 96  SER 96  96  96  SER SER A . n 
A 1 97  VAL 97  97  97  VAL VAL A . n 
A 1 98  TYR 98  98  98  TYR TYR A . n 
A 1 99  THR 99  99  99  THR THR A . n 
A 1 100 ALA 100 100 100 ALA ALA A . n 
A 1 101 LYS 101 101 101 LYS LYS A . n 
A 1 102 LEU 102 102 102 LEU LEU A . n 
A 1 103 LEU 103 103 103 LEU LEU A . n 
A 1 104 GLU 104 104 104 GLU GLU A . n 
A 1 105 ASP 105 105 105 ASP ASP A . n 
A 1 106 GLU 106 106 ?   ?   ?   A . n 
A 1 107 LEU 107 107 ?   ?   ?   A . n 
A 1 108 GLU 108 108 ?   ?   ?   A . n 
A 1 109 HIS 109 109 ?   ?   ?   A . n 
A 1 110 HIS 110 110 ?   ?   ?   A . n 
A 1 111 HIS 111 111 ?   ?   ?   A . n 
A 1 112 HIS 112 112 ?   ?   ?   A . n 
A 1 113 HIS 113 113 ?   ?   ?   A . n 
A 1 114 HIS 114 114 ?   ?   ?   A . n 
# 
loop_
_pdbx_nonpoly_scheme.asym_id 
_pdbx_nonpoly_scheme.entity_id 
_pdbx_nonpoly_scheme.mon_id 
_pdbx_nonpoly_scheme.ndb_seq_num 
_pdbx_nonpoly_scheme.pdb_seq_num 
_pdbx_nonpoly_scheme.auth_seq_num 
_pdbx_nonpoly_scheme.pdb_mon_id 
_pdbx_nonpoly_scheme.auth_mon_id 
_pdbx_nonpoly_scheme.pdb_strand_id 
_pdbx_nonpoly_scheme.pdb_ins_code 
B 2 HOH 1   201 35  HOH HOH A . 
B 2 HOH 2   202 32  HOH HOH A . 
B 2 HOH 3   203 6   HOH HOH A . 
B 2 HOH 4   204 18  HOH HOH A . 
B 2 HOH 5   205 83  HOH HOH A . 
B 2 HOH 6   206 26  HOH HOH A . 
B 2 HOH 7   207 74  HOH HOH A . 
B 2 HOH 8   208 11  HOH HOH A . 
B 2 HOH 9   209 19  HOH HOH A . 
B 2 HOH 10  210 49  HOH HOH A . 
B 2 HOH 11  211 2   HOH HOH A . 
B 2 HOH 12  212 46  HOH HOH A . 
B 2 HOH 13  213 33  HOH HOH A . 
B 2 HOH 14  214 9   HOH HOH A . 
B 2 HOH 15  215 8   HOH HOH A . 
B 2 HOH 16  216 23  HOH HOH A . 
B 2 HOH 17  217 63  HOH HOH A . 
B 2 HOH 18  218 24  HOH HOH A . 
B 2 HOH 19  219 20  HOH HOH A . 
B 2 HOH 20  220 50  HOH HOH A . 
B 2 HOH 21  221 101 HOH HOH A . 
B 2 HOH 22  222 48  HOH HOH A . 
B 2 HOH 23  223 29  HOH HOH A . 
B 2 HOH 24  224 68  HOH HOH A . 
B 2 HOH 25  225 13  HOH HOH A . 
B 2 HOH 26  226 34  HOH HOH A . 
B 2 HOH 27  227 85  HOH HOH A . 
B 2 HOH 28  228 17  HOH HOH A . 
B 2 HOH 29  229 52  HOH HOH A . 
B 2 HOH 30  230 56  HOH HOH A . 
B 2 HOH 31  231 15  HOH HOH A . 
B 2 HOH 32  232 65  HOH HOH A . 
B 2 HOH 33  233 7   HOH HOH A . 
B 2 HOH 34  234 80  HOH HOH A . 
B 2 HOH 35  235 30  HOH HOH A . 
B 2 HOH 36  236 55  HOH HOH A . 
B 2 HOH 37  237 21  HOH HOH A . 
B 2 HOH 38  238 22  HOH HOH A . 
B 2 HOH 39  239 99  HOH HOH A . 
B 2 HOH 40  240 47  HOH HOH A . 
B 2 HOH 41  241 12  HOH HOH A . 
B 2 HOH 42  242 28  HOH HOH A . 
B 2 HOH 43  243 70  HOH HOH A . 
B 2 HOH 44  244 43  HOH HOH A . 
B 2 HOH 45  245 1   HOH HOH A . 
B 2 HOH 46  246 5   HOH HOH A . 
B 2 HOH 47  247 88  HOH HOH A . 
B 2 HOH 48  248 10  HOH HOH A . 
B 2 HOH 49  249 82  HOH HOH A . 
B 2 HOH 50  250 78  HOH HOH A . 
B 2 HOH 51  251 38  HOH HOH A . 
B 2 HOH 52  252 54  HOH HOH A . 
B 2 HOH 53  253 44  HOH HOH A . 
B 2 HOH 54  254 42  HOH HOH A . 
B 2 HOH 55  255 86  HOH HOH A . 
B 2 HOH 56  256 14  HOH HOH A . 
B 2 HOH 57  257 71  HOH HOH A . 
B 2 HOH 58  258 25  HOH HOH A . 
B 2 HOH 59  259 57  HOH HOH A . 
B 2 HOH 60  260 41  HOH HOH A . 
B 2 HOH 61  261 59  HOH HOH A . 
B 2 HOH 62  262 69  HOH HOH A . 
B 2 HOH 63  263 64  HOH HOH A . 
B 2 HOH 64  264 75  HOH HOH A . 
B 2 HOH 65  265 3   HOH HOH A . 
B 2 HOH 66  266 61  HOH HOH A . 
B 2 HOH 67  267 31  HOH HOH A . 
B 2 HOH 68  268 4   HOH HOH A . 
B 2 HOH 69  269 62  HOH HOH A . 
B 2 HOH 70  270 16  HOH HOH A . 
B 2 HOH 71  271 95  HOH HOH A . 
B 2 HOH 72  272 58  HOH HOH A . 
B 2 HOH 73  273 40  HOH HOH A . 
B 2 HOH 74  274 87  HOH HOH A . 
B 2 HOH 75  275 90  HOH HOH A . 
B 2 HOH 76  276 27  HOH HOH A . 
B 2 HOH 77  277 91  HOH HOH A . 
B 2 HOH 78  278 72  HOH HOH A . 
B 2 HOH 79  279 76  HOH HOH A . 
B 2 HOH 80  280 39  HOH HOH A . 
B 2 HOH 81  281 66  HOH HOH A . 
B 2 HOH 82  282 53  HOH HOH A . 
B 2 HOH 83  283 102 HOH HOH A . 
B 2 HOH 84  284 60  HOH HOH A . 
B 2 HOH 85  285 100 HOH HOH A . 
B 2 HOH 86  286 96  HOH HOH A . 
B 2 HOH 87  287 79  HOH HOH A . 
B 2 HOH 88  288 84  HOH HOH A . 
B 2 HOH 89  289 36  HOH HOH A . 
B 2 HOH 90  290 97  HOH HOH A . 
B 2 HOH 91  291 77  HOH HOH A . 
B 2 HOH 92  292 45  HOH HOH A . 
B 2 HOH 93  293 73  HOH HOH A . 
B 2 HOH 94  294 92  HOH HOH A . 
B 2 HOH 95  295 37  HOH HOH A . 
B 2 HOH 96  296 94  HOH HOH A . 
B 2 HOH 97  297 81  HOH HOH A . 
B 2 HOH 98  298 98  HOH HOH A . 
B 2 HOH 99  299 51  HOH HOH A . 
B 2 HOH 100 300 89  HOH HOH A . 
# 
loop_
_software.citation_id 
_software.classification 
_software.compiler_name 
_software.compiler_version 
_software.contact_author 
_software.contact_author_email 
_software.date 
_software.description 
_software.dependencies 
_software.hardware 
_software.language 
_software.location 
_software.mods 
_software.name 
_software.os 
_software.os_version 
_software.type 
_software.version 
_software.pdbx_ordinal 
? refinement       ? ? ? ? ? ? ? ? ? ? ? PHENIX ? ? ? 1.20.1_4487 1 
? 'data reduction' ? ? ? ? ? ? ? ? ? ? ? XDS    ? ? ? .           2 
? 'data scaling'   ? ? ? ? ? ? ? ? ? ? ? XDS    ? ? ? .           3 
? phasing          ? ? ? ? ? ? ? ? ? ? ? PHENIX ? ? ? .           4 
# 
_cell.angle_alpha                  90.000 
_cell.angle_alpha_esd              ? 
_cell.angle_beta                   90.000 
_cell.angle_beta_esd               ? 
_cell.angle_gamma                  120.000 
_cell.angle_gamma_esd              ? 
_cell.entry_id                     9KJB 
_cell.details                      ? 
_cell.formula_units_Z              ? 
_cell.length_a                     59.450 
_cell.length_a_esd                 ? 
_cell.length_b                     59.450 
_cell.length_b_esd                 ? 
_cell.length_c                     63.880 
_cell.length_c_esd                 ? 
_cell.volume                       195523.632 
_cell.volume_esd                   ? 
_cell.Z_PDB                        6 
_cell.reciprocal_angle_alpha       ? 
_cell.reciprocal_angle_beta        ? 
_cell.reciprocal_angle_gamma       ? 
_cell.reciprocal_angle_alpha_esd   ? 
_cell.reciprocal_angle_beta_esd    ? 
_cell.reciprocal_angle_gamma_esd   ? 
_cell.reciprocal_length_a          ? 
_cell.reciprocal_length_b          ? 
_cell.reciprocal_length_c          ? 
_cell.reciprocal_length_a_esd      ? 
_cell.reciprocal_length_b_esd      ? 
_cell.reciprocal_length_c_esd      ? 
_cell.pdbx_unique_axis             ? 
_cell.pdbx_esd_method              ? 
# 
_symmetry.entry_id                         9KJB 
_symmetry.cell_setting                     ? 
_symmetry.Int_Tables_number                173 
_symmetry.space_group_name_Hall            'P 6c' 
_symmetry.space_group_name_H-M             'P 63' 
_symmetry.pdbx_full_space_group_name_H-M   ? 
# 
_exptl.absorpt_coefficient_mu     ? 
_exptl.absorpt_correction_T_max   ? 
_exptl.absorpt_correction_T_min   ? 
_exptl.absorpt_correction_type    ? 
_exptl.absorpt_process_details    ? 
_exptl.entry_id                   9KJB 
_exptl.crystals_number            1 
_exptl.details                    ? 
_exptl.method                     'X-RAY DIFFRACTION' 
_exptl.method_details             ? 
# 
_exptl_crystal.colour                       ? 
_exptl_crystal.density_diffrn               ? 
_exptl_crystal.density_Matthews             2.50 
_exptl_crystal.density_method               ? 
_exptl_crystal.density_percent_sol          50.82 
_exptl_crystal.description                  ? 
_exptl_crystal.F_000                        ? 
_exptl_crystal.id                           1 
_exptl_crystal.preparation                  ? 
_exptl_crystal.size_max                     ? 
_exptl_crystal.size_mid                     ? 
_exptl_crystal.size_min                     ? 
_exptl_crystal.size_rad                     ? 
_exptl_crystal.colour_lustre                ? 
_exptl_crystal.colour_modifier              ? 
_exptl_crystal.colour_primary               ? 
_exptl_crystal.density_meas                 ? 
_exptl_crystal.density_meas_esd             ? 
_exptl_crystal.density_meas_gt              ? 
_exptl_crystal.density_meas_lt              ? 
_exptl_crystal.density_meas_temp            ? 
_exptl_crystal.density_meas_temp_esd        ? 
_exptl_crystal.density_meas_temp_gt         ? 
_exptl_crystal.density_meas_temp_lt         ? 
_exptl_crystal.pdbx_crystal_image_url       ? 
_exptl_crystal.pdbx_crystal_image_format    ? 
_exptl_crystal.pdbx_mosaicity               ? 
_exptl_crystal.pdbx_mosaicity_esd           ? 
_exptl_crystal.pdbx_mosaic_method           ? 
_exptl_crystal.pdbx_mosaic_block_size       ? 
_exptl_crystal.pdbx_mosaic_block_size_esd   ? 
# 
_exptl_crystal_grow.apparatus       ? 
_exptl_crystal_grow.atmosphere      ? 
_exptl_crystal_grow.crystal_id      1 
_exptl_crystal_grow.details         ? 
_exptl_crystal_grow.method          'VAPOR DIFFUSION, HANGING DROP' 
_exptl_crystal_grow.method_ref      ? 
_exptl_crystal_grow.pH              ? 
_exptl_crystal_grow.pressure        ? 
_exptl_crystal_grow.pressure_esd    ? 
_exptl_crystal_grow.seeding         ? 
_exptl_crystal_grow.seeding_ref     ? 
_exptl_crystal_grow.temp_details    ? 
_exptl_crystal_grow.temp_esd        ? 
_exptl_crystal_grow.time            ? 
_exptl_crystal_grow.pdbx_details    
'22% (w/v) Poly (acrylic acid sodium salt) 2100, 0.1 M HEPES pH 6.3, 0.1 M Sodium malonate dibasic monohydrate, 30% methanol' 
_exptl_crystal_grow.pdbx_pH_range   ? 
_exptl_crystal_grow.temp            293.15 
# 
_diffrn.ambient_environment              ? 
_diffrn.ambient_temp                     125 
_diffrn.ambient_temp_details             ? 
_diffrn.ambient_temp_esd                 ? 
_diffrn.crystal_id                       1 
_diffrn.crystal_support                  ? 
_diffrn.crystal_treatment                ? 
_diffrn.details                          ? 
_diffrn.id                               1 
_diffrn.ambient_pressure                 ? 
_diffrn.ambient_pressure_esd             ? 
_diffrn.ambient_pressure_gt              ? 
_diffrn.ambient_pressure_lt              ? 
_diffrn.ambient_temp_gt                  ? 
_diffrn.ambient_temp_lt                  ? 
_diffrn.pdbx_serial_crystal_experiment   N 
# 
_diffrn_detector.details                      ? 
_diffrn_detector.detector                     PIXEL 
_diffrn_detector.diffrn_id                    1 
_diffrn_detector.type                         'DECTRIS EIGER X 9M' 
_diffrn_detector.area_resol_mean              ? 
_diffrn_detector.dtime                        ? 
_diffrn_detector.pdbx_frames_total            ? 
_diffrn_detector.pdbx_collection_time_total   ? 
_diffrn_detector.pdbx_collection_date         2024-03-22 
_diffrn_detector.pdbx_frequency               ? 
_diffrn_detector.id                           ? 
_diffrn_detector.number_of_axes               ? 
# 
_diffrn_radiation.collimation                      ? 
_diffrn_radiation.diffrn_id                        1 
_diffrn_radiation.filter_edge                      ? 
_diffrn_radiation.inhomogeneity                    ? 
_diffrn_radiation.monochromator                    ? 
_diffrn_radiation.polarisn_norm                    ? 
_diffrn_radiation.polarisn_ratio                   ? 
_diffrn_radiation.probe                            ? 
_diffrn_radiation.type                             ? 
_diffrn_radiation.xray_symbol                      ? 
_diffrn_radiation.wavelength_id                    1 
_diffrn_radiation.pdbx_monochromatic_or_laue_m_l   M 
_diffrn_radiation.pdbx_wavelength_list             ? 
_diffrn_radiation.pdbx_wavelength                  ? 
_diffrn_radiation.pdbx_diffrn_protocol             'SINGLE WAVELENGTH' 
_diffrn_radiation.pdbx_analyzer                    ? 
_diffrn_radiation.pdbx_scattering_type             x-ray 
# 
_diffrn_radiation_wavelength.id           1 
_diffrn_radiation_wavelength.wavelength   1.000 
_diffrn_radiation_wavelength.wt           1.0 
# 
_diffrn_source.current                     ? 
_diffrn_source.details                     ? 
_diffrn_source.diffrn_id                   1 
_diffrn_source.power                       ? 
_diffrn_source.size                        ? 
_diffrn_source.source                      SYNCHROTRON 
_diffrn_source.target                      ? 
_diffrn_source.type                        'PAL/PLS BEAMLINE 5C (4A)' 
_diffrn_source.voltage                     ? 
_diffrn_source.take-off_angle              ? 
_diffrn_source.pdbx_wavelength_list        1.000 
_diffrn_source.pdbx_wavelength             ? 
_diffrn_source.pdbx_synchrotron_beamline   '5C (4A)' 
_diffrn_source.pdbx_synchrotron_site       PAL/PLS 
# 
_reflns.B_iso_Wilson_estimate                          21.09 
_reflns.entry_id                                       9KJB 
_reflns.data_reduction_details                         ? 
_reflns.data_reduction_method                          ? 
_reflns.d_resolution_high                              2.11 
_reflns.d_resolution_low                               26.95 
_reflns.details                                        ? 
_reflns.limit_h_max                                    ? 
_reflns.limit_h_min                                    ? 
_reflns.limit_k_max                                    ? 
_reflns.limit_k_min                                    ? 
_reflns.limit_l_max                                    ? 
_reflns.limit_l_min                                    ? 
_reflns.number_all                                     ? 
_reflns.number_obs                                     153965 
_reflns.observed_criterion                             ? 
_reflns.observed_criterion_F_max                       ? 
_reflns.observed_criterion_F_min                       ? 
_reflns.observed_criterion_I_max                       ? 
_reflns.observed_criterion_I_min                       ? 
_reflns.observed_criterion_sigma_F                     ? 
_reflns.observed_criterion_sigma_I                     ? 
_reflns.percent_possible_obs                           99.88 
_reflns.R_free_details                                 ? 
_reflns.Rmerge_F_all                                   ? 
_reflns.Rmerge_F_obs                                   ? 
_reflns.Friedel_coverage                               ? 
_reflns.number_gt                                      ? 
_reflns.threshold_expression                           ? 
_reflns.pdbx_redundancy                                20.3 
_reflns.pdbx_netI_over_av_sigmaI                       ? 
_reflns.pdbx_netI_over_sigmaI                          32.47 
_reflns.pdbx_res_netI_over_av_sigmaI_2                 ? 
_reflns.pdbx_res_netI_over_sigmaI_2                    ? 
_reflns.pdbx_chi_squared                               ? 
_reflns.pdbx_scaling_rejects                           ? 
_reflns.pdbx_d_res_high_opt                            ? 
_reflns.pdbx_d_res_low_opt                             ? 
_reflns.pdbx_d_res_opt_method                          ? 
_reflns.phase_calculation_details                      ? 
_reflns.pdbx_Rrim_I_all                                ? 
_reflns.pdbx_Rpim_I_all                                ? 
_reflns.pdbx_d_opt                                     ? 
_reflns.pdbx_number_measured_all                       ? 
_reflns.pdbx_diffrn_id                                 1 
_reflns.pdbx_ordinal                                   1 
_reflns.pdbx_CC_half                                   0.999 
_reflns.pdbx_CC_star                                   ? 
_reflns.pdbx_R_split                                   ? 
_reflns.pdbx_Rmerge_I_obs                              ? 
_reflns.pdbx_Rmerge_I_all                              ? 
_reflns.pdbx_Rsym_value                                ? 
_reflns.pdbx_CC_split_method                           ? 
_reflns.pdbx_aniso_diffraction_limit_axis_1_ortho[1]   ? 
_reflns.pdbx_aniso_diffraction_limit_axis_1_ortho[2]   ? 
_reflns.pdbx_aniso_diffraction_limit_axis_1_ortho[3]   ? 
_reflns.pdbx_aniso_diffraction_limit_axis_2_ortho[1]   ? 
_reflns.pdbx_aniso_diffraction_limit_axis_2_ortho[2]   ? 
_reflns.pdbx_aniso_diffraction_limit_axis_2_ortho[3]   ? 
_reflns.pdbx_aniso_diffraction_limit_axis_3_ortho[1]   ? 
_reflns.pdbx_aniso_diffraction_limit_axis_3_ortho[2]   ? 
_reflns.pdbx_aniso_diffraction_limit_axis_3_ortho[3]   ? 
_reflns.pdbx_aniso_diffraction_limit_1                 ? 
_reflns.pdbx_aniso_diffraction_limit_2                 ? 
_reflns.pdbx_aniso_diffraction_limit_3                 ? 
_reflns.pdbx_aniso_B_tensor_eigenvector_1_ortho[1]     ? 
_reflns.pdbx_aniso_B_tensor_eigenvector_1_ortho[2]     ? 
_reflns.pdbx_aniso_B_tensor_eigenvector_1_ortho[3]     ? 
_reflns.pdbx_aniso_B_tensor_eigenvector_2_ortho[1]     ? 
_reflns.pdbx_aniso_B_tensor_eigenvector_2_ortho[2]     ? 
_reflns.pdbx_aniso_B_tensor_eigenvector_2_ortho[3]     ? 
_reflns.pdbx_aniso_B_tensor_eigenvector_3_ortho[1]     ? 
_reflns.pdbx_aniso_B_tensor_eigenvector_3_ortho[2]     ? 
_reflns.pdbx_aniso_B_tensor_eigenvector_3_ortho[3]     ? 
_reflns.pdbx_aniso_B_tensor_eigenvalue_1               ? 
_reflns.pdbx_aniso_B_tensor_eigenvalue_2               ? 
_reflns.pdbx_aniso_B_tensor_eigenvalue_3               ? 
_reflns.pdbx_orthogonalization_convention              ? 
_reflns.pdbx_percent_possible_ellipsoidal              ? 
_reflns.pdbx_percent_possible_spherical                ? 
_reflns.pdbx_percent_possible_ellipsoidal_anomalous    ? 
_reflns.pdbx_percent_possible_spherical_anomalous      ? 
_reflns.pdbx_redundancy_anomalous                      ? 
_reflns.pdbx_CC_half_anomalous                         ? 
_reflns.pdbx_absDiff_over_sigma_anomalous              ? 
_reflns.pdbx_percent_possible_anomalous                ? 
_reflns.pdbx_observed_signal_threshold                 ? 
_reflns.pdbx_signal_type                               ? 
_reflns.pdbx_signal_details                            ? 
_reflns.pdbx_signal_software_id                        ? 
# 
_reflns_shell.d_res_high                                    2.11 
_reflns_shell.d_res_low                                     2.189 
_reflns_shell.meanI_over_sigI_all                           ? 
_reflns_shell.meanI_over_sigI_obs                           ? 
_reflns_shell.number_measured_all                           ? 
_reflns_shell.number_measured_obs                           ? 
_reflns_shell.number_possible                               ? 
_reflns_shell.number_unique_all                             ? 
_reflns_shell.number_unique_obs                             7409 
_reflns_shell.percent_possible_obs                          ? 
_reflns_shell.Rmerge_F_all                                  ? 
_reflns_shell.Rmerge_F_obs                                  ? 
_reflns_shell.meanI_over_sigI_gt                            ? 
_reflns_shell.meanI_over_uI_all                             ? 
_reflns_shell.meanI_over_uI_gt                              ? 
_reflns_shell.number_measured_gt                            ? 
_reflns_shell.number_unique_gt                              ? 
_reflns_shell.percent_possible_gt                           ? 
_reflns_shell.Rmerge_F_gt                                   ? 
_reflns_shell.Rmerge_I_gt                                   ? 
_reflns_shell.pdbx_redundancy                               ? 
_reflns_shell.pdbx_chi_squared                              ? 
_reflns_shell.pdbx_netI_over_sigmaI_all                     ? 
_reflns_shell.pdbx_netI_over_sigmaI_obs                     ? 
_reflns_shell.pdbx_Rrim_I_all                               ? 
_reflns_shell.pdbx_Rpim_I_all                               ? 
_reflns_shell.pdbx_rejects                                  ? 
_reflns_shell.pdbx_ordinal                                  1 
_reflns_shell.pdbx_diffrn_id                                1 
_reflns_shell.pdbx_CC_half                                  0.999 
_reflns_shell.pdbx_CC_star                                  ? 
_reflns_shell.pdbx_R_split                                  ? 
_reflns_shell.percent_possible_all                          ? 
_reflns_shell.Rmerge_I_all                                  ? 
_reflns_shell.Rmerge_I_obs                                  ? 
_reflns_shell.pdbx_Rsym_value                               ? 
_reflns_shell.pdbx_percent_possible_ellipsoidal             ? 
_reflns_shell.pdbx_percent_possible_spherical               ? 
_reflns_shell.pdbx_percent_possible_ellipsoidal_anomalous   ? 
_reflns_shell.pdbx_percent_possible_spherical_anomalous     ? 
_reflns_shell.pdbx_redundancy_anomalous                     ? 
_reflns_shell.pdbx_CC_half_anomalous                        ? 
_reflns_shell.pdbx_absDiff_over_sigma_anomalous             ? 
_reflns_shell.pdbx_percent_possible_anomalous               ? 
# 
_refine.aniso_B[1][1]                            ? 
_refine.aniso_B[1][2]                            ? 
_refine.aniso_B[1][3]                            ? 
_refine.aniso_B[2][2]                            ? 
_refine.aniso_B[2][3]                            ? 
_refine.aniso_B[3][3]                            ? 
_refine.B_iso_max                                ? 
_refine.B_iso_mean                               24.73 
_refine.B_iso_min                                ? 
_refine.correlation_coeff_Fo_to_Fc               ? 
_refine.correlation_coeff_Fo_to_Fc_free          ? 
_refine.details                                  ? 
_refine.diff_density_max                         ? 
_refine.diff_density_max_esd                     ? 
_refine.diff_density_min                         ? 
_refine.diff_density_min_esd                     ? 
_refine.diff_density_rms                         ? 
_refine.diff_density_rms_esd                     ? 
_refine.entry_id                                 9KJB 
_refine.pdbx_refine_id                           'X-RAY DIFFRACTION' 
_refine.ls_abs_structure_details                 ? 
_refine.ls_abs_structure_Flack                   ? 
_refine.ls_abs_structure_Flack_esd               ? 
_refine.ls_abs_structure_Rogers                  ? 
_refine.ls_abs_structure_Rogers_esd              ? 
_refine.ls_d_res_high                            2.11 
_refine.ls_d_res_low                             26.95 
_refine.ls_extinction_coef                       ? 
_refine.ls_extinction_coef_esd                   ? 
_refine.ls_extinction_expression                 ? 
_refine.ls_extinction_method                     ? 
_refine.ls_goodness_of_fit_all                   ? 
_refine.ls_goodness_of_fit_all_esd               ? 
_refine.ls_goodness_of_fit_obs                   ? 
_refine.ls_goodness_of_fit_obs_esd               ? 
_refine.ls_hydrogen_treatment                    ? 
_refine.ls_matrix_type                           ? 
_refine.ls_number_constraints                    ? 
_refine.ls_number_parameters                     ? 
_refine.ls_number_reflns_all                     ? 
_refine.ls_number_reflns_obs                     7410 
_refine.ls_number_reflns_R_free                  757 
_refine.ls_number_reflns_R_work                  6653 
_refine.ls_number_restraints                     ? 
_refine.ls_percent_reflns_obs                    99.95 
_refine.ls_percent_reflns_R_free                 10.22 
_refine.ls_R_factor_all                          ? 
_refine.ls_R_factor_obs                          0.1921 
_refine.ls_R_factor_R_free                       0.2332 
_refine.ls_R_factor_R_free_error                 ? 
_refine.ls_R_factor_R_free_error_details         ? 
_refine.ls_R_factor_R_work                       0.1874 
_refine.ls_R_Fsqd_factor_obs                     ? 
_refine.ls_R_I_factor_obs                        ? 
_refine.ls_redundancy_reflns_all                 ? 
_refine.ls_redundancy_reflns_obs                 ? 
_refine.ls_restrained_S_all                      ? 
_refine.ls_restrained_S_obs                      ? 
_refine.ls_shift_over_esd_max                    ? 
_refine.ls_shift_over_esd_mean                   ? 
_refine.ls_structure_factor_coef                 ? 
_refine.ls_weighting_details                     ? 
_refine.ls_weighting_scheme                      ? 
_refine.ls_wR_factor_all                         ? 
_refine.ls_wR_factor_obs                         ? 
_refine.ls_wR_factor_R_free                      ? 
_refine.ls_wR_factor_R_work                      ? 
_refine.occupancy_max                            ? 
_refine.occupancy_min                            ? 
_refine.solvent_model_details                    'FLAT BULK SOLVENT MODEL' 
_refine.solvent_model_param_bsol                 ? 
_refine.solvent_model_param_ksol                 ? 
_refine.pdbx_R_complete                          ? 
_refine.ls_R_factor_gt                           ? 
_refine.ls_goodness_of_fit_gt                    ? 
_refine.ls_goodness_of_fit_ref                   ? 
_refine.ls_shift_over_su_max                     ? 
_refine.ls_shift_over_su_max_lt                  ? 
_refine.ls_shift_over_su_mean                    ? 
_refine.ls_shift_over_su_mean_lt                 ? 
_refine.pdbx_ls_sigma_I                          ? 
_refine.pdbx_ls_sigma_F                          1.39 
_refine.pdbx_ls_sigma_Fsqd                       ? 
_refine.pdbx_data_cutoff_high_absF               ? 
_refine.pdbx_data_cutoff_high_rms_absF           ? 
_refine.pdbx_data_cutoff_low_absF                ? 
_refine.pdbx_isotropic_thermal_model             ? 
_refine.pdbx_ls_cross_valid_method               'FREE R-VALUE' 
_refine.pdbx_method_to_determine_struct          'MOLECULAR REPLACEMENT' 
_refine.pdbx_starting_model                      AlphaFold 
_refine.pdbx_stereochemistry_target_values       'GeoStd + Monomer Library + CDL v1.2' 
_refine.pdbx_R_Free_selection_details            ? 
_refine.pdbx_stereochem_target_val_spec_case     ? 
_refine.pdbx_overall_ESU_R                       ? 
_refine.pdbx_overall_ESU_R_Free                  ? 
_refine.pdbx_solvent_vdw_probe_radii             1.1000 
_refine.pdbx_solvent_ion_probe_radii             ? 
_refine.pdbx_solvent_shrinkage_radii             0.9000 
_refine.pdbx_real_space_R                        ? 
_refine.pdbx_density_correlation                 ? 
_refine.pdbx_pd_number_of_powder_patterns        ? 
_refine.pdbx_pd_number_of_points                 ? 
_refine.pdbx_pd_meas_number_of_points            ? 
_refine.pdbx_pd_proc_ls_prof_R_factor            ? 
_refine.pdbx_pd_proc_ls_prof_wR_factor           ? 
_refine.pdbx_pd_Marquardt_correlation_coeff      ? 
_refine.pdbx_pd_Fsqrd_R_factor                   ? 
_refine.pdbx_pd_ls_matrix_band_width             ? 
_refine.pdbx_overall_phase_error                 24.4598 
_refine.pdbx_overall_SU_R_free_Cruickshank_DPI   ? 
_refine.pdbx_overall_SU_R_free_Blow_DPI          ? 
_refine.pdbx_overall_SU_R_Blow_DPI               ? 
_refine.pdbx_TLS_residual_ADP_flag               ? 
_refine.pdbx_diffrn_id                           1 
_refine.overall_SU_B                             ? 
_refine.overall_SU_ML                            0.2312 
_refine.overall_SU_R_Cruickshank_DPI             ? 
_refine.overall_SU_R_free                        ? 
_refine.overall_FOM_free_R_set                   ? 
_refine.overall_FOM_work_R_set                   ? 
_refine.pdbx_average_fsc_overall                 ? 
_refine.pdbx_average_fsc_work                    ? 
_refine.pdbx_average_fsc_free                    ? 
# 
_refine_hist.pdbx_refine_id                   'X-RAY DIFFRACTION' 
_refine_hist.cycle_id                         LAST 
_refine_hist.details                          ? 
_refine_hist.d_res_high                       2.11 
_refine_hist.d_res_low                        26.95 
_refine_hist.number_atoms_solvent             100 
_refine_hist.number_atoms_total               932 
_refine_hist.number_reflns_all                ? 
_refine_hist.number_reflns_obs                ? 
_refine_hist.number_reflns_R_free             ? 
_refine_hist.number_reflns_R_work             ? 
_refine_hist.R_factor_all                     ? 
_refine_hist.R_factor_obs                     ? 
_refine_hist.R_factor_R_free                  ? 
_refine_hist.R_factor_R_work                  ? 
_refine_hist.pdbx_number_residues_total       ? 
_refine_hist.pdbx_B_iso_mean_ligand           ? 
_refine_hist.pdbx_B_iso_mean_solvent          ? 
_refine_hist.pdbx_number_atoms_protein        832 
_refine_hist.pdbx_number_atoms_nucleic_acid   0 
_refine_hist.pdbx_number_atoms_ligand         0 
_refine_hist.pdbx_number_atoms_lipid          ? 
_refine_hist.pdbx_number_atoms_carb           ? 
_refine_hist.pdbx_pseudo_atom_details         ? 
# 
loop_
_refine_ls_restr.pdbx_refine_id 
_refine_ls_restr.criterion 
_refine_ls_restr.dev_ideal 
_refine_ls_restr.dev_ideal_target 
_refine_ls_restr.number 
_refine_ls_restr.rejects 
_refine_ls_restr.type 
_refine_ls_restr.weight 
_refine_ls_restr.pdbx_restraint_function 
'X-RAY DIFFRACTION' ? 0.0078 ? 846  ? f_bond_d           ? ? 
'X-RAY DIFFRACTION' ? 0.8931 ? 1143 ? f_angle_d          ? ? 
'X-RAY DIFFRACTION' ? 0.0460 ? 131  ? f_chiral_restr     ? ? 
'X-RAY DIFFRACTION' ? 0.0076 ? 146  ? f_plane_restr      ? ? 
'X-RAY DIFFRACTION' ? 5.2423 ? 114  ? f_dihedral_angle_d ? ? 
# 
loop_
_refine_ls_shell.pdbx_refine_id 
_refine_ls_shell.d_res_high 
_refine_ls_shell.d_res_low 
_refine_ls_shell.number_reflns_all 
_refine_ls_shell.number_reflns_obs 
_refine_ls_shell.number_reflns_R_free 
_refine_ls_shell.number_reflns_R_work 
_refine_ls_shell.percent_reflns_obs 
_refine_ls_shell.percent_reflns_R_free 
_refine_ls_shell.R_factor_all 
_refine_ls_shell.R_factor_obs 
_refine_ls_shell.R_factor_R_free_error 
_refine_ls_shell.R_factor_R_work 
_refine_ls_shell.redundancy_reflns_all 
_refine_ls_shell.redundancy_reflns_obs 
_refine_ls_shell.wR_factor_all 
_refine_ls_shell.wR_factor_obs 
_refine_ls_shell.wR_factor_R_free 
_refine_ls_shell.wR_factor_R_work 
_refine_ls_shell.pdbx_R_complete 
_refine_ls_shell.pdbx_total_number_of_bins_used 
_refine_ls_shell.pdbx_phase_error 
_refine_ls_shell.pdbx_fsc_work 
_refine_ls_shell.pdbx_fsc_free 
_refine_ls_shell.R_factor_R_free 
'X-RAY DIFFRACTION' 2.11 2.28  . . 155 1322 99.73  . . . . 0.1926 . . . . . . . . . . . 0.2622 
'X-RAY DIFFRACTION' 2.28 2.51  . . 150 1319 100.00 . . . . 0.1871 . . . . . . . . . . . 0.2473 
'X-RAY DIFFRACTION' 2.51 2.87  . . 148 1328 100.00 . . . . 0.2216 . . . . . . . . . . . 0.2379 
'X-RAY DIFFRACTION' 2.87 3.61  . . 154 1321 100.00 . . . . 0.1970 . . . . . . . . . . . 0.2536 
'X-RAY DIFFRACTION' 3.61 26.95 . . 150 1363 100.00 . . . . 0.1638 . . . . . . . . . . . 0.2010 
# 
_struct.entry_id                     9KJB 
_struct.title                        'Crystal structure of Anti-CRISPR AcrIE7' 
_struct.pdbx_model_details           ? 
_struct.pdbx_formula_weight          ? 
_struct.pdbx_formula_weight_method   ? 
_struct.pdbx_model_type_details      ? 
_struct.pdbx_CASP_flag               N 
# 
_struct_keywords.entry_id        9KJB 
_struct_keywords.text            'AcrIE7, anti-CRISPR protein, Type I-E CRISPR Cas system, IMMUNE SYSTEM' 
_struct_keywords.pdbx_keywords   'IMMUNE SYSTEM' 
# 
loop_
_struct_asym.id 
_struct_asym.pdbx_blank_PDB_chainid_flag 
_struct_asym.pdbx_modified 
_struct_asym.entity_id 
_struct_asym.details 
A N N 1 ? 
B N N 2 ? 
# 
_struct_ref.id                         1 
_struct_ref.db_name                    PDB 
_struct_ref.db_code                    9KJB 
_struct_ref.pdbx_db_accession          9KJB 
_struct_ref.pdbx_db_isoform            ? 
_struct_ref.entity_id                  1 
_struct_ref.pdbx_seq_one_letter_code   ? 
_struct_ref.pdbx_align_begin           1 
# 
_struct_ref_seq.align_id                      1 
_struct_ref_seq.ref_id                        1 
_struct_ref_seq.pdbx_PDB_id_code              9KJB 
_struct_ref_seq.pdbx_strand_id                A 
_struct_ref_seq.seq_align_beg                 1 
_struct_ref_seq.pdbx_seq_align_beg_ins_code   ? 
_struct_ref_seq.seq_align_end                 114 
_struct_ref_seq.pdbx_seq_align_end_ins_code   ? 
_struct_ref_seq.pdbx_db_accession             9KJB 
_struct_ref_seq.db_align_beg                  1 
_struct_ref_seq.pdbx_db_align_beg_ins_code    ? 
_struct_ref_seq.db_align_end                  114 
_struct_ref_seq.pdbx_db_align_end_ins_code    ? 
_struct_ref_seq.pdbx_auth_seq_align_beg       1 
_struct_ref_seq.pdbx_auth_seq_align_end       114 
# 
_pdbx_struct_assembly.id                   1 
_pdbx_struct_assembly.details              author_and_software_defined_assembly 
_pdbx_struct_assembly.method_details       PISA 
_pdbx_struct_assembly.oligomeric_details   monomeric 
_pdbx_struct_assembly.oligomeric_count     1 
# 
loop_
_pdbx_struct_assembly_prop.biol_id 
_pdbx_struct_assembly_prop.type 
_pdbx_struct_assembly_prop.value 
_pdbx_struct_assembly_prop.details 
1 'ABSA (A^2)' 0    ? 
1 MORE         0    ? 
1 'SSA (A^2)'  6290 ? 
# 
_pdbx_struct_assembly_gen.assembly_id       1 
_pdbx_struct_assembly_gen.oper_expression   1 
_pdbx_struct_assembly_gen.asym_id_list      A,B 
# 
_pdbx_struct_oper_list.id                   1 
_pdbx_struct_oper_list.type                 'identity operation' 
_pdbx_struct_oper_list.name                 1_555 
_pdbx_struct_oper_list.symmetry_operation   x,y,z 
_pdbx_struct_oper_list.matrix[1][1]         1.0000000000 
_pdbx_struct_oper_list.matrix[1][2]         0.0000000000 
_pdbx_struct_oper_list.matrix[1][3]         0.0000000000 
_pdbx_struct_oper_list.vector[1]            0.0000000000 
_pdbx_struct_oper_list.matrix[2][1]         0.0000000000 
_pdbx_struct_oper_list.matrix[2][2]         1.0000000000 
_pdbx_struct_oper_list.matrix[2][3]         0.0000000000 
_pdbx_struct_oper_list.vector[2]            0.0000000000 
_pdbx_struct_oper_list.matrix[3][1]         0.0000000000 
_pdbx_struct_oper_list.matrix[3][2]         0.0000000000 
_pdbx_struct_oper_list.matrix[3][3]         1.0000000000 
_pdbx_struct_oper_list.vector[3]            0.0000000000 
# 
loop_
_struct_conf.conf_type_id 
_struct_conf.id 
_struct_conf.pdbx_PDB_helix_id 
_struct_conf.beg_label_comp_id 
_struct_conf.beg_label_asym_id 
_struct_conf.beg_label_seq_id 
_struct_conf.pdbx_beg_PDB_ins_code 
_struct_conf.end_label_comp_id 
_struct_conf.end_label_asym_id 
_struct_conf.end_label_seq_id 
_struct_conf.pdbx_end_PDB_ins_code 
_struct_conf.beg_auth_comp_id 
_struct_conf.beg_auth_asym_id 
_struct_conf.beg_auth_seq_id 
_struct_conf.end_auth_comp_id 
_struct_conf.end_auth_asym_id 
_struct_conf.end_auth_seq_id 
_struct_conf.pdbx_PDB_helix_class 
_struct_conf.details 
_struct_conf.pdbx_PDB_helix_length 
HELX_P HELX_P1  AA1 SER A 4  ? ALA A 24  ? SER A 4  ALA A 24  1 ? 21 
HELX_P HELX_P2  AA2 VAL A 29 ? ILE A 39  ? VAL A 29 ILE A 39  1 ? 11 
HELX_P HELX_P3  AA3 ASP A 41 ? ASN A 48  ? ASP A 41 ASN A 48  1 ? 8  
HELX_P HELX_P4  AA4 ASN A 48 ? HIS A 53  ? ASN A 48 HIS A 53  1 ? 6  
HELX_P HELX_P5  AA5 GLY A 58 ? SER A 66  ? GLY A 58 SER A 66  1 ? 9  
HELX_P HELX_P6  AA6 PRO A 67 ? ASN A 69  ? PRO A 67 ASN A 69  5 ? 3  
HELX_P HELX_P7  AA7 SER A 70 ? ARG A 75  ? SER A 70 ARG A 75  1 ? 6  
HELX_P HELX_P8  AA8 ARG A 76 ? SER A 78  ? ARG A 76 SER A 78  5 ? 3  
HELX_P HELX_P9  AA9 GLY A 83 ? GLU A 85  ? GLY A 83 GLU A 85  5 ? 3  
HELX_P HELX_P10 AB1 GLU A 86 ? ASP A 105 ? GLU A 86 ASP A 105 1 ? 20 
# 
_struct_conf_type.id          HELX_P 
_struct_conf_type.criteria    ? 
_struct_conf_type.reference   ? 
# 
_pdbx_entry_details.entry_id                   9KJB 
_pdbx_entry_details.compound_details           ? 
_pdbx_entry_details.source_details             ? 
_pdbx_entry_details.nonpolymer_details         ? 
_pdbx_entry_details.sequence_details           ? 
_pdbx_entry_details.has_ligand_of_interest     ? 
_pdbx_entry_details.has_protein_modification   N 
# 
_pdbx_validate_torsion.id              1 
_pdbx_validate_torsion.PDB_model_num   1 
_pdbx_validate_torsion.auth_comp_id    CYS 
_pdbx_validate_torsion.auth_asym_id    A 
_pdbx_validate_torsion.auth_seq_id     80 
_pdbx_validate_torsion.PDB_ins_code    ? 
_pdbx_validate_torsion.label_alt_id    ? 
_pdbx_validate_torsion.phi             -146.66 
_pdbx_validate_torsion.psi             36.63 
# 
loop_
_space_group_symop.id 
_space_group_symop.operation_xyz 
1 x,y,z        
2 x-y,x,z+1/2  
3 y,-x+y,z+1/2 
4 -y,x-y,z     
5 -x+y,-x,z    
6 -x,-y,z+1/2  
# 
loop_
_pdbx_unobs_or_zero_occ_residues.id 
_pdbx_unobs_or_zero_occ_residues.PDB_model_num 
_pdbx_unobs_or_zero_occ_residues.polymer_flag 
_pdbx_unobs_or_zero_occ_residues.occupancy_flag 
_pdbx_unobs_or_zero_occ_residues.auth_asym_id 
_pdbx_unobs_or_zero_occ_residues.auth_comp_id 
_pdbx_unobs_or_zero_occ_residues.auth_seq_id 
_pdbx_unobs_or_zero_occ_residues.PDB_ins_code 
_pdbx_unobs_or_zero_occ_residues.label_asym_id 
_pdbx_unobs_or_zero_occ_residues.label_comp_id 
_pdbx_unobs_or_zero_occ_residues.label_seq_id 
1 1 Y 1 A GLU 106 ? A GLU 106 
2 1 Y 1 A LEU 107 ? A LEU 107 
3 1 Y 1 A GLU 108 ? A GLU 108 
4 1 Y 1 A HIS 109 ? A HIS 109 
5 1 Y 1 A HIS 110 ? A HIS 110 
6 1 Y 1 A HIS 111 ? A HIS 111 
7 1 Y 1 A HIS 112 ? A HIS 112 
8 1 Y 1 A HIS 113 ? A HIS 113 
9 1 Y 1 A HIS 114 ? A HIS 114 
# 
loop_
_chem_comp_atom.comp_id 
_chem_comp_atom.atom_id 
_chem_comp_atom.type_symbol 
_chem_comp_atom.pdbx_aromatic_flag 
_chem_comp_atom.pdbx_stereo_config 
_chem_comp_atom.pdbx_ordinal 
ALA N    N N N 1   
ALA CA   C N S 2   
ALA C    C N N 3   
ALA O    O N N 4   
ALA CB   C N N 5   
ALA OXT  O N N 6   
ALA H    H N N 7   
ALA H2   H N N 8   
ALA HA   H N N 9   
ALA HB1  H N N 10  
ALA HB2  H N N 11  
ALA HB3  H N N 12  
ALA HXT  H N N 13  
ARG N    N N N 14  
ARG CA   C N S 15  
ARG C    C N N 16  
ARG O    O N N 17  
ARG CB   C N N 18  
ARG CG   C N N 19  
ARG CD   C N N 20  
ARG NE   N N N 21  
ARG CZ   C N N 22  
ARG NH1  N N N 23  
ARG NH2  N N N 24  
ARG OXT  O N N 25  
ARG H    H N N 26  
ARG H2   H N N 27  
ARG HA   H N N 28  
ARG HB2  H N N 29  
ARG HB3  H N N 30  
ARG HG2  H N N 31  
ARG HG3  H N N 32  
ARG HD2  H N N 33  
ARG HD3  H N N 34  
ARG HE   H N N 35  
ARG HH11 H N N 36  
ARG HH12 H N N 37  
ARG HH21 H N N 38  
ARG HH22 H N N 39  
ARG HXT  H N N 40  
ASN N    N N N 41  
ASN CA   C N S 42  
ASN C    C N N 43  
ASN O    O N N 44  
ASN CB   C N N 45  
ASN CG   C N N 46  
ASN OD1  O N N 47  
ASN ND2  N N N 48  
ASN OXT  O N N 49  
ASN H    H N N 50  
ASN H2   H N N 51  
ASN HA   H N N 52  
ASN HB2  H N N 53  
ASN HB3  H N N 54  
ASN HD21 H N N 55  
ASN HD22 H N N 56  
ASN HXT  H N N 57  
ASP N    N N N 58  
ASP CA   C N S 59  
ASP C    C N N 60  
ASP O    O N N 61  
ASP CB   C N N 62  
ASP CG   C N N 63  
ASP OD1  O N N 64  
ASP OD2  O N N 65  
ASP OXT  O N N 66  
ASP H    H N N 67  
ASP H2   H N N 68  
ASP HA   H N N 69  
ASP HB2  H N N 70  
ASP HB3  H N N 71  
ASP HD2  H N N 72  
ASP HXT  H N N 73  
CYS N    N N N 74  
CYS CA   C N R 75  
CYS C    C N N 76  
CYS O    O N N 77  
CYS CB   C N N 78  
CYS SG   S N N 79  
CYS OXT  O N N 80  
CYS H    H N N 81  
CYS H2   H N N 82  
CYS HA   H N N 83  
CYS HB2  H N N 84  
CYS HB3  H N N 85  
CYS HG   H N N 86  
CYS HXT  H N N 87  
GLN N    N N N 88  
GLN CA   C N S 89  
GLN C    C N N 90  
GLN O    O N N 91  
GLN CB   C N N 92  
GLN CG   C N N 93  
GLN CD   C N N 94  
GLN OE1  O N N 95  
GLN NE2  N N N 96  
GLN OXT  O N N 97  
GLN H    H N N 98  
GLN H2   H N N 99  
GLN HA   H N N 100 
GLN HB2  H N N 101 
GLN HB3  H N N 102 
GLN HG2  H N N 103 
GLN HG3  H N N 104 
GLN HE21 H N N 105 
GLN HE22 H N N 106 
GLN HXT  H N N 107 
GLU N    N N N 108 
GLU CA   C N S 109 
GLU C    C N N 110 
GLU O    O N N 111 
GLU CB   C N N 112 
GLU CG   C N N 113 
GLU CD   C N N 114 
GLU OE1  O N N 115 
GLU OE2  O N N 116 
GLU OXT  O N N 117 
GLU H    H N N 118 
GLU H2   H N N 119 
GLU HA   H N N 120 
GLU HB2  H N N 121 
GLU HB3  H N N 122 
GLU HG2  H N N 123 
GLU HG3  H N N 124 
GLU HE2  H N N 125 
GLU HXT  H N N 126 
GLY N    N N N 127 
GLY CA   C N N 128 
GLY C    C N N 129 
GLY O    O N N 130 
GLY OXT  O N N 131 
GLY H    H N N 132 
GLY H2   H N N 133 
GLY HA2  H N N 134 
GLY HA3  H N N 135 
GLY HXT  H N N 136 
HIS N    N N N 137 
HIS CA   C N S 138 
HIS C    C N N 139 
HIS O    O N N 140 
HIS CB   C N N 141 
HIS CG   C Y N 142 
HIS ND1  N Y N 143 
HIS CD2  C Y N 144 
HIS CE1  C Y N 145 
HIS NE2  N Y N 146 
HIS OXT  O N N 147 
HIS H    H N N 148 
HIS H2   H N N 149 
HIS HA   H N N 150 
HIS HB2  H N N 151 
HIS HB3  H N N 152 
HIS HD1  H N N 153 
HIS HD2  H N N 154 
HIS HE1  H N N 155 
HIS HE2  H N N 156 
HIS HXT  H N N 157 
HOH O    O N N 158 
HOH H1   H N N 159 
HOH H2   H N N 160 
ILE N    N N N 161 
ILE CA   C N S 162 
ILE C    C N N 163 
ILE O    O N N 164 
ILE CB   C N S 165 
ILE CG1  C N N 166 
ILE CG2  C N N 167 
ILE CD1  C N N 168 
ILE OXT  O N N 169 
ILE H    H N N 170 
ILE H2   H N N 171 
ILE HA   H N N 172 
ILE HB   H N N 173 
ILE HG12 H N N 174 
ILE HG13 H N N 175 
ILE HG21 H N N 176 
ILE HG22 H N N 177 
ILE HG23 H N N 178 
ILE HD11 H N N 179 
ILE HD12 H N N 180 
ILE HD13 H N N 181 
ILE HXT  H N N 182 
LEU N    N N N 183 
LEU CA   C N S 184 
LEU C    C N N 185 
LEU O    O N N 186 
LEU CB   C N N 187 
LEU CG   C N N 188 
LEU CD1  C N N 189 
LEU CD2  C N N 190 
LEU OXT  O N N 191 
LEU H    H N N 192 
LEU H2   H N N 193 
LEU HA   H N N 194 
LEU HB2  H N N 195 
LEU HB3  H N N 196 
LEU HG   H N N 197 
LEU HD11 H N N 198 
LEU HD12 H N N 199 
LEU HD13 H N N 200 
LEU HD21 H N N 201 
LEU HD22 H N N 202 
LEU HD23 H N N 203 
LEU HXT  H N N 204 
LYS N    N N N 205 
LYS CA   C N S 206 
LYS C    C N N 207 
LYS O    O N N 208 
LYS CB   C N N 209 
LYS CG   C N N 210 
LYS CD   C N N 211 
LYS CE   C N N 212 
LYS NZ   N N N 213 
LYS OXT  O N N 214 
LYS H    H N N 215 
LYS H2   H N N 216 
LYS HA   H N N 217 
LYS HB2  H N N 218 
LYS HB3  H N N 219 
LYS HG2  H N N 220 
LYS HG3  H N N 221 
LYS HD2  H N N 222 
LYS HD3  H N N 223 
LYS HE2  H N N 224 
LYS HE3  H N N 225 
LYS HZ1  H N N 226 
LYS HZ2  H N N 227 
LYS HZ3  H N N 228 
LYS HXT  H N N 229 
MET N    N N N 230 
MET CA   C N S 231 
MET C    C N N 232 
MET O    O N N 233 
MET CB   C N N 234 
MET CG   C N N 235 
MET SD   S N N 236 
MET CE   C N N 237 
MET OXT  O N N 238 
MET H    H N N 239 
MET H2   H N N 240 
MET HA   H N N 241 
MET HB2  H N N 242 
MET HB3  H N N 243 
MET HG2  H N N 244 
MET HG3  H N N 245 
MET HE1  H N N 246 
MET HE2  H N N 247 
MET HE3  H N N 248 
MET HXT  H N N 249 
PHE N    N N N 250 
PHE CA   C N S 251 
PHE C    C N N 252 
PHE O    O N N 253 
PHE CB   C N N 254 
PHE CG   C Y N 255 
PHE CD1  C Y N 256 
PHE CD2  C Y N 257 
PHE CE1  C Y N 258 
PHE CE2  C Y N 259 
PHE CZ   C Y N 260 
PHE OXT  O N N 261 
PHE H    H N N 262 
PHE H2   H N N 263 
PHE HA   H N N 264 
PHE HB2  H N N 265 
PHE HB3  H N N 266 
PHE HD1  H N N 267 
PHE HD2  H N N 268 
PHE HE1  H N N 269 
PHE HE2  H N N 270 
PHE HZ   H N N 271 
PHE HXT  H N N 272 
PRO N    N N N 273 
PRO CA   C N S 274 
PRO C    C N N 275 
PRO O    O N N 276 
PRO CB   C N N 277 
PRO CG   C N N 278 
PRO CD   C N N 279 
PRO OXT  O N N 280 
PRO H    H N N 281 
PRO HA   H N N 282 
PRO HB2  H N N 283 
PRO HB3  H N N 284 
PRO HG2  H N N 285 
PRO HG3  H N N 286 
PRO HD2  H N N 287 
PRO HD3  H N N 288 
PRO HXT  H N N 289 
SER N    N N N 290 
SER CA   C N S 291 
SER C    C N N 292 
SER O    O N N 293 
SER CB   C N N 294 
SER OG   O N N 295 
SER OXT  O N N 296 
SER H    H N N 297 
SER H2   H N N 298 
SER HA   H N N 299 
SER HB2  H N N 300 
SER HB3  H N N 301 
SER HG   H N N 302 
SER HXT  H N N 303 
THR N    N N N 304 
THR CA   C N S 305 
THR C    C N N 306 
THR O    O N N 307 
THR CB   C N R 308 
THR OG1  O N N 309 
THR CG2  C N N 310 
THR OXT  O N N 311 
THR H    H N N 312 
THR H2   H N N 313 
THR HA   H N N 314 
THR HB   H N N 315 
THR HG1  H N N 316 
THR HG21 H N N 317 
THR HG22 H N N 318 
THR HG23 H N N 319 
THR HXT  H N N 320 
TRP N    N N N 321 
TRP CA   C N S 322 
TRP C    C N N 323 
TRP O    O N N 324 
TRP CB   C N N 325 
TRP CG   C Y N 326 
TRP CD1  C Y N 327 
TRP CD2  C Y N 328 
TRP NE1  N Y N 329 
TRP CE2  C Y N 330 
TRP CE3  C Y N 331 
TRP CZ2  C Y N 332 
TRP CZ3  C Y N 333 
TRP CH2  C Y N 334 
TRP OXT  O N N 335 
TRP H    H N N 336 
TRP H2   H N N 337 
TRP HA   H N N 338 
TRP HB2  H N N 339 
TRP HB3  H N N 340 
TRP HD1  H N N 341 
TRP HE1  H N N 342 
TRP HE3  H N N 343 
TRP HZ2  H N N 344 
TRP HZ3  H N N 345 
TRP HH2  H N N 346 
TRP HXT  H N N 347 
TYR N    N N N 348 
TYR CA   C N S 349 
TYR C    C N N 350 
TYR O    O N N 351 
TYR CB   C N N 352 
TYR CG   C Y N 353 
TYR CD1  C Y N 354 
TYR CD2  C Y N 355 
TYR CE1  C Y N 356 
TYR CE2  C Y N 357 
TYR CZ   C Y N 358 
TYR OH   O N N 359 
TYR OXT  O N N 360 
TYR H    H N N 361 
TYR H2   H N N 362 
TYR HA   H N N 363 
TYR HB2  H N N 364 
TYR HB3  H N N 365 
TYR HD1  H N N 366 
TYR HD2  H N N 367 
TYR HE1  H N N 368 
TYR HE2  H N N 369 
TYR HH   H N N 370 
TYR HXT  H N N 371 
VAL N    N N N 372 
VAL CA   C N S 373 
VAL C    C N N 374 
VAL O    O N N 375 
VAL CB   C N N 376 
VAL CG1  C N N 377 
VAL CG2  C N N 378 
VAL OXT  O N N 379 
VAL H    H N N 380 
VAL H2   H N N 381 
VAL HA   H N N 382 
VAL HB   H N N 383 
VAL HG11 H N N 384 
VAL HG12 H N N 385 
VAL HG13 H N N 386 
VAL HG21 H N N 387 
VAL HG22 H N N 388 
VAL HG23 H N N 389 
VAL HXT  H N N 390 
# 
loop_
_chem_comp_bond.comp_id 
_chem_comp_bond.atom_id_1 
_chem_comp_bond.atom_id_2 
_chem_comp_bond.value_order 
_chem_comp_bond.pdbx_aromatic_flag 
_chem_comp_bond.pdbx_stereo_config 
_chem_comp_bond.pdbx_ordinal 
ALA N   CA   sing N N 1   
ALA N   H    sing N N 2   
ALA N   H2   sing N N 3   
ALA CA  C    sing N N 4   
ALA CA  CB   sing N N 5   
ALA CA  HA   sing N N 6   
ALA C   O    doub N N 7   
ALA C   OXT  sing N N 8   
ALA CB  HB1  sing N N 9   
ALA CB  HB2  sing N N 10  
ALA CB  HB3  sing N N 11  
ALA OXT HXT  sing N N 12  
ARG N   CA   sing N N 13  
ARG N   H    sing N N 14  
ARG N   H2   sing N N 15  
ARG CA  C    sing N N 16  
ARG CA  CB   sing N N 17  
ARG CA  HA   sing N N 18  
ARG C   O    doub N N 19  
ARG C   OXT  sing N N 20  
ARG CB  CG   sing N N 21  
ARG CB  HB2  sing N N 22  
ARG CB  HB3  sing N N 23  
ARG CG  CD   sing N N 24  
ARG CG  HG2  sing N N 25  
ARG CG  HG3  sing N N 26  
ARG CD  NE   sing N N 27  
ARG CD  HD2  sing N N 28  
ARG CD  HD3  sing N N 29  
ARG NE  CZ   sing N N 30  
ARG NE  HE   sing N N 31  
ARG CZ  NH1  sing N N 32  
ARG CZ  NH2  doub N N 33  
ARG NH1 HH11 sing N N 34  
ARG NH1 HH12 sing N N 35  
ARG NH2 HH21 sing N N 36  
ARG NH2 HH22 sing N N 37  
ARG OXT HXT  sing N N 38  
ASN N   CA   sing N N 39  
ASN N   H    sing N N 40  
ASN N   H2   sing N N 41  
ASN CA  C    sing N N 42  
ASN CA  CB   sing N N 43  
ASN CA  HA   sing N N 44  
ASN C   O    doub N N 45  
ASN C   OXT  sing N N 46  
ASN CB  CG   sing N N 47  
ASN CB  HB2  sing N N 48  
ASN CB  HB3  sing N N 49  
ASN CG  OD1  doub N N 50  
ASN CG  ND2  sing N N 51  
ASN ND2 HD21 sing N N 52  
ASN ND2 HD22 sing N N 53  
ASN OXT HXT  sing N N 54  
ASP N   CA   sing N N 55  
ASP N   H    sing N N 56  
ASP N   H2   sing N N 57  
ASP CA  C    sing N N 58  
ASP CA  CB   sing N N 59  
ASP CA  HA   sing N N 60  
ASP C   O    doub N N 61  
ASP C   OXT  sing N N 62  
ASP CB  CG   sing N N 63  
ASP CB  HB2  sing N N 64  
ASP CB  HB3  sing N N 65  
ASP CG  OD1  doub N N 66  
ASP CG  OD2  sing N N 67  
ASP OD2 HD2  sing N N 68  
ASP OXT HXT  sing N N 69  
CYS N   CA   sing N N 70  
CYS N   H    sing N N 71  
CYS N   H2   sing N N 72  
CYS CA  C    sing N N 73  
CYS CA  CB   sing N N 74  
CYS CA  HA   sing N N 75  
CYS C   O    doub N N 76  
CYS C   OXT  sing N N 77  
CYS CB  SG   sing N N 78  
CYS CB  HB2  sing N N 79  
CYS CB  HB3  sing N N 80  
CYS SG  HG   sing N N 81  
CYS OXT HXT  sing N N 82  
GLN N   CA   sing N N 83  
GLN N   H    sing N N 84  
GLN N   H2   sing N N 85  
GLN CA  C    sing N N 86  
GLN CA  CB   sing N N 87  
GLN CA  HA   sing N N 88  
GLN C   O    doub N N 89  
GLN C   OXT  sing N N 90  
GLN CB  CG   sing N N 91  
GLN CB  HB2  sing N N 92  
GLN CB  HB3  sing N N 93  
GLN CG  CD   sing N N 94  
GLN CG  HG2  sing N N 95  
GLN CG  HG3  sing N N 96  
GLN CD  OE1  doub N N 97  
GLN CD  NE2  sing N N 98  
GLN NE2 HE21 sing N N 99  
GLN NE2 HE22 sing N N 100 
GLN OXT HXT  sing N N 101 
GLU N   CA   sing N N 102 
GLU N   H    sing N N 103 
GLU N   H2   sing N N 104 
GLU CA  C    sing N N 105 
GLU CA  CB   sing N N 106 
GLU CA  HA   sing N N 107 
GLU C   O    doub N N 108 
GLU C   OXT  sing N N 109 
GLU CB  CG   sing N N 110 
GLU CB  HB2  sing N N 111 
GLU CB  HB3  sing N N 112 
GLU CG  CD   sing N N 113 
GLU CG  HG2  sing N N 114 
GLU CG  HG3  sing N N 115 
GLU CD  OE1  doub N N 116 
GLU CD  OE2  sing N N 117 
GLU OE2 HE2  sing N N 118 
GLU OXT HXT  sing N N 119 
GLY N   CA   sing N N 120 
GLY N   H    sing N N 121 
GLY N   H2   sing N N 122 
GLY CA  C    sing N N 123 
GLY CA  HA2  sing N N 124 
GLY CA  HA3  sing N N 125 
GLY C   O    doub N N 126 
GLY C   OXT  sing N N 127 
GLY OXT HXT  sing N N 128 
HIS N   CA   sing N N 129 
HIS N   H    sing N N 130 
HIS N   H2   sing N N 131 
HIS CA  C    sing N N 132 
HIS CA  CB   sing N N 133 
HIS CA  HA   sing N N 134 
HIS C   O    doub N N 135 
HIS C   OXT  sing N N 136 
HIS CB  CG   sing N N 137 
HIS CB  HB2  sing N N 138 
HIS CB  HB3  sing N N 139 
HIS CG  ND1  sing Y N 140 
HIS CG  CD2  doub Y N 141 
HIS ND1 CE1  doub Y N 142 
HIS ND1 HD1  sing N N 143 
HIS CD2 NE2  sing Y N 144 
HIS CD2 HD2  sing N N 145 
HIS CE1 NE2  sing Y N 146 
HIS CE1 HE1  sing N N 147 
HIS NE2 HE2  sing N N 148 
HIS OXT HXT  sing N N 149 
HOH O   H1   sing N N 150 
HOH O   H2   sing N N 151 
ILE N   CA   sing N N 152 
ILE N   H    sing N N 153 
ILE N   H2   sing N N 154 
ILE CA  C    sing N N 155 
ILE CA  CB   sing N N 156 
ILE CA  HA   sing N N 157 
ILE C   O    doub N N 158 
ILE C   OXT  sing N N 159 
ILE CB  CG1  sing N N 160 
ILE CB  CG2  sing N N 161 
ILE CB  HB   sing N N 162 
ILE CG1 CD1  sing N N 163 
ILE CG1 HG12 sing N N 164 
ILE CG1 HG13 sing N N 165 
ILE CG2 HG21 sing N N 166 
ILE CG2 HG22 sing N N 167 
ILE CG2 HG23 sing N N 168 
ILE CD1 HD11 sing N N 169 
ILE CD1 HD12 sing N N 170 
ILE CD1 HD13 sing N N 171 
ILE OXT HXT  sing N N 172 
LEU N   CA   sing N N 173 
LEU N   H    sing N N 174 
LEU N   H2   sing N N 175 
LEU CA  C    sing N N 176 
LEU CA  CB   sing N N 177 
LEU CA  HA   sing N N 178 
LEU C   O    doub N N 179 
LEU C   OXT  sing N N 180 
LEU CB  CG   sing N N 181 
LEU CB  HB2  sing N N 182 
LEU CB  HB3  sing N N 183 
LEU CG  CD1  sing N N 184 
LEU CG  CD2  sing N N 185 
LEU CG  HG   sing N N 186 
LEU CD1 HD11 sing N N 187 
LEU CD1 HD12 sing N N 188 
LEU CD1 HD13 sing N N 189 
LEU CD2 HD21 sing N N 190 
LEU CD2 HD22 sing N N 191 
LEU CD2 HD23 sing N N 192 
LEU OXT HXT  sing N N 193 
LYS N   CA   sing N N 194 
LYS N   H    sing N N 195 
LYS N   H2   sing N N 196 
LYS CA  C    sing N N 197 
LYS CA  CB   sing N N 198 
LYS CA  HA   sing N N 199 
LYS C   O    doub N N 200 
LYS C   OXT  sing N N 201 
LYS CB  CG   sing N N 202 
LYS CB  HB2  sing N N 203 
LYS CB  HB3  sing N N 204 
LYS CG  CD   sing N N 205 
LYS CG  HG2  sing N N 206 
LYS CG  HG3  sing N N 207 
LYS CD  CE   sing N N 208 
LYS CD  HD2  sing N N 209 
LYS CD  HD3  sing N N 210 
LYS CE  NZ   sing N N 211 
LYS CE  HE2  sing N N 212 
LYS CE  HE3  sing N N 213 
LYS NZ  HZ1  sing N N 214 
LYS NZ  HZ2  sing N N 215 
LYS NZ  HZ3  sing N N 216 
LYS OXT HXT  sing N N 217 
MET N   CA   sing N N 218 
MET N   H    sing N N 219 
MET N   H2   sing N N 220 
MET CA  C    sing N N 221 
MET CA  CB   sing N N 222 
MET CA  HA   sing N N 223 
MET C   O    doub N N 224 
MET C   OXT  sing N N 225 
MET CB  CG   sing N N 226 
MET CB  HB2  sing N N 227 
MET CB  HB3  sing N N 228 
MET CG  SD   sing N N 229 
MET CG  HG2  sing N N 230 
MET CG  HG3  sing N N 231 
MET SD  CE   sing N N 232 
MET CE  HE1  sing N N 233 
MET CE  HE2  sing N N 234 
MET CE  HE3  sing N N 235 
MET OXT HXT  sing N N 236 
PHE N   CA   sing N N 237 
PHE N   H    sing N N 238 
PHE N   H2   sing N N 239 
PHE CA  C    sing N N 240 
PHE CA  CB   sing N N 241 
PHE CA  HA   sing N N 242 
PHE C   O    doub N N 243 
PHE C   OXT  sing N N 244 
PHE CB  CG   sing N N 245 
PHE CB  HB2  sing N N 246 
PHE CB  HB3  sing N N 247 
PHE CG  CD1  doub Y N 248 
PHE CG  CD2  sing Y N 249 
PHE CD1 CE1  sing Y N 250 
PHE CD1 HD1  sing N N 251 
PHE CD2 CE2  doub Y N 252 
PHE CD2 HD2  sing N N 253 
PHE CE1 CZ   doub Y N 254 
PHE CE1 HE1  sing N N 255 
PHE CE2 CZ   sing Y N 256 
PHE CE2 HE2  sing N N 257 
PHE CZ  HZ   sing N N 258 
PHE OXT HXT  sing N N 259 
PRO N   CA   sing N N 260 
PRO N   CD   sing N N 261 
PRO N   H    sing N N 262 
PRO CA  C    sing N N 263 
PRO CA  CB   sing N N 264 
PRO CA  HA   sing N N 265 
PRO C   O    doub N N 266 
PRO C   OXT  sing N N 267 
PRO CB  CG   sing N N 268 
PRO CB  HB2  sing N N 269 
PRO CB  HB3  sing N N 270 
PRO CG  CD   sing N N 271 
PRO CG  HG2  sing N N 272 
PRO CG  HG3  sing N N 273 
PRO CD  HD2  sing N N 274 
PRO CD  HD3  sing N N 275 
PRO OXT HXT  sing N N 276 
SER N   CA   sing N N 277 
SER N   H    sing N N 278 
SER N   H2   sing N N 279 
SER CA  C    sing N N 280 
SER CA  CB   sing N N 281 
SER CA  HA   sing N N 282 
SER C   O    doub N N 283 
SER C   OXT  sing N N 284 
SER CB  OG   sing N N 285 
SER CB  HB2  sing N N 286 
SER CB  HB3  sing N N 287 
SER OG  HG   sing N N 288 
SER OXT HXT  sing N N 289 
THR N   CA   sing N N 290 
THR N   H    sing N N 291 
THR N   H2   sing N N 292 
THR CA  C    sing N N 293 
THR CA  CB   sing N N 294 
THR CA  HA   sing N N 295 
THR C   O    doub N N 296 
THR C   OXT  sing N N 297 
THR CB  OG1  sing N N 298 
THR CB  CG2  sing N N 299 
THR CB  HB   sing N N 300 
THR OG1 HG1  sing N N 301 
THR CG2 HG21 sing N N 302 
THR CG2 HG22 sing N N 303 
THR CG2 HG23 sing N N 304 
THR OXT HXT  sing N N 305 
TRP N   CA   sing N N 306 
TRP N   H    sing N N 307 
TRP N   H2   sing N N 308 
TRP CA  C    sing N N 309 
TRP CA  CB   sing N N 310 
TRP CA  HA   sing N N 311 
TRP C   O    doub N N 312 
TRP C   OXT  sing N N 313 
TRP CB  CG   sing N N 314 
TRP CB  HB2  sing N N 315 
TRP CB  HB3  sing N N 316 
TRP CG  CD1  doub Y N 317 
TRP CG  CD2  sing Y N 318 
TRP CD1 NE1  sing Y N 319 
TRP CD1 HD1  sing N N 320 
TRP CD2 CE2  doub Y N 321 
TRP CD2 CE3  sing Y N 322 
TRP NE1 CE2  sing Y N 323 
TRP NE1 HE1  sing N N 324 
TRP CE2 CZ2  sing Y N 325 
TRP CE3 CZ3  doub Y N 326 
TRP CE3 HE3  sing N N 327 
TRP CZ2 CH2  doub Y N 328 
TRP CZ2 HZ2  sing N N 329 
TRP CZ3 CH2  sing Y N 330 
TRP CZ3 HZ3  sing N N 331 
TRP CH2 HH2  sing N N 332 
TRP OXT HXT  sing N N 333 
TYR N   CA   sing N N 334 
TYR N   H    sing N N 335 
TYR N   H2   sing N N 336 
TYR CA  C    sing N N 337 
TYR CA  CB   sing N N 338 
TYR CA  HA   sing N N 339 
TYR C   O    doub N N 340 
TYR C   OXT  sing N N 341 
TYR CB  CG   sing N N 342 
TYR CB  HB2  sing N N 343 
TYR CB  HB3  sing N N 344 
TYR CG  CD1  doub Y N 345 
TYR CG  CD2  sing Y N 346 
TYR CD1 CE1  sing Y N 347 
TYR CD1 HD1  sing N N 348 
TYR CD2 CE2  doub Y N 349 
TYR CD2 HD2  sing N N 350 
TYR CE1 CZ   doub Y N 351 
TYR CE1 HE1  sing N N 352 
TYR CE2 CZ   sing Y N 353 
TYR CE2 HE2  sing N N 354 
TYR CZ  OH   sing N N 355 
TYR OH  HH   sing N N 356 
TYR OXT HXT  sing N N 357 
VAL N   CA   sing N N 358 
VAL N   H    sing N N 359 
VAL N   H2   sing N N 360 
VAL CA  C    sing N N 361 
VAL CA  CB   sing N N 362 
VAL CA  HA   sing N N 363 
VAL C   O    doub N N 364 
VAL C   OXT  sing N N 365 
VAL CB  CG1  sing N N 366 
VAL CB  CG2  sing N N 367 
VAL CB  HB   sing N N 368 
VAL CG1 HG11 sing N N 369 
VAL CG1 HG12 sing N N 370 
VAL CG1 HG13 sing N N 371 
VAL CG2 HG21 sing N N 372 
VAL CG2 HG22 sing N N 373 
VAL CG2 HG23 sing N N 374 
VAL OXT HXT  sing N N 375 
# 
_pdbx_audit_support.funding_organization   'National Research Foundation (NRF, Korea)' 
_pdbx_audit_support.country                'Korea, Republic Of' 
_pdbx_audit_support.grant_number           ? 
_pdbx_audit_support.ordinal                1 
# 
_pdbx_initial_refinement_model.id               1 
_pdbx_initial_refinement_model.entity_id_list   ? 
_pdbx_initial_refinement_model.type             'in silico model' 
_pdbx_initial_refinement_model.source_name      AlphaFold 
_pdbx_initial_refinement_model.accession_code   ? 
_pdbx_initial_refinement_model.details          ? 
# 
_space_group.name_H-M_alt     'P 63' 
_space_group.name_Hall        'P 6c' 
_space_group.IT_number        173 
_space_group.crystal_system   hexagonal 
_space_group.id               1 
# 
_atom_sites.entry_id                    9KJB 
_atom_sites.Cartn_transf_matrix[1][1]   ? 
_atom_sites.Cartn_transf_matrix[1][2]   ? 
_atom_sites.Cartn_transf_matrix[1][3]   ? 
_atom_sites.Cartn_transf_matrix[2][1]   ? 
_atom_sites.Cartn_transf_matrix[2][2]   ? 
_atom_sites.Cartn_transf_matrix[2][3]   ? 
_atom_sites.Cartn_transf_matrix[3][1]   ? 
_atom_sites.Cartn_transf_matrix[3][2]   ? 
_atom_sites.Cartn_transf_matrix[3][3]   ? 
_atom_sites.Cartn_transf_vector[1]      ? 
_atom_sites.Cartn_transf_vector[2]      ? 
_atom_sites.Cartn_transf_vector[3]      ? 
_atom_sites.Cartn_transform_axes        ? 
_atom_sites.fract_transf_matrix[1][1]   0.01771776 
_atom_sites.fract_transf_matrix[1][2]   0.00513936 
_atom_sites.fract_transf_matrix[1][3]   0.00607757 
_atom_sites.fract_transf_matrix[2][1]   0.01470709 
_atom_sites.fract_transf_matrix[2][2]   0.00096168 
_atom_sites.fract_transf_matrix[2][3]   -0.01265028 
_atom_sites.fract_transf_matrix[3][1]   -0.00339510 
_atom_sites.fract_transf_matrix[3][2]   0.01502172 
_atom_sites.fract_transf_matrix[3][3]   -0.00280515 
_atom_sites.fract_transf_vector[1]      0.334676 
_atom_sites.fract_transf_vector[2]      0.391852 
_atom_sites.fract_transf_vector[3]      0.318506 
_atom_sites.solution_primary            ? 
_atom_sites.solution_secondary          ? 
_atom_sites.solution_hydrogens          ? 
_atom_sites.special_details             ? 
# 
loop_
_atom_type.symbol 
_atom_type.scat_dispersion_real 
_atom_type.scat_dispersion_imag 
_atom_type.scat_Cromer_Mann_a1 
_atom_type.scat_Cromer_Mann_a2 
_atom_type.scat_Cromer_Mann_a3 
_atom_type.scat_Cromer_Mann_a4 
_atom_type.scat_Cromer_Mann_b1 
_atom_type.scat_Cromer_Mann_b2 
_atom_type.scat_Cromer_Mann_b3 
_atom_type.scat_Cromer_Mann_b4 
_atom_type.scat_Cromer_Mann_c 
_atom_type.scat_source 
_atom_type.scat_dispersion_source 
C   ? ? 3.54356 2.42580 ? ? 25.62398 1.50364  ? ? 0.0 
;2-Gaussian fit: Grosse-Kunstleve RW, Sauter NK, Adams PD: Newsletter of the IUCr Commission on Crystallographic Computing 2004, 3, 22-31.
;
? 
N   ? ? 4.01032 2.96436 ? ? 19.97189 1.75589  ? ? 0.0 
;2-Gaussian fit: Grosse-Kunstleve RW, Sauter NK, Adams PD: Newsletter of the IUCr Commission on Crystallographic Computing 2004, 3, 22-31.
;
? 
O   ? ? 4.49882 3.47563 ? ? 15.80542 1.70748  ? ? 0.0 
;2-Gaussian fit: Grosse-Kunstleve RW, Sauter NK, Adams PD: Newsletter of the IUCr Commission on Crystallographic Computing 2004, 3, 22-31.
;
? 
O1- ? ? 5.12366 3.84317 ? ? 3.49406  27.47979 ? ? 0.0 
;2-Gaussian fit: Grosse-Kunstleve RW, Sauter NK, Adams PD: Newsletter of the IUCr Commission on Crystallographic Computing 2004, 3, 22-31.
;
? 
S   ? ? 9.55732 6.39887 ? ? 1.23737  29.19336 ? ? 0.0 
;2-Gaussian fit: Grosse-Kunstleve RW, Sauter NK, Adams PD: Newsletter of the IUCr Commission on Crystallographic Computing 2004, 3, 22-31.
;
? 
# 
loop_
_atom_site.group_PDB 
_atom_site.id 
_atom_site.type_symbol 
_atom_site.label_atom_id 
_atom_site.label_alt_id 
_atom_site.label_comp_id 
_atom_site.label_asym_id 
_atom_site.label_entity_id 
_atom_site.label_seq_id 
_atom_site.pdbx_PDB_ins_code 
_atom_site.Cartn_x 
_atom_site.Cartn_y 
_atom_site.Cartn_z 
_atom_site.occupancy 
_atom_site.B_iso_or_equiv 
_atom_site.pdbx_formal_charge 
_atom_site.auth_seq_id 
_atom_site.auth_comp_id 
_atom_site.auth_asym_id 
_atom_site.auth_atom_id 
_atom_site.pdbx_PDB_model_num 
ATOM   1   N N   . MET A 1 1   ? 4.47084   14.96716  7.79915   1.000 21.21662 ?  1   MET A N   1 
ATOM   2   C CA  . MET A 1 1   ? 4.26877   14.88392  6.36292   1.000 18.76209 ?  1   MET A CA  1 
ATOM   3   C C   . MET A 1 1   ? 4.35113   16.29782  5.80486   1.000 26.73805 ?  1   MET A C   1 
ATOM   4   O O   . MET A 1 1   ? 3.68981   17.19415  6.30098   1.000 24.77276 ?  1   MET A O   1 
ATOM   5   C CB  . MET A 1 1   ? 2.90978   14.26474  6.02489   1.000 24.53108 ?  1   MET A CB  1 
ATOM   6   C CG  . MET A 1 1   ? 2.57654   14.24131  4.52456   1.000 20.12603 ?  1   MET A CG  1 
ATOM   7   S SD  . MET A 1 1   ? 0.98342   13.48561  4.19338   1.000 12.01775 ?  1   MET A SD  1 
ATOM   8   C CE  . MET A 1 1   ? 1.18293   11.86646  4.95356   1.000 22.16925 ?  1   MET A CE  1 
ATOM   9   N N   . ILE A 1 2   ? 5.13228   16.50902  4.80006   1.000 23.47900 ?  2   ILE A N   1 
ATOM   10  C CA  . ILE A 1 2   ? 5.23436   17.85156  4.25521   1.000 26.35318 ?  2   ILE A CA  1 
ATOM   11  C C   . ILE A 1 2   ? 4.12998   18.04873  3.23648   1.000 26.65424 ?  2   ILE A C   1 
ATOM   12  O O   . ILE A 1 2   ? 3.64729   17.10067  2.59814   1.000 26.33693 ?  2   ILE A O   1 
ATOM   13  C CB  . ILE A 1 2   ? 6.62675   18.10329  3.65319   1.000 32.54173 ?  2   ILE A CB  1 
ATOM   14  C CG1 . ILE A 1 2   ? 6.69066   17.56829  2.23900   1.000 28.57117 ?  2   ILE A CG1 1 
ATOM   15  C CG2 . ILE A 1 2   ? 7.67673   17.40654  4.49057   1.000 36.45340 ?  2   ILE A CG2 1 
ATOM   16  C CD1 . ILE A 1 2   ? 7.73927   18.23637  1.42741   1.000 33.10599 ?  2   ILE A CD1 1 
ATOM   17  N N   . GLY A 1 3   ? 3.70813   19.29753  3.10230   1.000 21.36452 ?  3   GLY A N   1 
ATOM   18  C CA  . GLY A 1 3   ? 2.58456   19.63284  2.25762   1.000 20.58935 ?  3   GLY A CA  1 
ATOM   19  C C   . GLY A 1 3   ? 1.78379   20.72923  2.90956   1.000 21.36618 ?  3   GLY A C   1 
ATOM   20  O O   . GLY A 1 3   ? 2.00038   21.02890  4.09240   1.000 18.81784 ?  3   GLY A O   1 
ATOM   21  N N   . SER A 1 4   ? 0.89755   21.36661  2.15084   1.000 18.56527 ?  4   SER A N   1 
ATOM   22  C CA  . SER A 1 4   ? -0.02173  22.29990  2.77003   1.000 20.75919 ?  4   SER A CA  1 
ATOM   23  C C   . SER A 1 4   ? -1.01206  21.53508  3.64939   1.000 25.33384 ?  4   SER A C   1 
ATOM   24  O O   . SER A 1 4   ? -1.09732  20.30799  3.60217   1.000 20.98223 ?  4   SER A O   1 
ATOM   25  C CB  . SER A 1 4   ? -0.76172  23.09923  1.70786   1.000 18.02282 ?  4   SER A CB  1 
ATOM   26  O OG  . SER A 1 4   ? -1.60601  22.26012  0.93480   1.000 22.10457 ?  4   SER A OG  1 
ATOM   27  N N   . GLU A 1 5   ? -1.78664  22.27478  4.45093   1.000 21.42014 ?  5   GLU A N   1 
ATOM   28  C CA  . GLU A 1 5   ? -2.77898  21.61941  5.29897   1.000 21.95410 ?  5   GLU A CA  1 
ATOM   29  C C   . GLU A 1 5   ? -3.79712  20.85527  4.45789   1.000 20.12625 ?  5   GLU A C   1 
ATOM   30  O O   . GLU A 1 5   ? -4.21185  19.74399  4.81883   1.000 20.33188 ?  5   GLU A O   1 
ATOM   31  C CB  . GLU A 1 5   ? -3.47977  22.64756  6.18808   1.000 17.25257 ?  5   GLU A CB  1 
ATOM   32  C CG  . GLU A 1 5   ? -4.36440  22.02139  7.26361   1.000 20.39402 ?  5   GLU A CG  1 
ATOM   33  C CD  . GLU A 1 5   ? -3.64374  21.89790  8.59743   1.000 19.76640 ?  5   GLU A CD  1 
ATOM   34  O OE1 . GLU A 1 5   ? -2.40018  22.01834  8.63011   1.000 21.49411 ?  5   GLU A OE1 1 
ATOM   35  O OE2 . GLU A 1 5   ? -4.32091  21.67689  9.61819   1.000 20.99815 -1 5   GLU A OE2 1 
ATOM   36  N N   . LYS A 1 6   ? -4.20935  21.43672  3.33075   1.000 18.92790 ?  6   LYS A N   1 
ATOM   37  C CA  . LYS A 1 6   ? -5.12825  20.75040  2.43189   1.000 21.78045 ?  6   LYS A CA  1 
ATOM   38  C C   . LYS A 1 6   ? -4.49808  19.47821  1.88065   1.000 22.14513 ?  6   LYS A C   1 
ATOM   39  O O   . LYS A 1 6   ? -5.10943  18.40531  1.91436   1.000 23.40359 ?  6   LYS A O   1 
ATOM   40  C CB  . LYS A 1 6   ? -5.53509  21.68550  1.29235   1.000 24.07580 ?  6   LYS A CB  1 
ATOM   41  C CG  . LYS A 1 6   ? -6.66866  21.16051  0.43668   1.000 25.76964 ?  6   LYS A CG  1 
ATOM   42  C CD  . LYS A 1 6   ? -7.06792  22.20158  -0.60452  1.000 34.87752 ?  6   LYS A CD  1 
ATOM   43  C CE  . LYS A 1 6   ? -7.02826  21.61293  -2.01700  1.000 36.50331 ?  6   LYS A CE  1 
ATOM   44  N NZ  . LYS A 1 6   ? -8.16608  20.67516  -2.25842  1.000 48.39116 ?  6   LYS A NZ  1 
ATOM   45  N N   . GLN A 1 7   ? -3.27313  19.58665  1.35684   1.000 20.01500 ?  7   GLN A N   1 
ATOM   46  C CA  . GLN A 1 7   ? -2.59870  18.42958  0.77945   1.000 18.04859 ?  7   GLN A CA  1 
ATOM   47  C C   . GLN A 1 7   ? -2.39070  17.34526  1.82569   1.000 21.93476 ?  7   GLN A C   1 
ATOM   48  O O   . GLN A 1 7   ? -2.63435  16.16394  1.56715   1.000 22.74094 ?  7   GLN A O   1 
ATOM   49  C CB  . GLN A 1 7   ? -1.25433  18.84476  0.18250   1.000 16.03674 ?  7   GLN A CB  1 
ATOM   50  C CG  . GLN A 1 7   ? -1.34814  19.60951  -1.11324  1.000 16.27576 ?  7   GLN A CG  1 
ATOM   51  C CD  . GLN A 1 7   ? 0.00508   20.12843  -1.57242  1.000 20.38863 ?  7   GLN A CD  1 
ATOM   52  O OE1 . GLN A 1 7   ? 0.87600   20.44534  -0.77166  1.000 17.64940 ?  7   GLN A OE1 1 
ATOM   53  N NE2 . GLN A 1 7   ? 0.18244   20.21195  -2.87303  1.000 28.39433 ?  7   GLN A NE2 1 
ATOM   54  N N   . VAL A 1 8   ? -1.90804  17.72977  3.00809   1.000 19.63073 ?  8   VAL A N   1 
ATOM   55  C CA  . VAL A 1 8   ? -1.63459  16.75988  4.06249   1.000 17.05083 ?  8   VAL A CA  1 
ATOM   56  C C   . VAL A 1 8   ? -2.92037  16.07422  4.50329   1.000 20.99432 ?  8   VAL A C   1 
ATOM   57  O O   . VAL A 1 8   ? -2.94351  14.85725  4.73162   1.000 17.10489 ?  8   VAL A O   1 
ATOM   58  C CB  . VAL A 1 8   ? -0.91905  17.44745  5.23663   1.000 20.32435 ?  8   VAL A CB  1 
ATOM   59  C CG1 . VAL A 1 8   ? -1.00619  16.61020  6.49041   1.000 24.21868 ?  8   VAL A CG1 1 
ATOM   60  C CG2 . VAL A 1 8   ? 0.53886   17.71827  4.88375   1.000 20.86891 ?  8   VAL A CG2 1 
ATOM   61  N N   . ASN A 1 9   ? -4.01676  16.83457  4.60803   1.000 19.46411 ?  9   ASN A N   1 
ATOM   62  C CA  . ASN A 1 9   ? -5.28586  16.24205  5.01829   1.000 21.44361 ?  9   ASN A CA  1 
ATOM   63  C C   . ASN A 1 9   ? -5.79038  15.25914  3.96706   1.000 23.16250 ?  9   ASN A C   1 
ATOM   64  O O   . ASN A 1 9   ? -6.23171  14.14596  4.29229   1.000 23.77407 ?  9   ASN A O   1 
ATOM   65  C CB  . ASN A 1 9   ? -6.32372  17.33827  5.26130   1.000 22.30465 ?  9   ASN A CB  1 
ATOM   66  C CG  . ASN A 1 9   ? -6.27091  17.89931  6.67701   1.000 22.40045 ?  9   ASN A CG  1 
ATOM   67  O OD1 . ASN A 1 9   ? -5.67929  17.31159  7.58003   1.000 22.19951 ?  9   ASN A OD1 1 
ATOM   68  N ND2 . ASN A 1 9   ? -6.87832  19.05025  6.86463   1.000 20.24863 ?  9   ASN A ND2 1 
ATOM   69  N N   . TRP A 1 10  ? -5.73924  15.66253  2.69872   1.000 22.83795 ?  10  TRP A N   1 
ATOM   70  C CA  . TRP A 1 10  ? -6.12958  14.76906  1.61290   1.000 23.10623 ?  10  TRP A CA  1 
ATOM   71  C C   . TRP A 1 10  ? -5.29466  13.49623  1.63132   1.000 24.31353 ?  10  TRP A C   1 
ATOM   72  O O   . TRP A 1 10  ? -5.83708  12.38357  1.58982   1.000 21.01624 ?  10  TRP A O   1 
ATOM   73  C CB  . TRP A 1 10  ? -5.97383  15.48944  0.27882   1.000 20.02604 ?  10  TRP A CB  1 
ATOM   74  C CG  . TRP A 1 10  ? -6.61659  14.81005  -0.88295  1.000 25.96654 ?  10  TRP A CG  1 
ATOM   75  C CD1 . TRP A 1 10  ? -7.38091  13.66613  -0.86859  1.000 22.88901 ?  10  TRP A CD1 1 
ATOM   76  C CD2 . TRP A 1 10  ? -6.55958  15.23853  -2.24649  1.000 23.63267 ?  10  TRP A CD2 1 
ATOM   77  N NE1 . TRP A 1 10  ? -7.80139  13.36960  -2.14500  1.000 24.85419 ?  10  TRP A NE1 1 
ATOM   78  C CE2 . TRP A 1 10  ? -7.30572  14.31314  -3.00949  1.000 26.45057 ?  10  TRP A CE2 1 
ATOM   79  C CE3 . TRP A 1 10  ? -5.94189  16.30939  -2.89809  1.000 21.47157 ?  10  TRP A CE3 1 
ATOM   80  C CZ2 . TRP A 1 10  ? -7.45553  14.43457  -4.38839  1.000 26.76558 ?  10  TRP A CZ2 1 
ATOM   81  C CZ3 . TRP A 1 10  ? -6.09192  16.42731  -4.27576  1.000 23.69130 ?  10  TRP A CZ3 1 
ATOM   82  C CH2 . TRP A 1 10  ? -6.84392  15.49801  -5.00199  1.000 24.07436 ?  10  TRP A CH2 1 
ATOM   83  N N   . ALA A 1 11  ? -3.96635  13.64930  1.72759   1.000 20.94361 ?  11  ALA A N   1 
ATOM   84  C CA  . ALA A 1 11  ? -3.05092  12.51225  1.64693   1.000 22.53517 ?  11  ALA A CA  1 
ATOM   85  C C   . ALA A 1 11  ? -3.23356  11.56413  2.81959   1.000 22.13733 ?  11  ALA A C   1 
ATOM   86  O O   . ALA A 1 11  ? -3.20584  10.34365  2.64303   1.000 18.44084 ?  11  ALA A O   1 
ATOM   87  C CB  . ALA A 1 11  ? -1.59876  13.00543  1.59799   1.000 20.05493 ?  11  ALA A CB  1 
ATOM   88  N N   . LYS A 1 12  ? -3.39377  12.10466  4.03423   1.000 24.42403 ?  12  LYS A N   1 
ATOM   89  C CA  . LYS A 1 12  ? -3.61627  11.25225  5.19694   1.000 21.20740 ?  12  LYS A CA  1 
ATOM   90  C C   . LYS A 1 12  ? -4.93096  10.50446  5.07650   1.000 22.10964 ?  12  LYS A C   1 
ATOM   91  O O   . LYS A 1 12  ? -5.02658  9.34088   5.48342   1.000 20.70510 ?  12  LYS A O   1 
ATOM   92  C CB  . LYS A 1 12  ? -3.60755  12.07707  6.48098   1.000 24.76129 ?  12  LYS A CB  1 
ATOM   93  C CG  . LYS A 1 12  ? -2.26276  12.62592  6.87121   1.000 24.69243 ?  12  LYS A CG  1 
ATOM   94  C CD  . LYS A 1 12  ? -2.45420  13.54624  8.04688   1.000 26.79611 ?  12  LYS A CD  1 
ATOM   95  C CE  . LYS A 1 12  ? -1.17709  13.85729  8.78091   1.000 23.76555 ?  12  LYS A CE  1 
ATOM   96  N NZ  . LYS A 1 12  ? -1.46434  15.02668  9.69927   1.000 29.61520 ?  12  LYS A NZ  1 
ATOM   97  N N   . SER A 1 13  ? -5.95916  11.14672  4.51423   1.000 20.33945 ?  13  SER A N   1 
ATOM   98  C CA  . SER A 1 13  ? -7.21736  10.42978  4.34172   1.000 23.56902 ?  13  SER A CA  1 
ATOM   99  C C   . SER A 1 13  ? -7.08363  9.30865   3.30409   1.000 25.61768 ?  13  SER A C   1 
ATOM   100 O O   . SER A 1 13  ? -7.57823  8.18937   3.51596   1.000 22.20748 ?  13  SER A O   1 
ATOM   101 C CB  . SER A 1 13  ? -8.32166  11.42763  3.99790   1.000 23.17173 ?  13  SER A CB  1 
ATOM   102 O OG  . SER A 1 13  ? -8.20731  11.87445  2.67394   1.000 32.39176 ?  13  SER A OG  1 
ATOM   103 N N   . ILE A 1 14  ? -6.37663  9.57537   2.20325   1.000 21.03439 ?  14  ILE A N   1 
ATOM   104 C CA  . ILE A 1 14  ? -6.05937  8.52370   1.23523   1.000 20.09145 ?  14  ILE A CA  1 
ATOM   105 C C   . ILE A 1 14  ? -5.33682  7.36689   1.91775   1.000 20.04015 ?  14  ILE A C   1 
ATOM   106 O O   . ILE A 1 14  ? -5.69619  6.19224   1.74383   1.000 21.33693 ?  14  ILE A O   1 
ATOM   107 C CB  . ILE A 1 14  ? -5.21693  9.09428   0.07675   1.000 19.60127 ?  14  ILE A CB  1 
ATOM   108 C CG1 . ILE A 1 14  ? -6.10360  9.90489   -0.87434  1.000 22.80267 ?  14  ILE A CG1 1 
ATOM   109 C CG2 . ILE A 1 14  ? -4.47752  7.96913   -0.65823  1.000 18.19085 ?  14  ILE A CG2 1 
ATOM   110 C CD1 . ILE A 1 14  ? -5.32486  10.85869  -1.76947  1.000 19.49801 ?  14  ILE A CD1 1 
ATOM   111 N N   . ILE A 1 15  ? -4.29886  7.68218   2.69609   1.000 15.90962 ?  15  ILE A N   1 
ATOM   112 C CA  . ILE A 1 15  ? -3.45079  6.64226   3.27561   1.000 18.78023 ?  15  ILE A CA  1 
ATOM   113 C C   . ILE A 1 15  ? -4.23652  5.80844   4.28222   1.000 21.85821 ?  15  ILE A C   1 
ATOM   114 O O   . ILE A 1 15  ? -4.08758  4.58288   4.34962   1.000 21.25529 ?  15  ILE A O   1 
ATOM   115 C CB  . ILE A 1 15  ? -2.19264  7.28286   3.90498   1.000 22.78118 ?  15  ILE A CB  1 
ATOM   116 C CG1 . ILE A 1 15  ? -1.18176  7.67528   2.81139   1.000 17.78369 ?  15  ILE A CG1 1 
ATOM   117 C CG2 . ILE A 1 15  ? -1.55330  6.37460   4.92275   1.000 17.16684 ?  15  ILE A CG2 1 
ATOM   118 C CD1 . ILE A 1 15  ? -0.50022  6.48060   2.15307   1.000 19.13429 ?  15  ILE A CD1 1 
ATOM   119 N N   . GLU A 1 16  ? -5.09545  6.44820   5.06971   1.000 20.34973 ?  16  GLU A N   1 
ATOM   120 C CA  . GLU A 1 16  ? -5.85349  5.68915   6.05491   1.000 23.77910 ?  16  GLU A CA  1 
ATOM   121 C C   . GLU A 1 16  ? -6.88474  4.78996   5.37861   1.000 18.83510 ?  16  GLU A C   1 
ATOM   122 O O   . GLU A 1 16  ? -7.05474  3.63071   5.77826   1.000 21.38364 ?  16  GLU A O   1 
ATOM   123 C CB  . GLU A 1 16  ? -6.50320  6.64373   7.06304   1.000 25.35261 ?  16  GLU A CB  1 
ATOM   124 C CG  . GLU A 1 16  ? -5.53031  7.13213   8.16526   1.000 28.82857 ?  16  GLU A CG  1 
ATOM   125 C CD  . GLU A 1 16  ? -4.68217  6.01435   8.77132   1.000 29.13700 ?  16  GLU A CD  1 
ATOM   126 O OE1 . GLU A 1 16  ? -5.27443  5.02178   9.26626   1.000 30.89809 ?  16  GLU A OE1 1 
ATOM   127 O OE2 . GLU A 1 16  ? -3.42866  6.12464   8.75772   1.000 26.41385 -1 16  GLU A OE2 1 
ATOM   128 N N   . LYS A 1 17  ? -7.56129  5.28885   4.33431   1.000 19.44595 ?  17  LYS A N   1 
ATOM   129 C CA  . LYS A 1 17  ? -8.43659  4.41846   3.54956   1.000 18.51454 ?  17  LYS A CA  1 
ATOM   130 C C   . LYS A 1 17  ? -7.68278  3.21378   2.98158   1.000 22.84699 ?  17  LYS A C   1 
ATOM   131 O O   . LYS A 1 17  ? -8.19429  2.08308   2.99412   1.000 23.23203 ?  17  LYS A O   1 
ATOM   132 C CB  . LYS A 1 17  ? -9.08233  5.21565   2.42100   1.000 25.84596 ?  17  LYS A CB  1 
ATOM   133 C CG  . LYS A 1 17  ? -9.90280  4.36031   1.46462   1.000 35.36902 ?  17  LYS A CG  1 
ATOM   134 C CD  . LYS A 1 17  ? -10.83237 5.19142   0.57832   1.000 45.82290 ?  17  LYS A CD  1 
ATOM   135 C CE  . LYS A 1 17  ? -12.25917 5.21515   1.14775   1.000 46.14841 ?  17  LYS A CE  1 
ATOM   136 N NZ  . LYS A 1 17  ? -12.30106 5.65563   2.58639   1.000 49.30037 ?  17  LYS A NZ  1 
ATOM   137 N N   . GLU A 1 18  ? -6.47233  3.43878   2.45907   1.000 20.80363 ?  18  GLU A N   1 
ATOM   138 C CA  . GLU A 1 18  ? -5.70188  2.34721   1.86420   1.000 20.27223 ?  18  GLU A CA  1 
ATOM   139 C C   . GLU A 1 18  ? -5.32419  1.31089   2.91331   1.000 19.55656 ?  18  GLU A C   1 
ATOM   140 O O   . GLU A 1 18  ? -5.49234  0.10230   2.69604   1.000 17.44526 ?  18  GLU A O   1 
ATOM   141 C CB  . GLU A 1 18  ? -4.44765  2.89448   1.18070   1.000 18.11434 ?  18  GLU A CB  1 
ATOM   142 C CG  . GLU A 1 18  ? -4.72383  3.65779   -0.11834  1.000 16.58058 ?  18  GLU A CG  1 
ATOM   143 C CD  . GLU A 1 18  ? -5.65997  2.92036   -1.05026  1.000 17.91321 ?  18  GLU A CD  1 
ATOM   144 O OE1 . GLU A 1 18  ? -5.44368  1.71624   -1.26545  1.000 19.75072 ?  18  GLU A OE1 1 
ATOM   145 O OE2 . GLU A 1 18  ? -6.59572  3.54118   -1.60191  1.000 19.01142 -1 18  GLU A OE2 1 
ATOM   146 N N   . VAL A 1 19  ? -4.81347  1.77042   4.05941   1.000 19.88210 ?  19  VAL A N   1 
ATOM   147 C CA  . VAL A 1 19  ? -4.48355  0.86186   5.15352   1.000 18.02500 ?  19  VAL A CA  1 
ATOM   148 C C   . VAL A 1 19  ? -5.70112  0.04179   5.57639   1.000 23.37335 ?  19  VAL A C   1 
ATOM   149 O O   . VAL A 1 19  ? -5.58409  -1.15913  5.85847   1.000 22.91013 ?  19  VAL A O   1 
ATOM   150 C CB  . VAL A 1 19  ? -3.89808  1.63590   6.34100   1.000 20.29903 ?  19  VAL A CB  1 
ATOM   151 C CG1 . VAL A 1 19  ? -3.84228  0.71593   7.56320   1.000 22.63364 ?  19  VAL A CG1 1 
ATOM   152 C CG2 . VAL A 1 19  ? -2.52820  2.13914   6.00191   1.000 21.85393 ?  19  VAL A CG2 1 
ATOM   153 N N   . GLU A 1 20  ? -6.88521  0.66988   5.63097   1.000 18.80893 ?  20  GLU A N   1 
ATOM   154 C CA  . GLU A 1 20  ? -8.09868  -0.07603  5.95645   1.000 23.33885 ?  20  GLU A CA  1 
ATOM   155 C C   . GLU A 1 20  ? -8.39630  -1.15979  4.91760   1.000 24.08863 ?  20  GLU A C   1 
ATOM   156 O O   . GLU A 1 20  ? -8.77856  -2.28857  5.26396   1.000 20.93965 ?  20  GLU A O   1 
ATOM   157 C CB  . GLU A 1 20  ? -9.27803  0.88109   6.07753   1.000 22.77611 ?  20  GLU A CB  1 
ATOM   158 C CG  . GLU A 1 20  ? -10.61288 0.20989   6.41247   1.000 38.85976 ?  20  GLU A CG  1 
ATOM   159 C CD  . GLU A 1 20  ? -11.83462 1.05697   6.02273   1.000 41.46907 ?  20  GLU A CD  1 
ATOM   160 O OE1 . GLU A 1 20  ? -11.91239 1.51592   4.86041   1.000 43.29576 ?  20  GLU A OE1 1 
ATOM   161 O OE2 . GLU A 1 20  ? -12.72150 1.26157   6.88333   1.000 51.86603 -1 20  GLU A OE2 1 
ATOM   162 N N   . ALA A 1 21  ? -8.25363  -0.83817  3.63600   1.000 20.18586 ?  21  ALA A N   1 
ATOM   163 C CA  . ALA A 1 21  ? -8.49447  -1.87271  2.63334   1.000 21.04902 ?  21  ALA A CA  1 
ATOM   164 C C   . ALA A 1 21  ? -7.50721  -3.02929  2.79469   1.000 20.82343 ?  21  ALA A C   1 
ATOM   165 O O   . ALA A 1 21  ? -7.89492  -4.19943  2.70767   1.000 23.00061 ?  21  ALA A O   1 
ATOM   166 C CB  . ALA A 1 21  ? -8.43310  -1.28529  1.22462   1.000 21.38862 ?  21  ALA A CB  1 
ATOM   167 N N   . TRP A 1 22  ? -6.23241  -2.73020  3.07222   1.000 16.32236 ?  22  TRP A N   1 
ATOM   168 C CA  . TRP A 1 22  ? -5.27676  -3.82064  3.24843   1.000 19.94051 ?  22  TRP A CA  1 
ATOM   169 C C   . TRP A 1 22  ? -5.61041  -4.63830  4.49601   1.000 27.54597 ?  22  TRP A C   1 
ATOM   170 O O   . TRP A 1 22  ? -5.50412  -5.87234  4.48794   1.000 25.83024 ?  22  TRP A O   1 
ATOM   171 C CB  . TRP A 1 22  ? -3.84420  -3.28983  3.31776   1.000 17.92836 ?  22  TRP A CB  1 
ATOM   172 C CG  . TRP A 1 22  ? -3.25490  -2.93538  1.97825   1.000 19.32799 ?  22  TRP A CG  1 
ATOM   173 C CD1 . TRP A 1 22  ? -3.32345  -1.72060  1.34492   1.000 16.38387 ?  22  TRP A CD1 1 
ATOM   174 C CD2 . TRP A 1 22  ? -2.50068  -3.79992  1.10691   1.000 19.06508 ?  22  TRP A CD2 1 
ATOM   175 N NE1 . TRP A 1 22  ? -2.66540  -1.77883  0.13778   1.000 15.15775 ?  22  TRP A NE1 1 
ATOM   176 C CE2 . TRP A 1 22  ? -2.15332  -3.04123  -0.03390  1.000 19.32885 ?  22  TRP A CE2 1 
ATOM   177 C CE3 . TRP A 1 22  ? -2.10756  -5.14366  1.17266   1.000 15.94749 ?  22  TRP A CE3 1 
ATOM   178 C CZ2 . TRP A 1 22  ? -1.41662  -3.57745  -1.09222  1.000 17.83787 ?  22  TRP A CZ2 1 
ATOM   179 C CZ3 . TRP A 1 22  ? -1.38682  -5.67853  0.11899   1.000 16.94590 ?  22  TRP A CZ3 1 
ATOM   180 C CH2 . TRP A 1 22  ? -1.04360  -4.89356  -0.99931  1.000 16.33958 ?  22  TRP A CH2 1 
ATOM   181 N N   . GLU A 1 23  ? -6.03387  -3.97603  5.56798   1.000 20.66004 ?  23  GLU A N   1 
ATOM   182 C CA  . GLU A 1 23  ? -6.33488  -4.68930  6.80063   1.000 25.33310 ?  23  GLU A CA  1 
ATOM   183 C C   . GLU A 1 23  ? -7.63708  -5.46121  6.71884   1.000 25.79560 ?  23  GLU A C   1 
ATOM   184 O O   . GLU A 1 23  ? -7.88945  -6.29350  7.59192   1.000 29.83604 ?  23  GLU A O   1 
ATOM   185 C CB  . GLU A 1 23  ? -6.37058  -3.71658  7.99247   1.000 22.17676 ?  23  GLU A CB  1 
ATOM   186 C CG  . GLU A 1 23  ? -4.98354  -3.14520  8.29925   1.000 27.04905 ?  23  GLU A CG  1 
ATOM   187 C CD  . GLU A 1 23  ? -4.93673  -2.22822  9.50564   1.000 27.12109 ?  23  GLU A CD  1 
ATOM   188 O OE1 . GLU A 1 23  ? -5.97542  -1.64611  9.87414   1.000 25.61936 ?  23  GLU A OE1 1 
ATOM   189 O OE2 . GLU A 1 23  ? -3.84101  -2.08510  10.08098  1.000 28.67734 -1 23  GLU A OE2 1 
ATOM   190 N N   . ALA A 1 24  ? -8.46713  -5.20143  5.70927   1.000 24.62278 ?  24  ALA A N   1 
ATOM   191 C CA  . ALA A 1 24  ? -9.67325  -6.00216  5.53663   1.000 25.53096 ?  24  ALA A CA  1 
ATOM   192 C C   . ALA A 1 24  ? -9.41072  -7.35190  4.88031   1.000 31.50340 ?  24  ALA A C   1 
ATOM   193 O O   . ALA A 1 24  ? -10.36829 -8.11174  4.69547   1.000 31.40548 ?  24  ALA A O   1 
ATOM   194 C CB  . ALA A 1 24  ? -10.71444 -5.24812  4.70466   1.000 23.72186 ?  24  ALA A CB  1 
ATOM   195 N N   . ILE A 1 25  ? -8.16387  -7.65282  4.48609   1.000 27.17541 ?  25  ILE A N   1 
ATOM   196 C CA  . ILE A 1 25  ? -7.87883  -8.94952  3.87239   1.000 24.98257 ?  25  ILE A CA  1 
ATOM   197 C C   . ILE A 1 25  ? -8.04781  -10.05912 4.89742   1.000 26.68051 ?  25  ILE A C   1 
ATOM   198 O O   . ILE A 1 25  ? -8.57001  -11.13170 4.59055   1.000 29.69397 ?  25  ILE A O   1 
ATOM   199 C CB  . ILE A 1 25  ? -6.46177  -8.98118  3.26458   1.000 27.97583 ?  25  ILE A CB  1 
ATOM   200 C CG1 . ILE A 1 25  ? -6.24413  -7.86569  2.24554   1.000 25.73544 ?  25  ILE A CG1 1 
ATOM   201 C CG2 . ILE A 1 25  ? -6.17694  -10.33278 2.61355   1.000 27.39164 ?  25  ILE A CG2 1 
ATOM   202 C CD1 . ILE A 1 25  ? -4.81176  -7.82730  1.75835   1.000 17.11669 ?  25  ILE A CD1 1 
ATOM   203 N N   . GLY A 1 26  ? -7.60453  -9.82126  6.12392   1.000 25.66137 ?  26  GLY A N   1 
ATOM   204 C CA  . GLY A 1 26  ? -7.60055  -10.84170 7.14248   1.000 28.59832 ?  26  GLY A CA  1 
ATOM   205 C C   . GLY A 1 26  ? -6.29334  -11.57470 7.30458   1.000 33.90426 ?  26  GLY A C   1 
ATOM   206 O O   . GLY A 1 26  ? -6.29748  -12.70523 7.81414   1.000 32.72259 ?  26  GLY A O   1 
ATOM   207 N N   . VAL A 1 27  ? -5.17924  -10.98471 6.86474   1.000 29.00302 ?  27  VAL A N   1 
ATOM   208 C CA  . VAL A 1 27  ? -3.85373  -11.55267 7.04907   1.000 24.44576 ?  27  VAL A CA  1 
ATOM   209 C C   . VAL A 1 27  ? -2.93114  -10.43831 7.52967   1.000 27.59050 ?  27  VAL A C   1 
ATOM   210 O O   . VAL A 1 27  ? -3.25748  -9.25003  7.45982   1.000 28.15376 ?  27  VAL A O   1 
ATOM   211 C CB  . VAL A 1 27  ? -3.29824  -12.20125 5.75726   1.000 28.75312 ?  27  VAL A CB  1 
ATOM   212 C CG1 . VAL A 1 27  ? -4.23292  -13.28978 5.24760   1.000 29.02838 ?  27  VAL A CG1 1 
ATOM   213 C CG2 . VAL A 1 27  ? -3.06463  -11.16046 4.69094   1.000 22.42178 ?  27  VAL A CG2 1 
ATOM   214 N N   . ASP A 1 28  ? -1.76282  -10.83769 8.01956   1.000 21.87166 ?  28  ASP A N   1 
ATOM   215 C CA  . ASP A 1 28  ? -0.78352  -9.87767  8.50560   1.000 27.43144 ?  28  ASP A CA  1 
ATOM   216 C C   . ASP A 1 28  ? -0.32361  -8.95671  7.37530   1.000 27.96086 ?  28  ASP A C   1 
ATOM   217 O O   . ASP A 1 28  ? 0.32309   -9.41382  6.42816   1.000 28.88069 ?  28  ASP A O   1 
ATOM   218 C CB  . ASP A 1 28  ? 0.38500   -10.63066 9.12729   1.000 29.92930 ?  28  ASP A CB  1 
ATOM   219 C CG  . ASP A 1 28  ? 1.47013   -9.71686  9.64064   1.000 33.93559 ?  28  ASP A CG  1 
ATOM   220 O OD1 . ASP A 1 28  ? 1.27868   -8.48225  9.65765   1.000 28.41229 ?  28  ASP A OD1 1 
ATOM   221 O OD2 . ASP A 1 28  ? 2.52501   -10.25161 10.03634  1.000 33.86427 -1 28  ASP A OD2 1 
ATOM   222 N N   . VAL A 1 29  ? -0.66492  -7.66459  7.45621   1.000 21.78238 ?  29  VAL A N   1 
ATOM   223 C CA  . VAL A 1 29  ? -0.27436  -6.68460  6.44206   1.000 22.02052 ?  29  VAL A CA  1 
ATOM   224 C C   . VAL A 1 29  ? 0.45857   -5.52954  7.10788   1.000 23.86752 ?  29  VAL A C   1 
ATOM   225 O O   . VAL A 1 29  ? 0.41483   -4.39161  6.62537   1.000 23.00142 ?  29  VAL A O   1 
ATOM   226 C CB  . VAL A 1 29  ? -1.49452  -6.16077  5.65655   1.000 25.02269 ?  29  VAL A CB  1 
ATOM   227 C CG1 . VAL A 1 29  ? -2.06797  -7.24003  4.73858   1.000 25.08708 ?  29  VAL A CG1 1 
ATOM   228 C CG2 . VAL A 1 29  ? -2.56852  -5.63850  6.60943   1.000 19.29651 ?  29  VAL A CG2 1 
ATOM   229 N N   . ARG A 1 30  ? 1.14525   -5.81331  8.21582   1.000 28.65702 ?  30  ARG A N   1 
ATOM   230 C CA  . ARG A 1 30  ? 1.72773   -4.74790  9.03105   1.000 26.44216 ?  30  ARG A CA  1 
ATOM   231 C C   . ARG A 1 30  ? 2.86674   -4.03852  8.30790   1.000 22.90357 ?  30  ARG A C   1 
ATOM   232 O O   . ARG A 1 30  ? 3.03908   -2.82446  8.44667   1.000 24.89733 ?  30  ARG A O   1 
ATOM   233 C CB  . ARG A 1 30  ? 2.20306   -5.32638  10.36448  1.000 24.26462 ?  30  ARG A CB  1 
ATOM   234 C CG  . ARG A 1 30  ? 1.03221   -5.62076  11.30687  1.000 37.28629 ?  30  ARG A CG  1 
ATOM   235 C CD  . ARG A 1 30  ? 1.24288   -6.87341  12.14597  1.000 38.05534 ?  30  ARG A CD  1 
ATOM   236 N NE  . ARG A 1 30  ? 2.42633   -6.77418  12.98287  1.000 40.45956 ?  30  ARG A NE  1 
ATOM   237 C CZ  . ARG A 1 30  ? 3.14817   -7.80853  13.38547  1.000 43.92725 ?  30  ARG A CZ  1 
ATOM   238 N NH1 . ARG A 1 30  ? 2.83440   -9.04483  13.03918  1.000 49.42369 ?  30  ARG A NH1 1 
ATOM   239 N NH2 . ARG A 1 30  ? 4.21205   -7.59604  14.15399  1.000 41.08147 ?  30  ARG A NH2 1 
ATOM   240 N N   . GLU A 1 31  ? 3.65635   -4.77694  7.53868   1.000 24.23394 ?  31  GLU A N   1 
ATOM   241 C CA  . GLU A 1 31  ? 4.73799   -4.16728  6.77419   1.000 23.50665 ?  31  GLU A CA  1 
ATOM   242 C C   . GLU A 1 31  ? 4.18872   -3.18101  5.74726   1.000 23.81294 ?  31  GLU A C   1 
ATOM   243 O O   . GLU A 1 31  ? 4.73824   -2.08540  5.55749   1.000 24.03988 ?  31  GLU A O   1 
ATOM   244 C CB  . GLU A 1 31  ? 5.54875   -5.27764  6.10379   1.000 28.91176 ?  31  GLU A CB  1 
ATOM   245 C CG  . GLU A 1 31  ? 6.96012   -4.93045  5.72228   1.000 32.72414 ?  31  GLU A CG  1 
ATOM   246 C CD  . GLU A 1 31  ? 7.77454   -6.17600  5.36971   1.000 37.91781 ?  31  GLU A CD  1 
ATOM   247 O OE1 . GLU A 1 31  ? 7.24403   -7.30530  5.50044   1.000 39.55966 ?  31  GLU A OE1 1 
ATOM   248 O OE2 . GLU A 1 31  ? 8.93868   -6.02385  4.94437   1.000 40.07861 -1 31  GLU A OE2 1 
ATOM   249 N N   . VAL A 1 32  ? 3.07263   -3.53464  5.10911   1.000 19.97880 ?  32  VAL A N   1 
ATOM   250 C CA  . VAL A 1 32  ? 2.44860   -2.64312  4.13885   1.000 20.28250 ?  32  VAL A CA  1 
ATOM   251 C C   . VAL A 1 32  ? 1.84829   -1.41744  4.83073   1.000 20.78817 ?  32  VAL A C   1 
ATOM   252 O O   . VAL A 1 32  ? 2.04772   -0.28200  4.38605   1.000 18.80360 ?  32  VAL A O   1 
ATOM   253 C CB  . VAL A 1 32  ? 1.39642   -3.41113  3.32119   1.000 20.78649 ?  32  VAL A CB  1 
ATOM   254 C CG1 . VAL A 1 32  ? 0.57787   -2.45423  2.47231   1.000 22.90737 ?  32  VAL A CG1 1 
ATOM   255 C CG2 . VAL A 1 32  ? 2.09234   -4.41855  2.43385   1.000 23.34042 ?  32  VAL A CG2 1 
ATOM   256 N N   . ALA A 1 33  ? 1.07583   -1.62829  5.90436   1.000 22.47025 ?  33  ALA A N   1 
ATOM   257 C CA  . ALA A 1 33  ? 0.52422   -0.50648  6.66639   1.000 22.69645 ?  33  ALA A CA  1 
ATOM   258 C C   . ALA A 1 33  ? 1.62335   0.45815   7.09634   1.000 20.82851 ?  33  ALA A C   1 
ATOM   259 O O   . ALA A 1 33  ? 1.49459   1.68185   6.94613   1.000 21.38478 ?  33  ALA A O   1 
ATOM   260 C CB  . ALA A 1 33  ? -0.23665  -1.02497  7.89301   1.000 21.09899 ?  33  ALA A CB  1 
ATOM   261 N N   . ALA A 1 34  ? 2.71988   -0.09004  7.62395   1.000 18.16327 ?  34  ALA A N   1 
ATOM   262 C CA  . ALA A 1 34  ? 3.85287   0.72340   8.05743   1.000 21.16480 ?  34  ALA A CA  1 
ATOM   263 C C   . ALA A 1 34  ? 4.43929   1.52796   6.89986   1.000 26.03015 ?  34  ALA A C   1 
ATOM   264 O O   . ALA A 1 34  ? 4.68122   2.74120   7.02677   1.000 24.77441 ?  34  ALA A O   1 
ATOM   265 C CB  . ALA A 1 34  ? 4.92169   -0.17333  8.68330   1.000 16.97159 ?  34  ALA A CB  1 
ATOM   266 N N   . PHE A 1 35  ? 4.69287   0.86857   5.75887   1.000 22.31643 ?  35  PHE A N   1 
ATOM   267 C CA  . PHE A 1 35  ? 5.23758   1.59549   4.61730   1.000 18.63718 ?  35  PHE A CA  1 
ATOM   268 C C   . PHE A 1 35  ? 4.29076   2.71202   4.19564   1.000 19.69077 ?  35  PHE A C   1 
ATOM   269 O O   . PHE A 1 35  ? 4.70285   3.86361   4.02803   1.000 21.50663 ?  35  PHE A O   1 
ATOM   270 C CB  . PHE A 1 35  ? 5.50430   0.64229   3.44920   1.000 21.03734 ?  35  PHE A CB  1 
ATOM   271 C CG  . PHE A 1 35  ? 5.57791   1.32743   2.11169   1.000 18.16871 ?  35  PHE A CG  1 
ATOM   272 C CD1 . PHE A 1 35  ? 6.68547   2.08524   1.76438   1.000 22.24594 ?  35  PHE A CD1 1 
ATOM   273 C CD2 . PHE A 1 35  ? 4.52293   1.23803   1.21025   1.000 21.89710 ?  35  PHE A CD2 1 
ATOM   274 C CE1 . PHE A 1 35  ? 6.74666   2.74072   0.53066   1.000 17.58328 ?  35  PHE A CE1 1 
ATOM   275 C CE2 . PHE A 1 35  ? 4.57711   1.87705   -0.01801  1.000 14.63405 ?  35  PHE A CE2 1 
ATOM   276 C CZ  . PHE A 1 35  ? 5.68906   2.63166   -0.35584  1.000 21.61515 ?  35  PHE A CZ  1 
ATOM   277 N N   . LEU A 1 36  ? 3.00732   2.39094   4.04011   1.000 17.20131 ?  36  LEU A N   1 
ATOM   278 C CA  . LEU A 1 36  ? 2.04894   3.39554   3.59214   1.000 20.12794 ?  36  LEU A CA  1 
ATOM   279 C C   . LEU A 1 36  ? 2.05068   4.60018   4.52662   1.000 22.64038 ?  36  LEU A C   1 
ATOM   280 O O   . LEU A 1 36  ? 1.99778   5.75052   4.07139   1.000 19.82064 ?  36  LEU A O   1 
ATOM   281 C CB  . LEU A 1 36  ? 0.64737   2.78589   3.49521   1.000 16.20791 ?  36  LEU A CB  1 
ATOM   282 C CG  . LEU A 1 36  ? 0.41078   1.85515   2.29268   1.000 23.75392 ?  36  LEU A CG  1 
ATOM   283 C CD1 . LEU A 1 36  ? -0.90960  1.08823   2.41125   1.000 16.11141 ?  36  LEU A CD1 1 
ATOM   284 C CD2 . LEU A 1 36  ? 0.47000   2.63083   0.96318   1.000 14.66027 ?  36  LEU A CD2 1 
ATOM   285 N N   . ARG A 1 37  ? 2.12384   4.35380   5.83499   1.000 22.91154 ?  37  ARG A N   1 
ATOM   286 C CA  . ARG A 1 37  ? 2.12161   5.44042   6.80939   1.000 25.83001 ?  37  ARG A CA  1 
ATOM   287 C C   . ARG A 1 37  ? 3.46306   6.14049   6.91987   1.000 23.07711 ?  37  ARG A C   1 
ATOM   288 O O   . ARG A 1 37  ? 3.52912   7.21001   7.53306   1.000 24.12621 ?  37  ARG A O   1 
ATOM   289 C CB  . ARG A 1 37  ? 1.69961   4.90651   8.17153   1.000 23.38640 ?  37  ARG A CB  1 
ATOM   290 C CG  . ARG A 1 37  ? 0.20339   4.63638   8.21886   1.000 24.87253 ?  37  ARG A CG  1 
ATOM   291 C CD  . ARG A 1 37  ? -0.21767  4.00099   9.51741   1.000 25.90840 ?  37  ARG A CD  1 
ATOM   292 N NE  . ARG A 1 37  ? -1.67055  3.99093   9.63338   1.000 27.73962 ?  37  ARG A NE  1 
ATOM   293 C CZ  . ARG A 1 37  ? -2.36207  3.00071   10.17486  1.000 27.65834 ?  37  ARG A CZ  1 
ATOM   294 N NH1 . ARG A 1 37  ? -1.75804  1.94178   10.68880  1.000 28.40303 ?  37  ARG A NH1 1 
ATOM   295 N NH2 . ARG A 1 37  ? -3.69065  3.07907   10.20508  1.000 28.77900 ?  37  ARG A NH2 1 
ATOM   296 N N   . SER A 1 38  ? 4.52365   5.56801   6.33937   1.000 23.20459 ?  38  SER A N   1 
ATOM   297 C CA  . SER A 1 38  ? 5.83514   6.21088   6.31350   1.000 20.33426 ?  38  SER A CA  1 
ATOM   298 C C   . SER A 1 38  ? 5.97506   7.26150   5.22209   1.000 22.11887 ?  38  SER A C   1 
ATOM   299 O O   . SER A 1 38  ? 6.91123   8.06947   5.28414   1.000 23.77236 ?  38  SER A O   1 
ATOM   300 C CB  . SER A 1 38  ? 6.93838   5.15806   6.14198   1.000 21.43465 ?  38  SER A CB  1 
ATOM   301 O OG  . SER A 1 38  ? 7.02933   4.72219   4.79139   1.000 20.51990 ?  38  SER A OG  1 
ATOM   302 N N   . ILE A 1 39  ? 5.08153   7.28164   4.22891   1.000 21.27573 ?  39  ILE A N   1 
ATOM   303 C CA  . ILE A 1 39  ? 5.25407   8.19877   3.11137   1.000 21.80551 ?  39  ILE A CA  1 
ATOM   304 C C   . ILE A 1 39  ? 5.14943   9.63117   3.61732   1.000 21.02080 ?  39  ILE A C   1 
ATOM   305 O O   . ILE A 1 39  ? 4.17632   10.00580  4.28822   1.000 22.06992 ?  39  ILE A O   1 
ATOM   306 C CB  . ILE A 1 39  ? 4.24225   7.89975   1.99218   1.000 19.51951 ?  39  ILE A CB  1 
ATOM   307 C CG1 . ILE A 1 39  ? 4.35366   6.42811   1.57043   1.000 19.98525 ?  39  ILE A CG1 1 
ATOM   308 C CG2 . ILE A 1 39  ? 4.54454   8.79001   0.78549   1.000 14.11831 ?  39  ILE A CG2 1 
ATOM   309 C CD1 . ILE A 1 39  ? 3.30005   5.99016   0.56470   1.000 18.38553 ?  39  ILE A CD1 1 
ATOM   310 N N   . SER A 1 40  ? 6.16133   10.43716  3.27693   1.000 22.73858 ?  40  SER A N   1 
ATOM   311 C CA  . SER A 1 40  ? 6.46872   11.73791  3.86913   1.000 23.55255 ?  40  SER A CA  1 
ATOM   312 C C   . SER A 1 40  ? 5.97020   12.93584  3.07010   1.000 27.67770 ?  40  SER A C   1 
ATOM   313 O O   . SER A 1 40  ? 5.99609   14.05767  3.59600   1.000 22.60333 ?  40  SER A O   1 
ATOM   314 C CB  . SER A 1 40  ? 7.98896   11.91722  3.99838   1.000 23.59051 ?  40  SER A CB  1 
ATOM   315 O OG  . SER A 1 40  ? 8.64154   10.70708  4.29952   1.000 40.00346 ?  40  SER A OG  1 
ATOM   316 N N   . ASP A 1 41  ? 5.59400   12.75515  1.80612   1.000 22.77823 ?  41  ASP A N   1 
ATOM   317 C CA  . ASP A 1 41  ? 5.31687   13.87592  0.90976   1.000 23.62365 ?  41  ASP A CA  1 
ATOM   318 C C   . ASP A 1 41  ? 3.88487   13.75805  0.40788   1.000 25.99883 ?  41  ASP A C   1 
ATOM   319 O O   . ASP A 1 41  ? 3.56815   12.83922  -0.36123  1.000 21.94353 ?  41  ASP A O   1 
ATOM   320 C CB  . ASP A 1 41  ? 6.30724   13.90646  -0.25384  1.000 23.56270 ?  41  ASP A CB  1 
ATOM   321 C CG  . ASP A 1 41  ? 6.27049   15.22322  -1.01612  1.000 29.63904 ?  41  ASP A CG  1 
ATOM   322 O OD1 . ASP A 1 41  ? 5.18548   15.84096  -1.15968  1.000 29.08903 ?  41  ASP A OD1 1 
ATOM   323 O OD2 . ASP A 1 41  ? 7.34633   15.65370  -1.46099  1.000 40.24995 -1 41  ASP A OD2 1 
ATOM   324 N N   . ALA A 1 42  ? 3.03088   14.69511  0.84259   1.000 16.82810 ?  42  ALA A N   1 
ATOM   325 C CA  . ALA A 1 42  ? 1.61609   14.65147  0.49679   1.000 19.34186 ?  42  ALA A CA  1 
ATOM   326 C C   . ALA A 1 42  ? 1.40488   14.64717  -1.01889  1.000 19.26494 ?  42  ALA A C   1 
ATOM   327 O O   . ALA A 1 42  ? 0.49207   13.98704  -1.52837  1.000 16.23238 ?  42  ALA A O   1 
ATOM   328 C CB  . ALA A 1 42  ? 0.89532   15.83238  1.15554   1.000 15.09324 ?  42  ALA A CB  1 
ATOM   329 N N   . ARG A 1 43  ? 2.24104   15.36943  -1.76001  1.000 20.63598 ?  43  ARG A N   1 
ATOM   330 C CA  . ARG A 1 43  ? 2.02548   15.47035  -3.19974  1.000 23.35360 ?  43  ARG A CA  1 
ATOM   331 C C   . ARG A 1 43  ? 2.27589   14.13712  -3.89125  1.000 22.26718 ?  43  ARG A C   1 
ATOM   332 O O   . ARG A 1 43  ? 1.57776   13.78659  -4.85018  1.000 19.57622 ?  43  ARG A O   1 
ATOM   333 C CB  . ARG A 1 43  ? 2.91966   16.55681  -3.79418  1.000 25.81247 ?  43  ARG A CB  1 
ATOM   334 C CG  . ARG A 1 43  ? 2.77401   16.70732  -5.29813  1.000 29.25254 ?  43  ARG A CG  1 
ATOM   335 C CD  . ARG A 1 43  ? 3.90908   17.55142  -5.85323  1.000 37.55110 ?  43  ARG A CD  1 
ATOM   336 N NE  . ARG A 1 43  ? 3.79426   18.95773  -5.47190  1.000 42.36730 ?  43  ARG A NE  1 
ATOM   337 C CZ  . ARG A 1 43  ? 4.82726   19.77952  -5.31771  1.000 47.91882 ?  43  ARG A CZ  1 
ATOM   338 N NH1 . ARG A 1 43  ? 6.08011   19.35124  -5.43705  1.000 36.54036 ?  43  ARG A NH1 1 
ATOM   339 N NH2 . ARG A 1 43  ? 4.59863   21.06440  -5.05018  1.000 38.23237 ?  43  ARG A NH2 1 
ATOM   340 N N   . VAL A 1 44  ? 3.26251   13.38128  -3.41251  1.000 20.64516 ?  44  VAL A N   1 
ATOM   341 C CA  . VAL A 1 44  ? 3.55171   12.06739  -3.97443  1.000 19.44713 ?  44  VAL A CA  1 
ATOM   342 C C   . VAL A 1 44  ? 2.39540   11.09306  -3.71285  1.000 24.89239 ?  44  VAL A C   1 
ATOM   343 O O   . VAL A 1 44  ? 2.01007   10.30516  -4.59172  1.000 20.06219 ?  44  VAL A O   1 
ATOM   344 C CB  . VAL A 1 44  ? 4.88848   11.55594  -3.40935  1.000 22.19438 ?  44  VAL A CB  1 
ATOM   345 C CG1 . VAL A 1 44  ? 5.15825   10.15184  -3.86495  1.000 19.88575 ?  44  VAL A CG1 1 
ATOM   346 C CG2 . VAL A 1 44  ? 6.03559   12.48224  -3.84304  1.000 21.68149 ?  44  VAL A CG2 1 
ATOM   347 N N   . ILE A 1 45  ? 1.81493   11.13262  -2.51331  1.000 18.55713 ?  45  ILE A N   1 
ATOM   348 C CA  . ILE A 1 45  ? 0.62619   10.32194  -2.24484  1.000 18.70730 ?  45  ILE A CA  1 
ATOM   349 C C   . ILE A 1 45  ? -0.51842  10.72637  -3.16914  1.000 20.16759 ?  45  ILE A C   1 
ATOM   350 O O   . ILE A 1 45  ? -1.16320  9.87823   -3.80879  1.000 16.36608 ?  45  ILE A O   1 
ATOM   351 C CB  . ILE A 1 45  ? 0.22206   10.44659  -0.76494  1.000 18.77166 ?  45  ILE A CB  1 
ATOM   352 C CG1 . ILE A 1 45  ? 1.40566   10.03651  0.12506   1.000 17.14728 ?  45  ILE A CG1 1 
ATOM   353 C CG2 . ILE A 1 45  ? -1.07390  9.63667   -0.50600  1.000 16.90413 ?  45  ILE A CG2 1 
ATOM   354 C CD1 . ILE A 1 45  ? 1.17189   10.17968  1.61786   1.000 16.71362 ?  45  ILE A CD1 1 
ATOM   355 N N   . ILE A 1 46  ? -0.78185  12.03305  -3.25820  1.000 20.17290 ?  46  ILE A N   1 
ATOM   356 C CA  . ILE A 1 46  ? -1.94051  12.51024  -4.00779  1.000 21.57370 ?  46  ILE A CA  1 
ATOM   357 C C   . ILE A 1 46  ? -1.80107  12.16993  -5.48771  1.000 20.69153 ?  46  ILE A C   1 
ATOM   358 O O   . ILE A 1 46  ? -2.74166  11.67136  -6.11701  1.000 18.30894 ?  46  ILE A O   1 
ATOM   359 C CB  . ILE A 1 46  ? -2.12807  14.01992  -3.79613  1.000 17.45440 ?  46  ILE A CB  1 
ATOM   360 C CG1 . ILE A 1 46  ? -2.65658  14.29644  -2.38315  1.000 24.07954 ?  46  ILE A CG1 1 
ATOM   361 C CG2 . ILE A 1 46  ? -3.09352  14.57969  -4.82661  1.000 19.22027 ?  46  ILE A CG2 1 
ATOM   362 C CD1 . ILE A 1 46  ? -2.33103  15.72502  -1.88114  1.000 20.66214 ?  46  ILE A CD1 1 
ATOM   363 N N   . ASP A 1 47  ? -0.62739  12.44046  -6.06258  1.000 19.64964 ?  47  ASP A N   1 
ATOM   364 C CA  . ASP A 1 47  ? -0.38458  12.14091  -7.46897  1.000 24.54983 ?  47  ASP A CA  1 
ATOM   365 C C   . ASP A 1 47  ? -0.52174  10.65742  -7.77595  1.000 20.43746 ?  47  ASP A C   1 
ATOM   366 O O   . ASP A 1 47  ? -0.85897  10.29453  -8.90390  1.000 22.49378 ?  47  ASP A O   1 
ATOM   367 C CB  . ASP A 1 47  ? 1.01703   12.59827  -7.87768  1.000 24.87832 ?  47  ASP A CB  1 
ATOM   368 C CG  . ASP A 1 47  ? 1.14240   14.09926  -7.92967  1.000 29.74880 ?  47  ASP A CG  1 
ATOM   369 O OD1 . ASP A 1 47  ? 0.08345   14.76879  -7.93730  1.000 26.49857 ?  47  ASP A OD1 1 
ATOM   370 O OD2 . ASP A 1 47  ? 2.29660   14.59411  -7.97713  1.000 27.99278 -1 47  ASP A OD2 1 
ATOM   371 N N   . ASN A 1 48  ? -0.24666  9.78663   -6.81113  1.000 18.01865 ?  48  ASN A N   1 
ATOM   372 C CA  . ASN A 1 48  ? -0.29303  8.34775   -7.05348  1.000 19.12226 ?  48  ASN A CA  1 
ATOM   373 C C   . ASN A 1 48  ? -1.51909  7.67482   -6.45939  1.000 19.58130 ?  48  ASN A C   1 
ATOM   374 O O   . ASN A 1 48  ? -1.57666  6.43826   -6.44491  1.000 22.32874 ?  48  ASN A O   1 
ATOM   375 C CB  . ASN A 1 48  ? 0.96789   7.68182   -6.51042  1.000 16.10549 ?  48  ASN A CB  1 
ATOM   376 C CG  . ASN A 1 48  ? 2.20054   8.05689   -7.30854  1.000 20.99375 ?  48  ASN A CG  1 
ATOM   377 O OD1 . ASN A 1 48  ? 2.42854   7.53612   -8.41059  1.000 18.47479 ?  48  ASN A OD1 1 
ATOM   378 N ND2 . ASN A 1 48  ? 2.99570   8.98801   -6.77103  1.000 18.38840 ?  48  ASN A ND2 1 
ATOM   379 N N   . ARG A 1 49  ? -2.50662  8.45132   -5.99622  1.000 18.64392 ?  49  ARG A N   1 
ATOM   380 C CA  . ARG A 1 49  ? -3.61423  7.88294   -5.22775  1.000 20.83215 ?  49  ARG A CA  1 
ATOM   381 C C   . ARG A 1 49  ? -4.40027  6.84955   -6.02988  1.000 18.11562 ?  49  ARG A C   1 
ATOM   382 O O   . ARG A 1 49  ? -4.84381  5.83703   -5.48152  1.000 17.95426 ?  49  ARG A O   1 
ATOM   383 C CB  . ARG A 1 49  ? -4.54349  8.99373   -4.75185  1.000 18.49040 ?  49  ARG A CB  1 
ATOM   384 C CG  . ARG A 1 49  ? -5.22420  9.78159   -5.87350  1.000 19.14603 ?  49  ARG A CG  1 
ATOM   385 C CD  . ARG A 1 49  ? -5.94088  10.98308  -5.27421  1.000 23.33235 ?  49  ARG A CD  1 
ATOM   386 N NE  . ARG A 1 49  ? -6.84141  11.63573  -6.21257  1.000 22.03758 ?  49  ARG A NE  1 
ATOM   387 C CZ  . ARG A 1 49  ? -6.47068  12.49581  -7.14988  1.000 23.95263 ?  49  ARG A CZ  1 
ATOM   388 N NH1 . ARG A 1 49  ? -5.20808  12.86896  -7.28977  1.000 20.55734 ?  49  ARG A NH1 1 
ATOM   389 N NH2 . ARG A 1 49  ? -7.38988  12.98162  -7.98032  1.000 24.74822 ?  49  ARG A NH2 1 
ATOM   390 N N   . ASN A 1 50  ? -4.57429  7.07393   -7.32335  1.000 17.00301 ?  50  ASN A N   1 
ATOM   391 C CA  . ASN A 1 50  ? -5.35631  6.12414   -8.11042  1.000 23.86672 ?  50  ASN A CA  1 
ATOM   392 C C   . ASN A 1 50  ? -4.56512  4.85670   -8.40717  1.000 22.84161 ?  50  ASN A C   1 
ATOM   393 O O   . ASN A 1 50  ? -5.12306  3.74943   -8.36344  1.000 21.01015 ?  50  ASN A O   1 
ATOM   394 C CB  . ASN A 1 50  ? -5.85709  6.80579   -9.38656  1.000 26.58224 ?  50  ASN A CB  1 
ATOM   395 C CG  . ASN A 1 50  ? -6.84368  7.94185   -9.08104  1.000 30.89448 ?  50  ASN A CG  1 
ATOM   396 O OD1 . ASN A 1 50  ? -7.62320  7.86433   -8.12039  1.000 31.47953 ?  50  ASN A OD1 1 
ATOM   397 N ND2 . ASN A 1 50  ? -6.77228  9.01617   -9.85680  1.000 34.28945 ?  50  ASN A ND2 1 
ATOM   398 N N   . LEU A 1 51  ? -3.25660  4.99047   -8.63720  1.000 19.96180 ?  51  LEU A N   1 
ATOM   399 C CA  . LEU A 1 51  ? -2.42389  3.82826   -8.95378  1.000 18.76565 ?  51  LEU A CA  1 
ATOM   400 C C   . LEU A 1 51  ? -2.26404  2.89124   -7.75930  1.000 21.57617 ?  51  LEU A C   1 
ATOM   401 O O   . LEU A 1 51  ? -2.32057  1.66497   -7.91814  1.000 19.11735 ?  51  LEU A O   1 
ATOM   402 C CB  . LEU A 1 51  ? -1.05052  4.29186   -9.42527  1.000 15.65551 ?  51  LEU A CB  1 
ATOM   403 C CG  . LEU A 1 51  ? -0.92519  4.71901   -10.87915 1.000 26.21761 ?  51  LEU A CG  1 
ATOM   404 C CD1 . LEU A 1 51  ? 0.30510   5.65473   -11.04320 1.000 24.64241 ?  51  LEU A CD1 1 
ATOM   405 C CD2 . LEU A 1 51  ? -0.82568  3.49100   -11.77682 1.000 29.22460 ?  51  LEU A CD2 1 
ATOM   406 N N   . ILE A 1 52  ? -2.03029  3.44103   -6.55951  1.000 14.93459 ?  52  ILE A N   1 
ATOM   407 C CA  . ILE A 1 52  ? -1.81895  2.59884   -5.38224  1.000 16.33958 ?  52  ILE A CA  1 
ATOM   408 C C   . ILE A 1 52  ? -3.10771  2.02610   -4.82218  1.000 17.67380 ?  52  ILE A C   1 
ATOM   409 O O   . ILE A 1 52  ? -3.05477  1.11053   -3.98595  1.000 19.79837 ?  52  ILE A O   1 
ATOM   410 C CB  . ILE A 1 52  ? -1.13596  3.33963   -4.21454  1.000 16.53033 ?  52  ILE A CB  1 
ATOM   411 C CG1 . ILE A 1 52  ? -2.00183  4.48752   -3.72174  1.000 16.41207 ?  52  ILE A CG1 1 
ATOM   412 C CG2 . ILE A 1 52  ? 0.25245   3.84336   -4.59385  1.000 16.58003 ?  52  ILE A CG2 1 
ATOM   413 C CD1 . ILE A 1 52  ? -1.47845  5.10229   -2.44440  1.000 16.78913 ?  52  ILE A CD1 1 
ATOM   414 N N   . HIS A 1 53  ? -4.25510  2.54451   -5.24463  1.000 18.29791 ?  53  HIS A N   1 
ATOM   415 C CA  . HIS A 1 53  ? -5.52880  2.18843   -4.63133  1.000 20.56435 ?  53  HIS A CA  1 
ATOM   416 C C   . HIS A 1 53  ? -5.74945  0.67658   -4.65036  1.000 23.51658 ?  53  HIS A C   1 
ATOM   417 O O   . HIS A 1 53  ? -5.60585  0.02185   -5.68490  1.000 20.31271 ?  53  HIS A O   1 
ATOM   418 C CB  . HIS A 1 53  ? -6.66593  2.90266   -5.35961  1.000 21.42161 ?  53  HIS A CB  1 
ATOM   419 C CG  . HIS A 1 53  ? -8.02153  2.52619   -4.86452  1.000 25.28089 ?  53  HIS A CG  1 
ATOM   420 N ND1 . HIS A 1 53  ? -8.36984  2.59352   -3.53206  1.000 28.48658 ?  53  HIS A ND1 1 
ATOM   421 C CD2 . HIS A 1 53  ? -9.11105  2.05875   -5.51769  1.000 24.15324 ?  53  HIS A CD2 1 
ATOM   422 C CE1 . HIS A 1 53  ? -9.61732  2.18034   -3.38491  1.000 29.94897 ?  53  HIS A CE1 1 
ATOM   423 N NE2 . HIS A 1 53  ? -10.09068 1.85360   -4.57537  1.000 29.39845 ?  53  HIS A NE2 1 
ATOM   424 N N   . PHE A 1 54  ? -6.08586  0.12396   -3.49303  1.000 22.09558 ?  54  PHE A N   1 
ATOM   425 C CA  . PHE A 1 54  ? -6.30619  -1.30903  -3.33958  1.000 24.64998 ?  54  PHE A CA  1 
ATOM   426 C C   . PHE A 1 54  ? -7.79280  -1.56091  -3.56374  1.000 25.32500 ?  54  PHE A C   1 
ATOM   427 O O   . PHE A 1 54  ? -8.60241  -1.40073  -2.65168  1.000 28.25624 ?  54  PHE A O   1 
ATOM   428 C CB  . PHE A 1 54  ? -5.84035  -1.75867  -1.95845  1.000 20.16856 ?  54  PHE A CB  1 
ATOM   429 C CG  . PHE A 1 54  ? -5.84427  -3.24692  -1.76215  1.000 17.96411 ?  54  PHE A CG  1 
ATOM   430 C CD1 . PHE A 1 54  ? -6.97223  -3.89260  -1.27298  1.000 20.29916 ?  54  PHE A CD1 1 
ATOM   431 C CD2 . PHE A 1 54  ? -4.71945  -4.00295  -2.06866  1.000 21.87101 ?  54  PHE A CD2 1 
ATOM   432 C CE1 . PHE A 1 54  ? -6.97601  -5.26906  -1.07552  1.000 23.47006 ?  54  PHE A CE1 1 
ATOM   433 C CE2 . PHE A 1 54  ? -4.71355  -5.38543  -1.87674  1.000 18.80328 ?  54  PHE A CE2 1 
ATOM   434 C CZ  . PHE A 1 54  ? -5.82875  -6.01857  -1.37710  1.000 18.06050 ?  54  PHE A CZ  1 
ATOM   435 N N   . GLN A 1 55  ? -8.15432  -1.97885  -4.77356  1.000 33.95107 ?  55  GLN A N   1 
ATOM   436 C CA  . GLN A 1 55  ? -9.53656  -1.84886  -5.23539  1.000 30.66194 ?  55  GLN A CA  1 
ATOM   437 C C   . GLN A 1 55  ? -10.44547 -2.88996  -4.58048  1.000 34.85703 ?  55  GLN A C   1 
ATOM   438 O O   . GLN A 1 55  ? -10.02220 -3.72790  -3.77386  1.000 41.34854 ?  55  GLN A O   1 
ATOM   439 C CB  . GLN A 1 55  ? -9.61385  -1.95174  -6.76183  1.000 34.97444 ?  55  GLN A CB  1 
ATOM   440 C CG  . GLN A 1 55  ? -8.40806  -1.38678  -7.56310  1.000 26.46142 ?  55  GLN A CG  1 
ATOM   441 C CD  . GLN A 1 55  ? -7.33811  -2.44591  -7.86532  1.000 31.16442 ?  55  GLN A CD  1 
ATOM   442 O OE1 . GLN A 1 55  ? -6.75185  -3.01068  -6.93882  1.000 36.88948 ?  55  GLN A OE1 1 
ATOM   443 N NE2 . GLN A 1 55  ? -7.09285  -2.73032  -9.15992  1.000 20.51584 ?  55  GLN A NE2 1 
ATOM   444 N N   . SER A 1 56  ? -11.72155 -2.85090  -4.95558  1.000 43.69537 ?  56  SER A N   1 
ATOM   445 C CA  . SER A 1 56  ? -12.76268 -3.56344  -4.22951  1.000 47.71156 ?  56  SER A CA  1 
ATOM   446 C C   . SER A 1 56  ? -13.37398 -4.72503  -5.00006  1.000 43.50090 ?  56  SER A C   1 
ATOM   447 O O   . SER A 1 56  ? -14.30471 -5.35278  -4.48213  1.000 55.33631 ?  56  SER A O   1 
ATOM   448 C CB  . SER A 1 56  ? -13.87962 -2.58821  -3.80868  1.000 51.94855 ?  56  SER A CB  1 
ATOM   449 O OG  . SER A 1 56  ? -13.38815 -1.55403  -2.96713  1.000 52.95440 ?  56  SER A OG  1 
ATOM   450 N N   . SER A 1 57  ? -12.90510 -5.02628  -6.21672  1.000 36.57528 ?  57  SER A N   1 
ATOM   451 C CA  . SER A 1 57  ? -13.48201 -6.15155  -6.95462  1.000 43.22625 ?  57  SER A CA  1 
ATOM   452 C C   . SER A 1 57  ? -13.29408 -7.45791  -6.19037  1.000 40.59053 ?  57  SER A C   1 
ATOM   453 O O   . SER A 1 57  ? -14.26437 -8.13993  -5.83921  1.000 47.71577 ?  57  SER A O   1 
ATOM   454 C CB  . SER A 1 57  ? -12.86345 -6.25539  -8.34590  1.000 40.68032 ?  57  SER A CB  1 
ATOM   455 O OG  . SER A 1 57  ? -13.41207 -7.34924  -9.08420  1.000 40.26742 ?  57  SER A OG  1 
ATOM   456 N N   . GLY A 1 58  ? -12.04510 -7.81275  -5.92080  1.000 34.07749 ?  58  GLY A N   1 
ATOM   457 C CA  . GLY A 1 58  ? -11.72482 -9.00827  -5.17014  1.000 26.34802 ?  58  GLY A CA  1 
ATOM   458 C C   . GLY A 1 58  ? -10.30624 -8.88570  -4.67364  1.000 26.57372 ?  58  GLY A C   1 
ATOM   459 O O   . GLY A 1 58  ? -9.49160  -8.13973  -5.23471  1.000 20.82403 ?  58  GLY A O   1 
ATOM   460 N N   . ILE A 1 59  ? -10.01731 -9.62627  -3.60238  1.000 21.94672 ?  59  ILE A N   1 
ATOM   461 C CA  . ILE A 1 59  ? -8.71857  -9.50129  -2.95880  1.000 21.50212 ?  59  ILE A CA  1 
ATOM   462 C C   . ILE A 1 59  ? -7.61357  -10.02762 -3.86090  1.000 18.15669 ?  59  ILE A C   1 
ATOM   463 O O   . ILE A 1 59  ? -6.55899  -9.39456  -3.98255  1.000 16.18397 ?  59  ILE A O   1 
ATOM   464 C CB  . ILE A 1 59  ? -8.73237  -10.19933 -1.59147  1.000 21.42938 ?  59  ILE A CB  1 
ATOM   465 C CG1 . ILE A 1 59  ? -9.59932  -9.39670  -0.62425  1.000 24.47344 ?  59  ILE A CG1 1 
ATOM   466 C CG2 . ILE A 1 59  ? -7.31875  -10.37486 -1.04172  1.000 16.23382 ?  59  ILE A CG2 1 
ATOM   467 C CD1 . ILE A 1 59  ? -10.08135 -10.21250 0.59417   1.000 26.30750 ?  59  ILE A CD1 1 
ATOM   468 N N   . SER A 1 60  ? -7.82284  -11.18783 -4.50138  1.000 16.64883 ?  60  SER A N   1 
ATOM   469 C CA  . SER A 1 60  ? -6.76870  -11.75644 -5.33832  1.000 16.83409 ?  60  SER A CA  1 
ATOM   470 C C   . SER A 1 60  ? -6.37066  -10.76909 -6.42037  1.000 16.96418 ?  60  SER A C   1 
ATOM   471 O O   . SER A 1 60  ? -5.18042  -10.50848 -6.63775  1.000 15.68777 ?  60  SER A O   1 
ATOM   472 C CB  . SER A 1 60  ? -7.22181  -13.06684 -5.98704  1.000 18.09443 ?  60  SER A CB  1 
ATOM   473 O OG  . SER A 1 60  ? -7.61696  -14.02945 -5.04286  1.000 20.31189 ?  60  SER A OG  1 
ATOM   474 N N   . TYR A 1 61  ? -7.36754  -10.20200 -7.10940  1.000 16.16462 ?  61  TYR A N   1 
ATOM   475 C CA  . TYR A 1 61  ? -7.07277  -9.27908  -8.20057  1.000 18.49390 ?  61  TYR A CA  1 
ATOM   476 C C   . TYR A 1 61  ? -6.43735  -7.99103  -7.67019  1.000 20.22743 ?  61  TYR A C   1 
ATOM   477 O O   . TYR A 1 61  ? -5.49053  -7.46730  -8.27290  1.000 16.21353 ?  61  TYR A O   1 
ATOM   478 C CB  . TYR A 1 61  ? -8.34362  -8.98756  -9.00817  1.000 21.72751 ?  61  TYR A CB  1 
ATOM   479 C CG  . TYR A 1 61  ? -8.14055  -7.86541  -10.00952 1.000 23.39460 ?  61  TYR A CG  1 
ATOM   480 C CD1 . TYR A 1 61  ? -7.16704  -7.96536  -11.00550 1.000 23.01599 ?  61  TYR A CD1 1 
ATOM   481 C CD2 . TYR A 1 61  ? -8.87909  -6.69641  -9.92912  1.000 20.13766 ?  61  TYR A CD2 1 
ATOM   482 C CE1 . TYR A 1 61  ? -6.95584  -6.94685  -11.90530 1.000 18.91833 ?  61  TYR A CE1 1 
ATOM   483 C CE2 . TYR A 1 61  ? -8.67561  -5.66582  -10.83066 1.000 24.84009 ?  61  TYR A CE2 1 
ATOM   484 C CZ  . TYR A 1 61  ? -7.70446  -5.80016  -11.80661 1.000 19.27904 ?  61  TYR A CZ  1 
ATOM   485 O OH  . TYR A 1 61  ? -7.49626  -4.78200  -12.68371 1.000 17.30446 ?  61  TYR A OH  1 
ATOM   486 N N   . SER A 1 62  ? -6.90977  -7.49647  -6.51882  1.000 13.87976 ?  62  SER A N   1 
ATOM   487 C CA  . SER A 1 62  ? -6.28089  -6.33475  -5.89250  1.000 16.43696 ?  62  SER A CA  1 
ATOM   488 C C   . SER A 1 62  ? -4.80593  -6.59717  -5.59293  1.000 19.46784 ?  62  SER A C   1 
ATOM   489 O O   . SER A 1 62  ? -3.94919  -5.73332  -5.82512  1.000 19.12931 ?  62  SER A O   1 
ATOM   490 C CB  . SER A 1 62  ? -7.04212  -5.96170  -4.61876  1.000 15.95355 ?  62  SER A CB  1 
ATOM   491 O OG  . SER A 1 62  ? -8.33293  -5.45159  -4.94927  1.000 21.16679 ?  62  SER A OG  1 
ATOM   492 N N   . LEU A 1 63  ? -4.48725  -7.79526  -5.10260  1.000 16.38575 ?  63  LEU A N   1 
ATOM   493 C CA  . LEU A 1 63  ? -3.10543  -8.13141  -4.77505  1.000 17.06667 ?  63  LEU A CA  1 
ATOM   494 C C   . LEU A 1 63  ? -2.25818  -8.21173  -6.02888  1.000 15.34255 ?  63  LEU A C   1 
ATOM   495 O O   . LEU A 1 63  ? -1.11905  -7.72941  -6.05813  1.000 14.88317 ?  63  LEU A O   1 
ATOM   496 C CB  . LEU A 1 63  ? -3.05378  -9.46318  -4.01885  1.000 15.37939 ?  63  LEU A CB  1 
ATOM   497 C CG  . LEU A 1 63  ? -3.65229  -9.40965  -2.60363  1.000 16.07571 ?  63  LEU A CG  1 
ATOM   498 C CD1 . LEU A 1 63  ? -3.78472  -10.80210 -2.00799  1.000 17.78053 ?  63  LEU A CD1 1 
ATOM   499 C CD2 . LEU A 1 63  ? -2.79964  -8.52963  -1.71812  1.000 17.84914 ?  63  LEU A CD2 1 
ATOM   500 N N   . GLU A 1 64  ? -2.80221  -8.82744  -7.06338  1.000 12.47968 ?  64  GLU A N   1 
ATOM   501 C CA  . GLU A 1 64  ? -2.04735  -9.06163  -8.28252  1.000 18.53948 ?  64  GLU A CA  1 
ATOM   502 C C   . GLU A 1 64  ? -1.83156  -7.76229  -9.06097  1.000 18.35636 ?  64  GLU A C   1 
ATOM   503 O O   . GLU A 1 64  ? -0.77951  -7.56947  -9.67802  1.000 13.06985 ?  64  GLU A O   1 
ATOM   504 C CB  . GLU A 1 64  ? -2.79289  -10.10866 -9.12012  1.000 15.12861 ?  64  GLU A CB  1 
ATOM   505 C CG  . GLU A 1 64  ? -2.51663  -10.08396 -10.59139 1.000 19.64608 ?  64  GLU A CG  1 
ATOM   506 C CD  . GLU A 1 64  ? -3.21446  -11.20801 -11.31683 1.000 23.23369 ?  64  GLU A CD  1 
ATOM   507 O OE1 . GLU A 1 64  ? -4.45022  -11.33922 -11.18781 1.000 23.66702 ?  64  GLU A OE1 1 
ATOM   508 O OE2 . GLU A 1 64  ? -2.52532  -11.96328 -12.01535 1.000 33.51096 -1 64  GLU A OE2 1 
ATOM   509 N N   . SER A 1 65  ? -2.79617  -6.85551  -9.03280  1.000 13.95076 ?  65  SER A N   1 
ATOM   510 C CA  . SER A 1 65  ? -2.69081  -5.63755  -9.82844  1.000 17.45686 ?  65  SER A CA  1 
ATOM   511 C C   . SER A 1 65  ? -2.08275  -4.47281  -9.06202  1.000 16.19887 ?  65  SER A C   1 
ATOM   512 O O   . SER A 1 65  ? -1.97715  -3.37382  -9.62302  1.000 14.90854 ?  65  SER A O   1 
ATOM   513 C CB  . SER A 1 65  ? -4.06586  -5.23391  -10.36105 1.000 14.40452 ?  65  SER A CB  1 
ATOM   514 O OG  . SER A 1 65  ? -4.92035  -4.93017  -9.28008  1.000 17.14359 ?  65  SER A OG  1 
ATOM   515 N N   . SER A 1 66  ? -1.68365  -4.68001  -7.80141  1.000 15.27861 ?  66  SER A N   1 
ATOM   516 C CA  . SER A 1 66  ? -1.11300  -3.59291  -7.03276  1.000 13.51052 ?  66  SER A CA  1 
ATOM   517 C C   . SER A 1 66  ? 0.23653   -3.17736  -7.60661  1.000 15.01040 ?  66  SER A C   1 
ATOM   518 O O   . SER A 1 66  ? 1.09211   -4.02676  -7.87880  1.000 16.08374 ?  66  SER A O   1 
ATOM   519 C CB  . SER A 1 66  ? -0.93889  -3.97238  -5.58098  1.000 16.95412 ?  66  SER A CB  1 
ATOM   520 O OG  . SER A 1 66  ? -0.22252  -2.93605  -4.93277  1.000 16.20265 ?  66  SER A OG  1 
ATOM   521 N N   . PRO A 1 67  ? 0.48065   -1.88686  -7.78294  1.000 17.05087 ?  67  PRO A N   1 
ATOM   522 C CA  . PRO A 1 67  ? 1.81796   -1.46186  -8.20947  1.000 14.45702 ?  67  PRO A CA  1 
ATOM   523 C C   . PRO A 1 67  ? 2.85347   -1.60084  -7.11075  1.000 16.57244 ?  67  PRO A C   1 
ATOM   524 O O   . PRO A 1 67  ? 4.04225   -1.38928  -7.37493  1.000 14.96990 ?  67  PRO A O   1 
ATOM   525 C CB  . PRO A 1 67  ? 1.60201   0.00068   -8.61184  1.000 16.40932 ?  67  PRO A CB  1 
ATOM   526 C CG  . PRO A 1 67  ? 0.50346   0.45162   -7.69678  1.000 16.89589 ?  67  PRO A CG  1 
ATOM   527 C CD  . PRO A 1 67  ? -0.43222  -0.75492  -7.57236  1.000 13.90987 ?  67  PRO A CD  1 
ATOM   528 N N   . LEU A 1 68  ? 2.44562   -1.93995  -5.88279  1.000 15.13299 ?  68  LEU A N   1 
ATOM   529 C CA  . LEU A 1 68  ? 3.40969   -2.24378  -4.81796  1.000 14.50283 ?  68  LEU A CA  1 
ATOM   530 C C   . LEU A 1 68  ? 4.17947   -3.54651  -5.06409  1.000 16.46893 ?  68  LEU A C   1 
ATOM   531 O O   . LEU A 1 68  ? 5.13109   -3.84230  -4.32411  1.000 15.75912 ?  68  LEU A O   1 
ATOM   532 C CB  . LEU A 1 68  ? 2.67162   -2.30977  -3.47349  1.000 15.03973 ?  68  LEU A CB  1 
ATOM   533 C CG  . LEU A 1 68  ? 2.41178   -0.98032  -2.72913  1.000 14.99312 ?  68  LEU A CG  1 
ATOM   534 C CD1 . LEU A 1 68  ? 1.72353   0.10372   -3.59245  1.000 12.01227 ?  68  LEU A CD1 1 
ATOM   535 C CD2 . LEU A 1 68  ? 1.61464   -1.22187  -1.45702  1.000 17.01764 ?  68  LEU A CD2 1 
ATOM   536 N N   . ASN A 1 69  ? 3.76916   -4.35043  -6.05362  1.000 11.59634 ?  69  ASN A N   1 
ATOM   537 C CA  . ASN A 1 69  ? 4.54738   -5.49841  -6.51256  1.000 15.77764 ?  69  ASN A CA  1 
ATOM   538 C C   . ASN A 1 69  ? 5.80733   -5.08909  -7.27643  1.000 14.61329 ?  69  ASN A C   1 
ATOM   539 O O   . ASN A 1 69  ? 6.67113   -5.94008  -7.48825  1.000 16.39817 ?  69  ASN A O   1 
ATOM   540 C CB  . ASN A 1 69  ? 3.71458   -6.41604  -7.44713  1.000 14.31556 ?  69  ASN A CB  1 
ATOM   541 C CG  . ASN A 1 69  ? 2.64022   -7.22638  -6.72065  1.000 14.65567 ?  69  ASN A CG  1 
ATOM   542 O OD1 . ASN A 1 69  ? 2.94460   -8.05537  -5.86425  1.000 15.54110 ?  69  ASN A OD1 1 
ATOM   543 N ND2 . ASN A 1 69  ? 1.37390   -7.00672  -7.08992  1.000 15.56416 ?  69  ASN A ND2 1 
ATOM   544 N N   . SER A 1 70  ? 5.93592   -3.82989  -7.70134  1.000 13.86884 ?  70  SER A N   1 
ATOM   545 C CA  . SER A 1 70  ? 6.95421   -3.46988  -8.69227  1.000 21.84664 ?  70  SER A CA  1 
ATOM   546 C C   . SER A 1 70  ? 8.06098   -2.62256  -8.07651  1.000 16.80920 ?  70  SER A C   1 
ATOM   547 O O   . SER A 1 70  ? 7.79648   -1.48681  -7.66743  1.000 13.52357 ?  70  SER A O   1 
ATOM   548 C CB  . SER A 1 70  ? 6.30905   -2.72307  -9.86071  1.000 17.32998 ?  70  SER A CB  1 
ATOM   549 O OG  . SER A 1 70  ? 7.28922   -2.07227  -10.67261 1.000 16.04713 ?  70  SER A OG  1 
ATOM   550 N N   . PRO A 1 71  ? 9.30785   -3.10061  -8.01480  1.000 20.36328 ?  71  PRO A N   1 
ATOM   551 C CA  . PRO A 1 71  ? 10.39730  -2.22859  -7.54111  1.000 20.09091 ?  71  PRO A CA  1 
ATOM   552 C C   . PRO A 1 71  ? 10.56950  -0.99821  -8.40531  1.000 18.51189 ?  71  PRO A C   1 
ATOM   553 O O   . PRO A 1 71  ? 11.01588  0.05646   -7.91269  1.000 17.60714 ?  71  PRO A O   1 
ATOM   554 C CB  . PRO A 1 71  ? 11.63711  -3.13431  -7.61618  1.000 18.10112 ?  71  PRO A CB  1 
ATOM   555 C CG  . PRO A 1 71  ? 11.11975  -4.52441  -7.80380  1.000 18.21916 ?  71  PRO A CG  1 
ATOM   556 C CD  . PRO A 1 71  ? 9.80721   -4.39584  -8.49624  1.000 22.22939 ?  71  PRO A CD  1 
ATOM   557 N N   . ILE A 1 72  ? 10.21375  -1.11775  -9.69130  1.000 16.97296 ?  72  ILE A N   1 
ATOM   558 C CA  . ILE A 1 72  ? 10.35645  -0.00779  -10.62378 1.000 17.18660 ?  72  ILE A CA  1 
ATOM   559 C C   . ILE A 1 72  ? 9.35963   1.08853   -10.27965 1.000 18.29437 ?  72  ILE A C   1 
ATOM   560 O O   . ILE A 1 72  ? 9.71477   2.26900   -10.21703 1.000 17.53850 ?  72  ILE A O   1 
ATOM   561 C CB  . ILE A 1 72  ? 10.18719  -0.50013  -12.07410 1.000 18.54523 ?  72  ILE A CB  1 
ATOM   562 C CG1 . ILE A 1 72  ? 11.32127  -1.47525  -12.43107 1.000 21.85135 ?  72  ILE A CG1 1 
ATOM   563 C CG2 . ILE A 1 72  ? 10.16535  0.68407   -13.03169 1.000 17.02261 ?  72  ILE A CG2 1 
ATOM   564 C CD1 . ILE A 1 72  ? 10.97084  -2.54940  -13.45313 1.000 21.47733 ?  72  ILE A CD1 1 
ATOM   565 N N   . PHE A 1 73  ? 8.09754   0.70941   -10.02558 1.000 15.51406 ?  73  PHE A N   1 
ATOM   566 C CA  . PHE A 1 73  ? 7.11036   1.69529   -9.59700  1.000 19.21502 ?  73  PHE A CA  1 
ATOM   567 C C   . PHE A 1 73  ? 7.51332   2.31567   -8.26591  1.000 16.23567 ?  73  PHE A C   1 
ATOM   568 O O   . PHE A 1 73  ? 7.36280   3.51993   -8.06581  1.000 15.99429 ?  73  PHE A O   1 
ATOM   569 C CB  . PHE A 1 73  ? 5.72294   1.05384   -9.47926  1.000 18.18648 ?  73  PHE A CB  1 
ATOM   570 C CG  . PHE A 1 73  ? 4.66349   1.96105   -8.85670  1.000 16.33522 ?  73  PHE A CG  1 
ATOM   571 C CD1 . PHE A 1 73  ? 3.90982   2.81708   -9.64343  1.000 19.91127 ?  73  PHE A CD1 1 
ATOM   572 C CD2 . PHE A 1 73  ? 4.39548   1.91643   -7.49119  1.000 19.38251 ?  73  PHE A CD2 1 
ATOM   573 C CE1 . PHE A 1 73  ? 2.91072   3.63521   -9.07675  1.000 18.06103 ?  73  PHE A CE1 1 
ATOM   574 C CE2 . PHE A 1 73  ? 3.40862   2.73480   -6.91713  1.000 17.59598 ?  73  PHE A CE2 1 
ATOM   575 C CZ  . PHE A 1 73  ? 2.67490   3.59367   -7.71031  1.000 15.74380 ?  73  PHE A CZ  1 
ATOM   576 N N   . LEU A 1 74  ? 8.01963   1.50241   -7.34210  1.000 12.90397 ?  74  LEU A N   1 
ATOM   577 C CA  . LEU A 1 74  ? 8.25581   2.00169   -6.00341  1.000 18.02667 ?  74  LEU A CA  1 
ATOM   578 C C   . LEU A 1 74  ? 9.45089   2.94035   -5.94143  1.000 19.44617 ?  74  LEU A C   1 
ATOM   579 O O   . LEU A 1 74  ? 9.61332   3.62248   -4.92142  1.000 15.58170 ?  74  LEU A O   1 
ATOM   580 C CB  . LEU A 1 74  ? 8.43488   0.83233   -5.03074  1.000 14.88291 ?  74  LEU A CB  1 
ATOM   581 C CG  . LEU A 1 74  ? 7.11007   0.14952   -4.67280  1.000 15.59922 ?  74  LEU A CG  1 
ATOM   582 C CD1 . LEU A 1 74  ? 7.36582   -1.10160  -3.88806  1.000 14.36433 ?  74  LEU A CD1 1 
ATOM   583 C CD2 . LEU A 1 74  ? 6.23599   1.11589   -3.87552  1.000 13.16550 ?  74  LEU A CD2 1 
ATOM   584 N N   . ARG A 1 75  ? 10.27767  2.99140   -6.99846  1.000 15.05659 ?  75  ARG A N   1 
ATOM   585 C CA  . ARG A 1 75  ? 11.32565  4.01466   -7.04696  1.000 17.18247 ?  75  ARG A CA  1 
ATOM   586 C C   . ARG A 1 75  ? 10.78698  5.39758   -6.68053  1.000 16.41754 ?  75  ARG A C   1 
ATOM   587 O O   . ARG A 1 75  ? 11.48889  6.20724   -6.06447  1.000 16.27412 ?  75  ARG A O   1 
ATOM   588 C CB  . ARG A 1 75  ? 11.97010  4.07062   -8.43909  1.000 16.22336 ?  75  ARG A CB  1 
ATOM   589 C CG  . ARG A 1 75  ? 12.69143  2.80151   -8.87818  1.000 19.22445 ?  75  ARG A CG  1 
ATOM   590 C CD  . ARG A 1 75  ? 13.06174  2.86483   -10.38293 1.000 20.77382 ?  75  ARG A CD  1 
ATOM   591 N NE  . ARG A 1 75  ? 13.99421  3.95205   -10.68674 1.000 19.20148 ?  75  ARG A NE  1 
ATOM   592 C CZ  . ARG A 1 75  ? 15.29477  3.78261   -10.89782 1.000 24.48312 ?  75  ARG A CZ  1 
ATOM   593 N NH1 . ARG A 1 75  ? 15.84803  2.58288   -10.85429 1.000 18.99764 ?  75  ARG A NH1 1 
ATOM   594 N NH2 . ARG A 1 75  ? 16.06372  4.84614   -11.13688 1.000 20.34861 ?  75  ARG A NH2 1 
ATOM   595 N N   . ARG A 1 76  ? 9.54547   5.69567   -7.06206  1.000 16.22376 ?  76  ARG A N   1 
ATOM   596 C CA  . ARG A 1 76  ? 9.03456   7.03616   -6.83696  1.000 16.26966 ?  76  ARG A CA  1 
ATOM   597 C C   . ARG A 1 76  ? 8.86204   7.36893   -5.35922  1.000 17.46513 ?  76  ARG A C   1 
ATOM   598 O O   . ARG A 1 76  ? 8.65351   8.53871   -5.03691  1.000 21.90357 ?  76  ARG A O   1 
ATOM   599 C CB  . ARG A 1 76  ? 7.71079   7.22736   -7.57775  1.000 16.52730 ?  76  ARG A CB  1 
ATOM   600 C CG  . ARG A 1 76  ? 6.52543   6.57047   -6.88613  1.000 16.50721 ?  76  ARG A CG  1 
ATOM   601 C CD  . ARG A 1 76  ? 5.38347   6.36016   -7.86384  1.000 18.09022 ?  76  ARG A CD  1 
ATOM   602 N NE  . ARG A 1 76  ? 5.83378   5.71422   -9.08838  1.000 18.72329 ?  76  ARG A NE  1 
ATOM   603 C CZ  . ARG A 1 76  ? 5.26992   5.88994   -10.27529 1.000 21.83117 ?  76  ARG A CZ  1 
ATOM   604 N NH1 . ARG A 1 76  ? 4.24648   6.71181   -10.44191 1.000 18.02457 ?  76  ARG A NH1 1 
ATOM   605 N NH2 . ARG A 1 76  ? 5.74339   5.21853   -11.32191 1.000 22.11826 ?  76  ARG A NH2 1 
ATOM   606 N N   . PHE A 1 77  ? 8.95889   6.39185   -4.45931  1.000 18.86200 ?  77  PHE A N   1 
ATOM   607 C CA  . PHE A 1 77  ? 8.88541   6.64310   -3.02289  1.000 20.55685 ?  77  PHE A CA  1 
ATOM   608 C C   . PHE A 1 77  ? 10.24238  6.53844   -2.33656  1.000 22.51944 ?  77  PHE A C   1 
ATOM   609 O O   . PHE A 1 77  ? 10.29923  6.52587   -1.09865  1.000 19.60119 ?  77  PHE A O   1 
ATOM   610 C CB  . PHE A 1 77  ? 7.90044   5.66494   -2.36915  1.000 17.80618 ?  77  PHE A CB  1 
ATOM   611 C CG  . PHE A 1 77  ? 6.49455   5.77874   -2.89338  1.000 19.93520 ?  77  PHE A CG  1 
ATOM   612 C CD1 . PHE A 1 77  ? 5.65899   6.80660   -2.46522  1.000 19.65616 ?  77  PHE A CD1 1 
ATOM   613 C CD2 . PHE A 1 77  ? 6.00995   4.86973   -3.81626  1.000 18.21684 ?  77  PHE A CD2 1 
ATOM   614 C CE1 . PHE A 1 77  ? 4.37483   6.92839   -2.94474  1.000 16.50462 ?  77  PHE A CE1 1 
ATOM   615 C CE2 . PHE A 1 77  ? 4.70786   4.98129   -4.29989  1.000 21.55606 ?  77  PHE A CE2 1 
ATOM   616 C CZ  . PHE A 1 77  ? 3.89159   6.02105   -3.86089  1.000 15.96706 ?  77  PHE A CZ  1 
ATOM   617 N N   . SER A 1 78  ? 11.34019  6.46355   -3.10137  1.000 19.99371 ?  78  SER A N   1 
ATOM   618 C CA  . SER A 1 78  ? 12.63342  6.17458   -2.47645  1.000 22.15084 ?  78  SER A CA  1 
ATOM   619 C C   . SER A 1 78  ? 13.11119  7.32857   -1.60087  1.000 22.45154 ?  78  SER A C   1 
ATOM   620 O O   . SER A 1 78  ? 13.84639  7.10884   -0.63285  1.000 22.53081 ?  78  SER A O   1 
ATOM   621 C CB  . SER A 1 78  ? 13.68688  5.85377   -3.54015  1.000 20.07056 ?  78  SER A CB  1 
ATOM   622 O OG  . SER A 1 78  ? 13.92363  6.98498   -4.36415  1.000 20.08519 ?  78  SER A OG  1 
ATOM   623 N N   . ALA A 1 79  ? 12.69744  8.55080   -1.90168  1.000 22.26136 ?  79  ALA A N   1 
ATOM   624 C CA  . ALA A 1 79  ? 13.14183  9.69348   -1.12269  1.000 25.15884 ?  79  ALA A CA  1 
ATOM   625 C C   . ALA A 1 79  ? 12.17287  10.09613  -0.01876  1.000 23.81480 ?  79  ALA A C   1 
ATOM   626 O O   . ALA A 1 79  ? 12.47338  11.03409  0.72259   1.000 26.67425 ?  79  ALA A O   1 
ATOM   627 C CB  . ALA A 1 79  ? 13.38314  10.89805  -2.03559  1.000 21.77191 ?  79  ALA A CB  1 
ATOM   628 N N   . CYS A 1 80  ? 11.02987  9.42193   0.13679   1.000 24.00135 ?  80  CYS A N   1 
ATOM   629 C CA  . CYS A 1 80  ? 10.01969  9.94511   1.05157   1.000 22.15712 ?  80  CYS A CA  1 
ATOM   630 C C   . CYS A 1 80  ? 9.24602   8.82053   1.73360   1.000 23.66375 ?  80  CYS A C   1 
ATOM   631 O O   . CYS A 1 80  ? 8.04211   8.94569   1.98802   1.000 20.11583 ?  80  CYS A O   1 
ATOM   632 C CB  . CYS A 1 80  ? 9.06181   10.89270  0.32930   1.000 20.24158 ?  80  CYS A CB  1 
ATOM   633 S SG  . CYS A 1 80  ? 8.14292   10.13706  -1.06728  1.000 24.87091 ?  80  CYS A SG  1 
ATOM   634 N N   . SER A 1 81  ? 9.92829   7.72383   2.05777   1.000 21.86855 ?  81  SER A N   1 
ATOM   635 C CA  . SER A 1 81  ? 9.28245   6.59528   2.71843   1.000 19.93098 ?  81  SER A CA  1 
ATOM   636 C C   . SER A 1 81  ? 10.36841  5.70638   3.28843   1.000 21.33889 ?  81  SER A C   1 
ATOM   637 O O   . SER A 1 81  ? 11.55916  5.93295   3.05929   1.000 22.39444 ?  81  SER A O   1 
ATOM   638 C CB  . SER A 1 81  ? 8.37729   5.81471   1.76289   1.000 19.59942 ?  81  SER A CB  1 
ATOM   639 O OG  . SER A 1 81  ? 9.13347   4.88235   1.00307   1.000 20.66230 ?  81  SER A OG  1 
ATOM   640 N N   . VAL A 1 82  ? 9.94156   4.67822   4.02553   1.000 21.93586 ?  82  VAL A N   1 
ATOM   641 C CA  . VAL A 1 82  ? 10.84302  3.75452   4.70347   1.000 24.40210 ?  82  VAL A CA  1 
ATOM   642 C C   . VAL A 1 82  ? 10.43083  2.33297   4.35847   1.000 21.22018 ?  82  VAL A C   1 
ATOM   643 O O   . VAL A 1 82  ? 9.25969   1.97486   4.50483   1.000 24.49273 ?  82  VAL A O   1 
ATOM   644 C CB  . VAL A 1 82  ? 10.81010  3.95019   6.23445   1.000 26.57904 ?  82  VAL A CB  1 
ATOM   645 C CG1 . VAL A 1 82  ? 11.46969  2.75866   6.93391   1.000 25.77389 ?  82  VAL A CG1 1 
ATOM   646 C CG2 . VAL A 1 82  ? 11.46923  5.26905   6.62630   1.000 28.19125 ?  82  VAL A CG2 1 
ATOM   647 N N   . GLY A 1 83  ? 11.38600  1.51128   3.93920   1.000 23.69972 ?  83  GLY A N   1 
ATOM   648 C CA  . GLY A 1 83  ? 11.09164  0.11193   3.69413   1.000 20.65912 ?  83  GLY A CA  1 
ATOM   649 C C   . GLY A 1 83  ? 10.57154  -0.21136  2.30852   1.000 21.89178 ?  83  GLY A C   1 
ATOM   650 O O   . GLY A 1 83  ? 10.08735  -1.32922  2.09268   1.000 25.02447 ?  83  GLY A O   1 
ATOM   651 N N   . PHE A 1 84  ? 10.66001  0.72767   1.36462   1.000 22.85687 ?  84  PHE A N   1 
ATOM   652 C CA  . PHE A 1 84  ? 10.17986  0.48468   0.00726   1.000 24.23498 ?  84  PHE A CA  1 
ATOM   653 C C   . PHE A 1 84  ? 10.92212  -0.68268  -0.64579  1.000 24.68437 ?  84  PHE A C   1 
ATOM   654 O O   . PHE A 1 84  ? 10.31365  -1.49343  -1.35744  1.000 23.29334 ?  84  PHE A O   1 
ATOM   655 C CB  . PHE A 1 84  ? 10.31346  1.76489   -0.81561  1.000 18.07062 ?  84  PHE A CB  1 
ATOM   656 C CG  . PHE A 1 84  ? 11.67333  2.41171   -0.70521  1.000 27.33192 ?  84  PHE A CG  1 
ATOM   657 C CD1 . PHE A 1 84  ? 11.98176  3.26381   0.36191   1.000 20.22807 ?  84  PHE A CD1 1 
ATOM   658 C CD2 . PHE A 1 84  ? 12.65480  2.14913   -1.65500  1.000 22.68067 ?  84  PHE A CD2 1 
ATOM   659 C CE1 . PHE A 1 84  ? 13.23178  3.83016   0.47180   1.000 24.66281 ?  84  PHE A CE1 1 
ATOM   660 C CE2 . PHE A 1 84  ? 13.90845  2.71345   -1.54881  1.000 23.19837 ?  84  PHE A CE2 1 
ATOM   661 C CZ  . PHE A 1 84  ? 14.20326  3.55849   -0.48661  1.000 25.44892 ?  84  PHE A CZ  1 
ATOM   662 N N   . GLU A 1 85  ? 12.22861  -0.80479  -0.38079  1.000 24.54509 ?  85  GLU A N   1 
ATOM   663 C CA  . GLU A 1 85  ? 13.03699  -1.88634  -0.94328  1.000 25.96291 ?  85  GLU A CA  1 
ATOM   664 C C   . GLU A 1 85  ? 12.40487  -3.24520  -0.70695  1.000 23.22210 ?  85  GLU A C   1 
ATOM   665 O O   . GLU A 1 85  ? 12.46884  -4.13551  -1.56276  1.000 25.23602 ?  85  GLU A O   1 
ATOM   666 C CB  . GLU A 1 85  ? 14.43069  -1.87807  -0.31350  1.000 26.61430 ?  85  GLU A CB  1 
ATOM   667 C CG  . GLU A 1 85  ? 15.51267  -1.22543  -1.10168  1.000 28.21818 ?  85  GLU A CG  1 
ATOM   668 C CD  . GLU A 1 85  ? 16.89544  -1.83838  -0.80802  1.000 30.95087 ?  85  GLU A CD  1 
ATOM   669 O OE1 . GLU A 1 85  ? 17.08358  -3.08895  -0.88780  1.000 30.26183 ?  85  GLU A OE1 1 
ATOM   670 O OE2 . GLU A 1 85  ? 17.79384  -1.05413  -0.49120  1.000 27.52946 -1 85  GLU A OE2 1 
ATOM   671 N N   . GLU A 1 86  ? 11.81344  -3.42980  0.46101   1.000 23.55204 ?  86  GLU A N   1 
ATOM   672 C CA  . GLU A 1 86  ? 11.28236  -4.70969  0.88943   1.000 23.52000 ?  86  GLU A CA  1 
ATOM   673 C C   . GLU A 1 86  ? 9.78519   -4.85931  0.61781   1.000 23.16527 ?  86  GLU A C   1 
ATOM   674 O O   . GLU A 1 86  ? 9.20780   -5.87981  0.99853   1.000 23.85756 ?  86  GLU A O   1 
ATOM   675 C CB  . GLU A 1 86  ? 11.56162  -4.89809  2.39215   1.000 28.81162 ?  86  GLU A CB  1 
ATOM   676 C CG  . GLU A 1 86  ? 13.05700  -4.98915  2.77681   1.000 26.36029 ?  86  GLU A CG  1 
ATOM   677 C CD  . GLU A 1 86  ? 13.78469  -3.64033  2.76186   1.000 32.63618 ?  86  GLU A CD  1 
ATOM   678 O OE1 . GLU A 1 86  ? 13.19559  -2.60804  3.15840   1.000 32.07647 ?  86  GLU A OE1 1 
ATOM   679 O OE2 . GLU A 1 86  ? 14.96103  -3.60625  2.33838   1.000 37.02339 -1 86  GLU A OE2 1 
ATOM   680 N N   . ILE A 1 87  ? 9.13670   -3.87964  -0.01100  1.000 19.45930 ?  87  ILE A N   1 
ATOM   681 C CA  . ILE A 1 87  ? 7.67482   -3.94668  -0.12963  1.000 18.38335 ?  87  ILE A CA  1 
ATOM   682 C C   . ILE A 1 87  ? 7.22807   -5.00296  -1.14637  1.000 16.91884 ?  87  ILE A C   1 
ATOM   683 O O   . ILE A 1 87  ? 6.27662   -5.74031  -0.86050  1.000 20.74236 ?  87  ILE A O   1 
ATOM   684 C CB  . ILE A 1 87  ? 7.09250   -2.56033  -0.44462  1.000 19.73977 ?  87  ILE A CB  1 
ATOM   685 C CG1 . ILE A 1 87  ? 7.04420   -1.74418  0.84617   1.000 23.21740 ?  87  ILE A CG1 1 
ATOM   686 C CG2 . ILE A 1 87  ? 5.68143   -2.67454  -1.04716  1.000 16.32775 ?  87  ILE A CG2 1 
ATOM   687 C CD1 . ILE A 1 87  ? 6.19154   -2.38755  1.91033   1.000 22.41376 ?  87  ILE A CD1 1 
ATOM   688 N N   . PRO A 1 88  ? 7.86296   -5.14325  -2.32164  1.000 16.93104 ?  88  PRO A N   1 
ATOM   689 C CA  . PRO A 1 88  ? 7.48646   -6.26627  -3.21444  1.000 19.44045 ?  88  PRO A CA  1 
ATOM   690 C C   . PRO A 1 88  ? 7.52428   -7.64539  -2.55097  1.000 19.84848 ?  88  PRO A C   1 
ATOM   691 O O   . PRO A 1 88  ? 6.56207   -8.42572  -2.69930  1.000 21.47203 ?  88  PRO A O   1 
ATOM   692 C CB  . PRO A 1 88  ? 8.48862   -6.14945  -4.38255  1.000 14.51920 ?  88  PRO A CB  1 
ATOM   693 C CG  . PRO A 1 88  ? 9.03588   -4.77598  -4.31503  1.000 19.63538 ?  88  PRO A CG  1 
ATOM   694 C CD  . PRO A 1 88  ? 8.73672   -4.16155  -2.99079  1.000 16.30092 ?  88  PRO A CD  1 
ATOM   695 N N   . THR A 1 89  ? 8.58640   -7.97109  -1.79335  1.000 20.06181 ?  89  THR A N   1 
ATOM   696 C CA  . THR A 1 89  ? 8.57552   -9.24621  -1.07095  1.000 16.55677 ?  89  THR A CA  1 
ATOM   697 C C   . THR A 1 89  ? 7.47290   -9.28215  -0.02251  1.000 20.15056 ?  89  THR A C   1 
ATOM   698 O O   . THR A 1 89  ? 6.84375   -10.33166 0.19351   1.000 20.12552 ?  89  THR A O   1 
ATOM   699 C CB  . THR A 1 89  ? 9.91108   -9.53139  -0.38922  1.000 20.62890 ?  89  THR A CB  1 
ATOM   700 O OG1 . THR A 1 89  ? 10.99154  -9.34862  -1.30320  1.000 21.73581 ?  89  THR A OG1 1 
ATOM   701 C CG2 . THR A 1 89  ? 9.90838   -10.97123 0.09758   1.000 23.76845 ?  89  THR A CG2 1 
ATOM   702 N N   . ALA A 1 90  ? 7.21348   -8.14769  0.64333   1.000 19.18818 ?  90  ALA A N   1 
ATOM   703 C CA  . ALA A 1 90  ? 6.08585   -8.13807  1.56687   1.000 24.19112 ?  90  ALA A CA  1 
ATOM   704 C C   . ALA A 1 90  ? 4.81296   -8.57101  0.84736   1.000 16.66813 ?  90  ALA A C   1 
ATOM   705 O O   . ALA A 1 90  ? 4.04509   -9.39630  1.36218   1.000 22.45768 ?  90  ALA A O   1 
ATOM   706 C CB  . ALA A 1 90  ? 5.92585   -6.76130  2.21130   1.000 19.73646 ?  90  ALA A CB  1 
ATOM   707 N N   . LEU A 1 91  ? 4.61794   -8.10214  -0.39184  1.000 20.85720 ?  91  LEU A N   1 
ATOM   708 C CA  . LEU A 1 91  ? 3.40134   -8.49387  -1.09102  1.000 20.34241 ?  91  LEU A CA  1 
ATOM   709 C C   . LEU A 1 91  ? 3.44418   -9.97779  -1.42380  1.000 21.04719 ?  91  LEU A C   1 
ATOM   710 O O   . LEU A 1 91  ? 2.44095   -10.68839 -1.26792  1.000 21.88679 ?  91  LEU A O   1 
ATOM   711 C CB  . LEU A 1 91  ? 3.18674   -7.62798  -2.34179  1.000 20.52425 ?  91  LEU A CB  1 
ATOM   712 C CG  . LEU A 1 91  ? 2.15234   -6.50739  -2.08972  1.000 19.28824 ?  91  LEU A CG  1 
ATOM   713 C CD1 . LEU A 1 91  ? 2.68926   -5.44416  -1.12398  1.000 14.54877 ?  91  LEU A CD1 1 
ATOM   714 C CD2 . LEU A 1 91  ? 1.64287   -5.86456  -3.38545  1.000 17.38871 ?  91  LEU A CD2 1 
ATOM   715 N N   . GLN A 1 92  ? 4.62302   -10.48073 -1.78482  1.000 22.54151 ?  92  GLN A N   1 
ATOM   716 C CA  . GLN A 1 92  ? 4.75555   -11.91344 -2.01611  1.000 25.29223 ?  92  GLN A CA  1 
ATOM   717 C C   . GLN A 1 92  ? 4.29703   -12.69083 -0.79053  1.000 26.45382 ?  92  GLN A C   1 
ATOM   718 O O   . GLN A 1 92  ? 3.43752   -13.58478 -0.88786  1.000 23.12807 ?  92  GLN A O   1 
ATOM   719 C CB  . GLN A 1 92  ? 6.20286   -12.24169 -2.40490  1.000 24.79081 ?  92  GLN A CB  1 
ATOM   720 C CG  . GLN A 1 92  ? 6.59467   -11.55510 -3.72475  1.000 28.93974 ?  92  GLN A CG  1 
ATOM   721 C CD  . GLN A 1 92  ? 5.76884   -12.07385 -4.91917  1.000 39.17451 ?  92  GLN A CD  1 
ATOM   722 O OE1 . GLN A 1 92  ? 5.62213   -11.40014 -5.95425  1.000 35.08849 ?  92  GLN A OE1 1 
ATOM   723 N NE2 . GLN A 1 92  ? 5.25686   -13.29619 -4.78561  1.000 42.25716 ?  92  GLN A NE2 1 
ATOM   724 N N   . ARG A 1 93  ? 4.76797   -12.27622 0.39601   1.000 20.27419 ?  93  ARG A N   1 
ATOM   725 C CA  . ARG A 1 93  ? 4.36175   -12.99796 1.59133   1.000 20.31656 ?  93  ARG A CA  1 
ATOM   726 C C   . ARG A 1 93  ? 2.86220   -12.87458 1.78802   1.000 26.11791 ?  93  ARG A C   1 
ATOM   727 O O   . ARG A 1 93  ? 2.17927   -13.87353 2.05806   1.000 25.85403 ?  93  ARG A O   1 
ATOM   728 C CB  . ARG A 1 93  ? 5.10853   -12.47998 2.81930   1.000 28.93249 ?  93  ARG A CB  1 
ATOM   729 C CG  . ARG A 1 93  ? 6.53022   -12.96015 2.92168   1.000 29.16548 ?  93  ARG A CG  1 
ATOM   730 C CD  . ARG A 1 93  ? 7.06144   -12.81837 4.33594   1.000 29.55704 ?  93  ARG A CD  1 
ATOM   731 N NE  . ARG A 1 93  ? 8.48611   -13.12137 4.37150   1.000 35.14792 ?  93  ARG A NE  1 
ATOM   732 C CZ  . ARG A 1 93  ? 9.42731   -12.27654 3.97441   1.000 37.89383 ?  93  ARG A CZ  1 
ATOM   733 N NH1 . ARG A 1 93  ? 9.12712   -11.05664 3.54690   1.000 35.20668 ?  93  ARG A NH1 1 
ATOM   734 N NH2 . ARG A 1 93  ? 10.69894  -12.65927 4.01253   1.000 35.31941 ?  93  ARG A NH2 1 
ATOM   735 N N   . ILE A 1 94  ? 2.31662   -11.66524 1.59519   1.000 22.98964 ?  94  ILE A N   1 
ATOM   736 C CA  . ILE A 1 94  ? 0.88546   -11.51260 1.81108   1.000 23.45317 ?  94  ILE A CA  1 
ATOM   737 C C   . ILE A 1 94  ? 0.13406   -12.41796 0.85442   1.000 24.68662 ?  94  ILE A C   1 
ATOM   738 O O   . ILE A 1 94  ? -0.75562  -13.18082 1.26510   1.000 22.34936 ?  94  ILE A O   1 
ATOM   739 C CB  . ILE A 1 94  ? 0.45894   -10.04052 1.68576   1.000 20.50112 ?  94  ILE A CB  1 
ATOM   740 C CG1 . ILE A 1 94  ? 0.78256   -9.30696  2.99866   1.000 25.94979 ?  94  ILE A CG1 1 
ATOM   741 C CG2 . ILE A 1 94  ? -1.02746  -9.94285  1.37513   1.000 20.44113 ?  94  ILE A CG2 1 
ATOM   742 C CD1 . ILE A 1 94  ? 1.26319   -7.87509  2.82112   1.000 20.94700 ?  94  ILE A CD1 1 
ATOM   743 N N   . ARG A 1 95  ? 0.56885   -12.45488 -0.40848  1.000 22.51284 ?  95  ARG A N   1 
ATOM   744 C CA  . ARG A 1 95  ? -0.18201  -13.26294 -1.35758  1.000 21.51274 ?  95  ARG A CA  1 
ATOM   745 C C   . ARG A 1 95  ? -0.08026  -14.74331 -0.99699  1.000 25.39038 ?  95  ARG A C   1 
ATOM   746 O O   . ARG A 1 95  ? -1.03099  -15.50544 -1.22374  1.000 21.76422 ?  95  ARG A O   1 
ATOM   747 C CB  . ARG A 1 95  ? 0.29837   -12.96484 -2.78381  1.000 22.66073 ?  95  ARG A CB  1 
ATOM   748 C CG  . ARG A 1 95  ? -0.13964  -11.56655 -3.27272  1.000 16.38566 ?  95  ARG A CG  1 
ATOM   749 C CD  . ARG A 1 95  ? 0.72983   -11.05010 -4.41706  1.000 20.34396 ?  95  ARG A CD  1 
ATOM   750 N NE  . ARG A 1 95  ? 0.44125   -11.73920 -5.67030  1.000 19.71971 ?  95  ARG A NE  1 
ATOM   751 C CZ  . ARG A 1 95  ? 1.01615   -11.45680 -6.83167  1.000 25.79431 ?  95  ARG A CZ  1 
ATOM   752 N NH1 . ARG A 1 95  ? 1.90245   -10.47585 -6.94678  1.000 24.11701 ?  95  ARG A NH1 1 
ATOM   753 N NH2 . ARG A 1 95  ? 0.69472   -12.17458 -7.90643  1.000 21.64750 ?  95  ARG A NH2 1 
ATOM   754 N N   . SER A 1 96  ? 1.03044   -15.14924 -0.36897  1.000 27.22093 ?  96  SER A N   1 
ATOM   755 C CA  . SER A 1 96  ? 1.15658   -16.53435 0.08563   1.000 28.64299 ?  96  SER A CA  1 
ATOM   756 C C   . SER A 1 96  ? 0.16121   -16.83217 1.18573   1.000 26.08418 ?  96  SER A C   1 
ATOM   757 O O   . SER A 1 96  ? -0.59943  -17.80718 1.10403   1.000 26.27335 ?  96  SER A O   1 
ATOM   758 C CB  . SER A 1 96  ? 2.56784   -16.81800 0.58883   1.000 26.26639 ?  96  SER A CB  1 
ATOM   759 O OG  . SER A 1 96  ? 3.47595   -16.82453 -0.47469  1.000 35.55667 ?  96  SER A OG  1 
ATOM   760 N N   . VAL A 1 97  ? 0.11893   -15.97641 2.21056   1.000 25.91434 ?  97  VAL A N   1 
ATOM   761 C CA  . VAL A 1 97  ? -0.69152  -16.33645 3.36295   1.000 27.88495 ?  97  VAL A CA  1 
ATOM   762 C C   . VAL A 1 97  ? -2.15452  -16.28770 2.97357   1.000 28.52880 ?  97  VAL A C   1 
ATOM   763 O O   . VAL A 1 97  ? -2.92722  -17.19301 3.30952   1.000 30.66415 ?  97  VAL A O   1 
ATOM   764 C CB  . VAL A 1 97  ? -0.36459  -15.43713 4.57325   1.000 27.97322 ?  97  VAL A CB  1 
ATOM   765 C CG1 . VAL A 1 97  ? 1.02992   -15.78167 5.10247   1.000 30.50743 ?  97  VAL A CG1 1 
ATOM   766 C CG2 . VAL A 1 97  ? -0.44395  -13.97057 4.20953   1.000 31.99434 ?  97  VAL A CG2 1 
ATOM   767 N N   . TYR A 1 98  ? -2.53533  -15.28005 2.17750   1.000 23.30873 ?  98  TYR A N   1 
ATOM   768 C CA  . TYR A 1 98  ? -3.89339  -15.22278 1.65424   1.000 25.26190 ?  98  TYR A CA  1 
ATOM   769 C C   . TYR A 1 98  ? -4.24525  -16.51338 0.92139   1.000 24.85074 ?  98  TYR A C   1 
ATOM   770 O O   . TYR A 1 98  ? -5.27381  -17.13972 1.20180   1.000 24.92855 ?  98  TYR A O   1 
ATOM   771 C CB  . TYR A 1 98  ? -4.05744  -14.02097 0.72878   1.000 23.37341 ?  98  TYR A CB  1 
ATOM   772 C CG  . TYR A 1 98  ? -5.47525  -13.89784 0.24240   1.000 21.83405 ?  98  TYR A CG  1 
ATOM   773 C CD1 . TYR A 1 98  ? -6.52442  -13.76663 1.14194   1.000 21.80707 ?  98  TYR A CD1 1 
ATOM   774 C CD2 . TYR A 1 98  ? -5.77318  -13.95353 -1.10640  1.000 22.12700 ?  98  TYR A CD2 1 
ATOM   775 C CE1 . TYR A 1 98  ? -7.83417  -13.65985 0.69717   1.000 25.15526 ?  98  TYR A CE1 1 
ATOM   776 C CE2 . TYR A 1 98  ? -7.09197  -13.86296 -1.55868  1.000 21.27833 ?  98  TYR A CE2 1 
ATOM   777 C CZ  . TYR A 1 98  ? -8.11018  -13.71755 -0.64973  1.000 17.53447 ?  98  TYR A CZ  1 
ATOM   778 O OH  . TYR A 1 98  ? -9.40482  -13.61310 -1.09439  1.000 24.28256 ?  98  TYR A OH  1 
ATOM   779 N N   . THR A 1 99  ? -3.36675  -16.95676 0.01715   1.000 24.99256 ?  99  THR A N   1 
ATOM   780 C CA  . THR A 1 99  ? -3.61495  -18.21700 -0.67482  1.000 27.99819 ?  99  THR A CA  1 
ATOM   781 C C   . THR A 1 99  ? -3.80391  -19.34052 0.33599   1.000 28.07961 ?  99  THR A C   1 
ATOM   782 O O   . THR A 1 99  ? -4.82750  -20.03767 0.32631   1.000 28.35342 ?  99  THR A O   1 
ATOM   783 C CB  . THR A 1 99  ? -2.46077  -18.52050 -1.63162  1.000 25.08390 ?  99  THR A CB  1 
ATOM   784 O OG1 . THR A 1 99  ? -2.43342  -17.52894 -2.66847  1.000 23.64361 ?  99  THR A OG1 1 
ATOM   785 C CG2 . THR A 1 99  ? -2.60455  -19.92767 -2.24230  1.000 25.32390 ?  99  THR A CG2 1 
ATOM   786 N N   . ALA A 1 100 ? -2.87262  -19.44576 1.29109   1.000 26.00705 ?  100 ALA A N   1 
ATOM   787 C CA  . ALA A 1 100 ? -2.97718  -20.46949 2.32399   1.000 31.78753 ?  100 ALA A CA  1 
ATOM   788 C C   . ALA A 1 100 ? -4.27417  -20.31361 3.10401   1.000 36.83225 ?  100 ALA A C   1 
ATOM   789 O O   . ALA A 1 100 ? -4.97508  -21.30317 3.35844   1.000 36.61290 ?  100 ALA A O   1 
ATOM   790 C CB  . ALA A 1 100 ? -1.76713  -20.40371 3.25626   1.000 28.67029 ?  100 ALA A CB  1 
ATOM   791 N N   . LYS A 1 101 ? -4.64830  -19.06976 3.42697   1.000 29.06569 ?  101 LYS A N   1 
ATOM   792 C CA  . LYS A 1 101 ? -5.89040  -18.85637 4.16166   1.000 35.13123 ?  101 LYS A CA  1 
ATOM   793 C C   . LYS A 1 101 ? -7.07287  -19.40546 3.37840   1.000 36.13912 ?  101 LYS A C   1 
ATOM   794 O O   . LYS A 1 101 ? -7.89465  -20.15332 3.92235   1.000 40.97820 ?  101 LYS A O   1 
ATOM   795 C CB  . LYS A 1 101 ? -6.07743  -17.37240 4.48124   1.000 34.82284 ?  101 LYS A CB  1 
ATOM   796 C CG  . LYS A 1 101 ? -7.31121  -17.04564 5.32585   1.000 38.77578 ?  101 LYS A CG  1 
ATOM   797 C CD  . LYS A 1 101 ? -7.68560  -15.56018 5.19895   1.000 41.58678 ?  101 LYS A CD  1 
ATOM   798 C CE  . LYS A 1 101 ? -9.07047  -15.24474 5.78971   1.000 45.54421 ?  101 LYS A CE  1 
ATOM   799 N NZ  . LYS A 1 101 ? -9.02609  -14.42261 7.05440   1.000 44.50682 ?  101 LYS A NZ  1 
ATOM   800 N N   . LEU A 1 102 ? -7.13505  -19.10716 2.07401   1.000 39.11712 ?  102 LEU A N   1 
ATOM   801 C CA  . LEU A 1 102 ? -8.24099  -19.62794 1.27392   1.000 35.47966 ?  102 LEU A CA  1 
ATOM   802 C C   . LEU A 1 102 ? -8.19868  -21.14702 1.22395   1.000 36.05066 ?  102 LEU A C   1 
ATOM   803 O O   . LEU A 1 102 ? -9.24699  -21.80378 1.22135   1.000 42.15249 ?  102 LEU A O   1 
ATOM   804 C CB  . LEU A 1 102 ? -8.20406  -19.05382 -0.13841  1.000 31.37137 ?  102 LEU A CB  1 
ATOM   805 C CG  . LEU A 1 102 ? -8.27096  -17.54092 -0.33300  1.000 29.14340 ?  102 LEU A CG  1 
ATOM   806 C CD1 . LEU A 1 102 ? -8.13151  -17.22814 -1.81187  1.000 26.93254 ?  102 LEU A CD1 1 
ATOM   807 C CD2 . LEU A 1 102 ? -9.56958  -16.97960 0.19809   1.000 28.48410 ?  102 LEU A CD2 1 
ATOM   808 N N   . LEU A 1 103 ? -6.99006  -21.72378 1.18951   1.000 36.47059 ?  103 LEU A N   1 
ATOM   809 C CA  . LEU A 1 103 ? -6.87026  -23.17751 1.23137   1.000 36.33602 ?  103 LEU A CA  1 
ATOM   810 C C   . LEU A 1 103 ? -7.35913  -23.71155 2.56903   1.000 41.33646 ?  103 LEU A C   1 
ATOM   811 O O   . LEU A 1 103 ? -8.08019  -24.71388 2.61594   1.000 50.17067 ?  103 LEU A O   1 
ATOM   812 C CB  . LEU A 1 103 ? -5.41972  -23.59903 0.98059   1.000 36.08937 ?  103 LEU A CB  1 
ATOM   813 C CG  . LEU A 1 103 ? -4.96134  -24.13802 -0.38267  1.000 33.05403 ?  103 LEU A CG  1 
ATOM   814 C CD1 . LEU A 1 103 ? -5.09509  -23.09094 -1.46919  1.000 34.35147 ?  103 LEU A CD1 1 
ATOM   815 C CD2 . LEU A 1 103 ? -3.51038  -24.58041 -0.28386  1.000 41.96774 ?  103 LEU A CD2 1 
ATOM   816 N N   . GLU A 1 104 ? -7.01404  -23.03211 3.66784   1.000 43.46369 ?  104 GLU A N   1 
ATOM   817 C CA  . GLU A 1 104 ? -7.38785  -23.54469 4.98435   1.000 51.88608 ?  104 GLU A CA  1 
ATOM   818 C C   . GLU A 1 104 ? -8.86438  -23.35750 5.29191   1.000 52.36602 ?  104 GLU A C   1 
ATOM   819 O O   . GLU A 1 104 ? -9.32421  -23.83697 6.33292   1.000 59.88261 ?  104 GLU A O   1 
ATOM   820 C CB  . GLU A 1 104 ? -6.54767  -22.88194 6.08379   1.000 49.11029 ?  104 GLU A CB  1 
ATOM   821 C CG  . GLU A 1 104 ? -5.32090  -23.69769 6.49809   1.000 55.15979 ?  104 GLU A CG  1 
ATOM   822 C CD  . GLU A 1 104 ? -4.10311  -22.83091 6.81962   1.000 58.96745 ?  104 GLU A CD  1 
ATOM   823 O OE1 . GLU A 1 104 ? -4.27879  -21.67860 7.28439   1.000 59.42260 ?  104 GLU A OE1 1 
ATOM   824 O OE2 . GLU A 1 104 ? -2.96451  -23.29432 6.57748   1.000 54.77144 ?  104 GLU A OE2 1 
ATOM   825 N N   . ASP A 1 105 ? -9.60965  -22.67730 4.42816   1.000 50.24835 ?  105 ASP A N   1 
ATOM   826 C CA  . ASP A 1 105 ? -11.03529 -22.49804 4.63990   1.000 49.33142 ?  105 ASP A CA  1 
ATOM   827 C C   . ASP A 1 105 ? -11.82446 -23.37925 3.67973   1.000 53.26107 ?  105 ASP A C   1 
ATOM   828 O O   . ASP A 1 105 ? -12.01056 -23.03301 2.51370   1.000 57.26990 ?  105 ASP A O   1 
ATOM   829 C CB  . ASP A 1 105 ? -11.42729 -21.02639 4.47123   1.000 51.38616 ?  105 ASP A CB  1 
ATOM   830 C CG  . ASP A 1 105 ? -10.64763 -20.09634 5.40279   1.000 60.09597 ?  105 ASP A CG  1 
ATOM   831 O OD1 . ASP A 1 105 ? -9.90718  -20.60233 6.28307   1.000 61.10933 ?  105 ASP A OD1 1 
ATOM   832 O OD2 . ASP A 1 105 ? -10.78368 -18.85686 5.25825   1.000 56.40647 ?  105 ASP A OD2 1 
HETATM 833 O O   . HOH B 2 .   ? 2.97888   -13.85017 -5.07985  1.000 30.20336 ?  201 HOH A O   1 
HETATM 834 O O   . HOH B 2 .   ? -2.64296  -12.36335 -14.34358 1.000 24.85968 ?  202 HOH A O   1 
HETATM 835 O O   . HOH B 2 .   ? -4.56407  -3.02482  -5.99662  1.000 15.64398 ?  203 HOH A O   1 
HETATM 836 O O   . HOH B 2 .   ? 20.13343  -1.33618  -0.84815  1.000 22.80640 ?  204 HOH A O   1 
HETATM 837 O O   . HOH B 2 .   ? -10.98057 -1.20541  -2.15950  1.000 35.45402 ?  205 HOH A O   1 
HETATM 838 O O   . HOH B 2 .   ? 17.44741  1.35186   -0.89400  1.000 33.42338 ?  206 HOH A O   1 
HETATM 839 O O   . HOH B 2 .   ? -0.13487  -17.25505 -3.58630  1.000 28.85281 ?  207 HOH A O   1 
HETATM 840 O O   . HOH B 2 .   ? -10.75594 1.36192   2.64019   1.000 27.99825 ?  208 HOH A O   1 
HETATM 841 O O   . HOH B 2 .   ? -5.24349  -8.02318  6.52679   1.000 24.57629 ?  209 HOH A O   1 
HETATM 842 O O   . HOH B 2 .   ? 2.99875   20.70964  -2.11064  1.000 30.77998 ?  210 HOH A O   1 
HETATM 843 O O   . HOH B 2 .   ? -5.59620  -5.10736  -14.34685 1.000 15.95227 ?  211 HOH A O   1 
HETATM 844 O O   . HOH B 2 .   ? -8.52579  -1.67542  9.65782   1.000 26.85600 ?  212 HOH A O   1 
HETATM 845 O O   . HOH B 2 .   ? -2.94160  23.22303  -1.04120  1.000 26.06475 ?  213 HOH A O   1 
HETATM 846 O O   . HOH B 2 .   ? -8.28688  -2.33225  -11.41061 1.000 22.00368 ?  214 HOH A O   1 
HETATM 847 O O   . HOH B 2 .   ? 7.19230   -1.46823  6.09632   1.000 18.16248 ?  215 HOH A O   1 
HETATM 848 O O   . HOH B 2 .   ? 7.88048   1.25655   6.59551   1.000 22.65857 ?  216 HOH A O   1 
HETATM 849 O O   . HOH B 2 .   ? 8.32315   10.69234  -6.46721  1.000 28.88905 ?  217 HOH A O   1 
HETATM 850 O O   . HOH B 2 .   ? 5.04765   3.87252   9.36964   1.000 27.78440 ?  218 HOH A O   1 
HETATM 851 O O   . HOH B 2 .   ? -3.37380  -23.81585 4.01747   1.000 38.51025 ?  219 HOH A O   1 
HETATM 852 O O   . HOH B 2 .   ? 4.52491   21.29041  4.84925   1.000 32.35377 ?  220 HOH A O   1 
HETATM 853 O O   . HOH B 2 .   ? -2.34007  20.65977  11.05727  1.000 34.99031 ?  221 HOH A O   1 
HETATM 854 O O   . HOH B 2 .   ? 8.12823   -4.21359  -11.99299 1.000 32.58834 ?  222 HOH A O   1 
HETATM 855 O O   . HOH B 2 .   ? 14.09267  7.03289   -7.01546  1.000 29.31443 ?  223 HOH A O   1 
HETATM 856 O O   . HOH B 2 .   ? -10.10104 -5.55651  -6.93398  1.000 34.10812 ?  224 HOH A O   1 
HETATM 857 O O   . HOH B 2 .   ? 5.50239   -8.88100  -5.10025  1.000 21.59948 ?  225 HOH A O   1 
HETATM 858 O O   . HOH B 2 .   ? 12.84575  -3.71262  -4.16709  1.000 26.55881 ?  226 HOH A O   1 
HETATM 859 O O   . HOH B 2 .   ? -0.09615  22.97346  7.68236   1.000 29.35589 ?  227 HOH A O   1 
HETATM 860 O O   . HOH B 2 .   ? 9.33059   -8.10308  3.30772   1.000 29.45626 ?  228 HOH A O   1 
HETATM 861 O O   . HOH B 2 .   ? -2.72807  -0.35247  11.79912  1.000 31.04689 ?  229 HOH A O   1 
HETATM 862 O O   . HOH B 2 .   ? -3.25749  17.49268  8.75245   1.000 28.84977 ?  230 HOH A O   1 
HETATM 863 O O   . HOH B 2 .   ? -2.66226  -1.51453  -4.48690  1.000 19.33836 ?  231 HOH A O   1 
HETATM 864 O O   . HOH B 2 .   ? 3.77688   7.35875   -13.02930 1.000 38.00887 ?  232 HOH A O   1 
HETATM 865 O O   . HOH B 2 .   ? -6.87259  -12.09644 -10.20347 1.000 18.14065 ?  233 HOH A O   1 
HETATM 866 O O   . HOH B 2 .   ? -1.80233  -3.89106  9.95144   1.000 30.37456 ?  234 HOH A O   1 
HETATM 867 O O   . HOH B 2 .   ? -7.84441  3.75058   -8.55346  1.000 25.24557 ?  235 HOH A O   1 
HETATM 868 O O   . HOH B 2 .   ? 1.61444   8.16766   9.23437   1.000 30.49652 ?  236 HOH A O   1 
HETATM 869 O O   . HOH B 2 .   ? 11.20889  -6.74408  -2.16725  1.000 21.02310 ?  237 HOH A O   1 
HETATM 870 O O   . HOH B 2 .   ? 8.47918   4.61865   -10.98862 1.000 21.59007 ?  238 HOH A O   1 
HETATM 871 O O   . HOH B 2 .   ? 17.14362  -1.90710  2.18995   1.000 38.83845 ?  239 HOH A O   1 
HETATM 872 O O   . HOH B 2 .   ? -11.41373 -13.62522 0.82214   1.000 35.20525 ?  240 HOH A O   1 
HETATM 873 O O   . HOH B 2 .   ? 1.80570   8.40652   4.88374   1.000 18.06576 ?  241 HOH A O   1 
HETATM 874 O O   . HOH B 2 .   ? -10.02442 -11.05801 -6.89004  1.000 21.97762 ?  242 HOH A O   1 
HETATM 875 O O   . HOH B 2 .   ? -2.45315  8.49748   7.61962   1.000 26.45164 ?  243 HOH A O   1 
HETATM 876 O O   . HOH B 2 .   ? -9.89841  -2.89770  7.76734   1.000 26.06046 ?  244 HOH A O   1 
HETATM 877 O O   . HOH B 2 .   ? -6.77461  20.30655  9.48679   1.000 18.80265 ?  245 HOH A O   1 
HETATM 878 O O   . HOH B 2 .   ? -2.76614  0.73874   -1.15885  1.000 17.21873 ?  246 HOH A O   1 
HETATM 879 O O   . HOH B 2 .   ? -13.02367 -7.13649  -2.66797  1.000 35.38284 ?  247 HOH A O   1 
HETATM 880 O O   . HOH B 2 .   ? 13.36666  6.69534   -10.19806 1.000 23.10368 ?  248 HOH A O   1 
HETATM 881 O O   . HOH B 2 .   ? 4.60588   13.10132  -7.19676  1.000 34.46834 ?  249 HOH A O   1 
HETATM 882 O O   . HOH B 2 .   ? -12.58932 0.51198   -4.97920  1.000 42.93647 ?  250 HOH A O   1 
HETATM 883 O O   . HOH B 2 .   ? 4.04698   -9.34808  4.24621   1.000 26.75127 ?  251 HOH A O   1 
HETATM 884 O O   . HOH B 2 .   ? -6.66507  5.99017   -3.24496  1.000 27.63893 ?  252 HOH A O   1 
HETATM 885 O O   . HOH B 2 .   ? 14.00157  2.74561   4.00507   1.000 31.53100 ?  253 HOH A O   1 
HETATM 886 O O   . HOH B 2 .   ? 8.93363   -2.79896  4.32920   1.000 26.58095 ?  254 HOH A O   1 
HETATM 887 O O   . HOH B 2 .   ? -9.13291  10.81338  -2.65680  1.000 35.39122 ?  255 HOH A O   1 
HETATM 888 O O   . HOH B 2 .   ? 13.70161  0.10888   1.98679   1.000 26.90150 ?  256 HOH A O   1 
HETATM 889 O O   . HOH B 2 .   ? -5.85570  1.10094   10.95745  1.000 30.79219 ?  257 HOH A O   1 
HETATM 890 O O   . HOH B 2 .   ? -2.67196  8.03837   -9.56944  1.000 26.50579 ?  258 HOH A O   1 
HETATM 891 O O   . HOH B 2 .   ? 14.27140  5.21091   4.06443   1.000 35.82301 ?  259 HOH A O   1 
HETATM 892 O O   . HOH B 2 .   ? 5.12327   10.33544  -8.38123  1.000 26.13737 ?  260 HOH A O   1 
HETATM 893 O O   . HOH B 2 .   ? 1.84209   -1.32044  10.74351  1.000 26.87445 ?  261 HOH A O   1 
HETATM 894 O O   . HOH B 2 .   ? -13.90497 6.45716   5.05984   1.000 50.19560 ?  262 HOH A O   1 
HETATM 895 O O   . HOH B 2 .   ? -15.52489 1.15712   5.64875   1.000 45.24690 ?  263 HOH A O   1 
HETATM 896 O O   . HOH B 2 .   ? -12.49609 -11.02357 -2.40661  1.000 26.72548 ?  264 HOH A O   1 
HETATM 897 O O   . HOH B 2 .   ? 11.13094  -1.77317  -4.32951  1.000 14.00242 ?  265 HOH A O   1 
HETATM 898 O O   . HOH B 2 .   ? -8.96205  5.28225   -7.04921  1.000 30.84639 ?  266 HOH A O   1 
HETATM 899 O O   . HOH B 2 .   ? -0.68940  -13.71165 8.55588   1.000 29.93177 ?  267 HOH A O   1 
HETATM 900 O O   . HOH B 2 .   ? -10.44940 -13.05099 -3.98144  1.000 25.98580 ?  268 HOH A O   1 
HETATM 901 O O   . HOH B 2 .   ? 2.76204   -7.47984  6.05967   1.000 31.97154 ?  269 HOH A O   1 
HETATM 902 O O   . HOH B 2 .   ? -2.24645  -6.56208  10.03525  1.000 25.44274 ?  270 HOH A O   1 
HETATM 903 O O   . HOH B 2 .   ? 5.70981   6.39920   9.77504   1.000 35.67916 ?  271 HOH A O   1 
HETATM 904 O O   . HOH B 2 .   ? -9.01375  -27.69001 3.95726   1.000 46.21760 ?  272 HOH A O   1 
HETATM 905 O O   . HOH B 2 .   ? -11.88237 -4.68703  -10.62551 1.000 31.79516 ?  273 HOH A O   1 
HETATM 906 O O   . HOH B 2 .   ? -5.21187  -7.11417  9.58973   1.000 33.55879 ?  274 HOH A O   1 
HETATM 907 O O   . HOH B 2 .   ? 10.45909  6.84977   -10.17767 1.000 32.34346 ?  275 HOH A O   1 
HETATM 908 O O   . HOH B 2 .   ? 1.60398   1.18889   10.84287  1.000 25.12744 ?  276 HOH A O   1 
HETATM 909 O O   . HOH B 2 .   ? -8.99397  8.83298   -5.00747  1.000 42.51345 ?  277 HOH A O   1 
HETATM 910 O O   . HOH B 2 .   ? -0.47236  -2.29423  11.65672  1.000 28.26983 ?  278 HOH A O   1 
HETATM 911 O O   . HOH B 2 .   ? 16.93104  7.18230   -8.29962  1.000 25.70707 ?  279 HOH A O   1 
HETATM 912 O O   . HOH B 2 .   ? 16.94826  4.72296   -4.24120  1.000 28.41266 ?  280 HOH A O   1 
HETATM 913 O O   . HOH B 2 .   ? 2.40040   -17.24408 -4.08637  1.000 38.56123 ?  281 HOH A O   1 
HETATM 914 O O   . HOH B 2 .   ? 6.34739   -3.79438  10.06448  1.000 38.66590 ?  282 HOH A O   1 
HETATM 915 O O   . HOH B 2 .   ? 1.75329   -19.27217 3.85974   1.000 34.78986 ?  283 HOH A O   1 
HETATM 916 O O   . HOH B 2 .   ? 0.20085   9.23314   6.83362   1.000 30.25102 ?  284 HOH A O   1 
HETATM 917 O O   . HOH B 2 .   ? -5.25985  4.99795   -12.11826 1.000 38.39070 ?  285 HOH A O   1 
HETATM 918 O O   . HOH B 2 .   ? -15.31280 2.25185   2.91388   1.000 51.43803 ?  286 HOH A O   1 
HETATM 919 O O   . HOH B 2 .   ? -1.48617  -24.03842 2.74174   1.000 34.72353 ?  287 HOH A O   1 
HETATM 920 O O   . HOH B 2 .   ? -11.08540 1.45083   0.03561   1.000 32.05069 ?  288 HOH A O   1 
HETATM 921 O O   . HOH B 2 .   ? 8.34752   2.41177   9.13146   1.000 28.28133 ?  289 HOH A O   1 
HETATM 922 O O   . HOH B 2 .   ? 3.80475   -12.67943 6.75685   1.000 37.67087 ?  290 HOH A O   1 
HETATM 923 O O   . HOH B 2 .   ? -1.86981  -7.86191  12.51132  1.000 33.93106 ?  291 HOH A O   1 
HETATM 924 O O   . HOH B 2 .   ? 7.74002   -2.45515  8.73395   1.000 31.45778 ?  292 HOH A O   1 
HETATM 925 O O   . HOH B 2 .   ? 8.12689   6.69630   9.31320   1.000 30.76128 ?  293 HOH A O   1 
HETATM 926 O O   . HOH B 2 .   ? 0.06622   -18.72408 6.25112   1.000 36.75291 ?  294 HOH A O   1 
HETATM 927 O O   . HOH B 2 .   ? 3.32114   2.80702   11.31262  1.000 27.80658 ?  295 HOH A O   1 
HETATM 928 O O   . HOH B 2 .   ? 6.67458   14.32267  -6.70760  1.000 33.58053 ?  296 HOH A O   1 
HETATM 929 O O   . HOH B 2 .   ? 4.79811   -15.28528 6.11972   1.000 34.87811 ?  297 HOH A O   1 
HETATM 930 O O   . HOH B 2 .   ? 7.79180   -5.76998  9.99460   1.000 51.10189 ?  298 HOH A O   1 
HETATM 931 O O   . HOH B 2 .   ? 2.39376   5.09539   12.37737  1.000 34.83827 ?  299 HOH A O   1 
HETATM 932 O O   . HOH B 2 .   ? 15.51857  4.92412   6.19095   1.000 44.65169 ?  300 HOH A O   1 
# 
